data_4QIO
# 
_entry.id   4QIO 
# 
_audit_conform.dict_name       mmcif_pdbx.dic 
_audit_conform.dict_version    5.387 
_audit_conform.dict_location   http://mmcif.pdb.org/dictionaries/ascii/mmcif_pdbx.dic 
# 
loop_
_database_2.database_id 
_database_2.database_code 
_database_2.pdbx_database_accession 
_database_2.pdbx_DOI 
PDB   4QIO         pdb_00004qio 10.2210/pdb4qio/pdb 
NDB   NA3040       ?            ?                   
RCSB  RCSB086103   ?            ?                   
WWPDB D_1000086103 ?            ?                   
# 
loop_
_pdbx_audit_revision_history.ordinal 
_pdbx_audit_revision_history.data_content_type 
_pdbx_audit_revision_history.major_revision 
_pdbx_audit_revision_history.minor_revision 
_pdbx_audit_revision_history.revision_date 
1 'Structure model' 1 0 2015-06-03 
2 'Structure model' 1 1 2017-07-19 
3 'Structure model' 1 2 2022-08-24 
4 'Structure model' 1 3 2024-02-28 
# 
_pdbx_audit_revision_details.ordinal             1 
_pdbx_audit_revision_details.revision_ordinal    1 
_pdbx_audit_revision_details.data_content_type   'Structure model' 
_pdbx_audit_revision_details.provider            repository 
_pdbx_audit_revision_details.type                'Initial release' 
_pdbx_audit_revision_details.description         ? 
_pdbx_audit_revision_details.details             ? 
# 
loop_
_pdbx_audit_revision_group.ordinal 
_pdbx_audit_revision_group.revision_ordinal 
_pdbx_audit_revision_group.data_content_type 
_pdbx_audit_revision_group.group 
1 2 'Structure model' Advisory               
2 2 'Structure model' 'Database references'  
3 3 'Structure model' Advisory               
4 3 'Structure model' 'Database references'  
5 3 'Structure model' 'Derived calculations' 
6 4 'Structure model' 'Data collection'      
# 
loop_
_pdbx_audit_revision_category.ordinal 
_pdbx_audit_revision_category.revision_ordinal 
_pdbx_audit_revision_category.data_content_type 
_pdbx_audit_revision_category.category 
1  2 'Structure model' citation                     
2  2 'Structure model' citation_author              
3  2 'Structure model' pdbx_unobs_or_zero_occ_atoms 
4  3 'Structure model' citation                     
5  3 'Structure model' citation_author              
6  3 'Structure model' database_2                   
7  3 'Structure model' pdbx_struct_conn_angle       
8  3 'Structure model' pdbx_unobs_or_zero_occ_atoms 
9  3 'Structure model' struct_conn                  
10 3 'Structure model' struct_site                  
11 4 'Structure model' chem_comp_atom               
12 4 'Structure model' chem_comp_bond               
# 
loop_
_pdbx_audit_revision_item.ordinal 
_pdbx_audit_revision_item.revision_ordinal 
_pdbx_audit_revision_item.data_content_type 
_pdbx_audit_revision_item.item 
1  2 'Structure model' '_citation.country'                           
2  2 'Structure model' '_citation.journal_abbrev'                    
3  2 'Structure model' '_citation.journal_id_CSD'                    
4  2 'Structure model' '_citation.journal_id_ISSN'                   
5  2 'Structure model' '_citation.pdbx_database_id_DOI'              
6  2 'Structure model' '_citation.pdbx_database_id_PubMed'           
7  2 'Structure model' '_citation.title'                             
8  2 'Structure model' '_citation.year'                              
9  2 'Structure model' '_citation_author.name'                       
10 3 'Structure model' '_citation.journal_id_ISSN'                   
11 3 'Structure model' '_citation.journal_volume'                    
12 3 'Structure model' '_citation.page_first'                        
13 3 'Structure model' '_citation.page_last'                         
14 3 'Structure model' '_citation.title'                             
15 3 'Structure model' '_citation_author.identifier_ORCID'           
16 3 'Structure model' '_database_2.pdbx_DOI'                        
17 3 'Structure model' '_database_2.pdbx_database_accession'         
18 3 'Structure model' '_pdbx_struct_conn_angle.ptnr1_auth_comp_id'  
19 3 'Structure model' '_pdbx_struct_conn_angle.ptnr1_auth_seq_id'   
20 3 'Structure model' '_pdbx_struct_conn_angle.ptnr1_label_asym_id' 
21 3 'Structure model' '_pdbx_struct_conn_angle.ptnr1_label_atom_id' 
22 3 'Structure model' '_pdbx_struct_conn_angle.ptnr1_label_comp_id' 
23 3 'Structure model' '_pdbx_struct_conn_angle.ptnr1_label_seq_id'  
24 3 'Structure model' '_pdbx_struct_conn_angle.ptnr3_auth_comp_id'  
25 3 'Structure model' '_pdbx_struct_conn_angle.ptnr3_auth_seq_id'   
26 3 'Structure model' '_pdbx_struct_conn_angle.ptnr3_label_asym_id' 
27 3 'Structure model' '_pdbx_struct_conn_angle.ptnr3_label_atom_id' 
28 3 'Structure model' '_pdbx_struct_conn_angle.ptnr3_label_comp_id' 
29 3 'Structure model' '_pdbx_struct_conn_angle.ptnr3_label_seq_id'  
30 3 'Structure model' '_pdbx_struct_conn_angle.value'               
31 3 'Structure model' '_struct_conn.pdbx_dist_value'                
32 3 'Structure model' '_struct_conn.ptnr1_auth_comp_id'             
33 3 'Structure model' '_struct_conn.ptnr1_auth_seq_id'              
34 3 'Structure model' '_struct_conn.ptnr1_label_asym_id'            
35 3 'Structure model' '_struct_conn.ptnr1_label_atom_id'            
36 3 'Structure model' '_struct_conn.ptnr1_label_comp_id'            
37 3 'Structure model' '_struct_conn.ptnr1_label_seq_id'             
38 3 'Structure model' '_struct_conn.ptnr2_auth_comp_id'             
39 3 'Structure model' '_struct_conn.ptnr2_auth_seq_id'              
40 3 'Structure model' '_struct_conn.ptnr2_label_asym_id'            
41 3 'Structure model' '_struct_conn.ptnr2_label_atom_id'            
42 3 'Structure model' '_struct_conn.ptnr2_label_comp_id'            
43 3 'Structure model' '_struct_site.pdbx_auth_asym_id'              
44 3 'Structure model' '_struct_site.pdbx_auth_comp_id'              
45 3 'Structure model' '_struct_site.pdbx_auth_seq_id'               
# 
_pdbx_database_status.status_code                     REL 
_pdbx_database_status.entry_id                        4QIO 
_pdbx_database_status.recvd_initial_deposition_date   2014-06-01 
_pdbx_database_status.deposit_site                    RCSB 
_pdbx_database_status.process_site                    RCSB 
_pdbx_database_status.status_code_sf                  REL 
_pdbx_database_status.status_code_mr                  ? 
_pdbx_database_status.SG_entry                        ? 
_pdbx_database_status.status_code_cs                  ? 
_pdbx_database_status.methods_development_category    ? 
_pdbx_database_status.pdb_format_compatible           Y 
_pdbx_database_status.status_code_nmr_data            ? 
# 
_pdbx_database_related.db_name        PDB 
_pdbx_database_related.db_id          3QRN 
_pdbx_database_related.details        'Lambda-[Ru(TAP)2(dppz)]2+ bound to d(TCGGCGCCGA) at high resolution' 
_pdbx_database_related.content_type   unspecified 
# 
loop_
_audit_author.name 
_audit_author.pdbx_ordinal 
'Gurung, S.P.' 1 
'Hall, J.P.'   2 
'Cardin, C.J.' 3 
# 
_citation.id                        primary 
_citation.title                     
;Inosine Can Increase DNA's Susceptibility to Photo-oxidation by a Ru II Complex due to Structural Change in the Minor Groove.
;
_citation.journal_abbrev            Chemistry 
_citation.journal_volume            23 
_citation.page_first                10344 
_citation.page_last                 10351 
_citation.year                      2017 
_citation.journal_id_ASTM           ? 
_citation.country                   GE 
_citation.journal_id_ISSN           0947-6539 
_citation.journal_id_CSD            ? 
_citation.book_publisher            ? 
_citation.pdbx_database_id_PubMed   28543779 
_citation.pdbx_database_id_DOI      10.1002/chem.201701447 
# 
loop_
_citation_author.citation_id 
_citation_author.name 
_citation_author.ordinal 
_citation_author.identifier_ORCID 
primary 'Keane, P.M.'      1  0000-0003-2828-8512 
primary 'Hall, J.P.'       2  ?                   
primary 'Poynton, F.E.'    3  ?                   
primary 'Poulsen, B.C.'    4  ?                   
primary 'Gurung, S.P.'     5  ?                   
primary 'Clark, I.P.'      6  ?                   
primary 'Sazanovich, I.V.' 7  ?                   
primary 'Towrie, M.'       8  ?                   
primary 'Gunnlaugsson, T.' 9  0000-0003-4814-6853 
primary 'Quinn, S.J.'      10 0000-0002-7773-8842 
primary 'Cardin, C.J.'     11 0000-0002-2556-9995 
primary 'Kelly, J.M.'      12 0000-0002-3706-1777 
# 
loop_
_entity.id 
_entity.type 
_entity.src_method 
_entity.pdbx_description 
_entity.formula_weight 
_entity.pdbx_number_of_molecules 
_entity.pdbx_ec 
_entity.pdbx_mutation 
_entity.pdbx_fragment 
_entity.details 
1 polymer     syn "5'-D(*TP*CP*GP*GP*CP*GP*CP*CP*IP*A)-3'" 3030.979 1  ? ? ? ? 
2 non-polymer syn 'BARIUM ION'                             137.327  1  ? ? ? ? 
3 non-polymer syn 'Ru(tap)2(dppz) complex'                 747.732  1  ? ? ? ? 
4 non-polymer syn 'CHLORIDE ION'                           35.453   1  ? ? ? ? 
5 water       nat water                                    18.015   80 ? ? ? ? 
# 
_entity_poly.entity_id                      1 
_entity_poly.type                           polydeoxyribonucleotide 
_entity_poly.nstd_linkage                   no 
_entity_poly.nstd_monomer                   no 
_entity_poly.pdbx_seq_one_letter_code       '(DT)(DC)(DG)(DG)(DC)(DG)(DC)(DC)(DI)(DA)' 
_entity_poly.pdbx_seq_one_letter_code_can   TCGGCGCCIA 
_entity_poly.pdbx_strand_id                 A 
_entity_poly.pdbx_target_identifier         ? 
# 
loop_
_pdbx_entity_nonpoly.entity_id 
_pdbx_entity_nonpoly.name 
_pdbx_entity_nonpoly.comp_id 
2 'BARIUM ION'             BA  
3 'Ru(tap)2(dppz) complex' RKL 
4 'CHLORIDE ION'           CL  
5 water                    HOH 
# 
loop_
_entity_poly_seq.entity_id 
_entity_poly_seq.num 
_entity_poly_seq.mon_id 
_entity_poly_seq.hetero 
1 1  DT n 
1 2  DC n 
1 3  DG n 
1 4  DG n 
1 5  DC n 
1 6  DG n 
1 7  DC n 
1 8  DC n 
1 9  DI n 
1 10 DA n 
# 
loop_
_chem_comp.id 
_chem_comp.type 
_chem_comp.mon_nstd_flag 
_chem_comp.name 
_chem_comp.pdbx_synonyms 
_chem_comp.formula 
_chem_comp.formula_weight 
BA  non-polymer   . 'BARIUM ION'                         ? 'Ba 2'             137.327 
CL  non-polymer   . 'CHLORIDE ION'                       ? 'Cl -1'            35.453  
DA  'DNA linking' y "2'-DEOXYADENOSINE-5'-MONOPHOSPHATE" ? 'C10 H14 N5 O6 P'  331.222 
DC  'DNA linking' y "2'-DEOXYCYTIDINE-5'-MONOPHOSPHATE"  ? 'C9 H14 N3 O7 P'   307.197 
DG  'DNA linking' y "2'-DEOXYGUANOSINE-5'-MONOPHOSPHATE" ? 'C10 H14 N5 O7 P'  347.221 
DI  'DNA linking' y "2'-DEOXYINOSINE-5'-MONOPHOSPHATE"   ? 'C10 H13 N4 O7 P'  332.207 
DT  'DNA linking' y "THYMIDINE-5'-MONOPHOSPHATE"         ? 'C10 H15 N2 O8 P'  322.208 
HOH non-polymer   . WATER                                ? 'H2 O'             18.015  
RKL non-polymer   . 'Ru(tap)2(dppz) complex'             ? 'C38 H22 N12 Ru 2' 747.732 
# 
loop_
_pdbx_poly_seq_scheme.asym_id 
_pdbx_poly_seq_scheme.entity_id 
_pdbx_poly_seq_scheme.seq_id 
_pdbx_poly_seq_scheme.mon_id 
_pdbx_poly_seq_scheme.ndb_seq_num 
_pdbx_poly_seq_scheme.pdb_seq_num 
_pdbx_poly_seq_scheme.auth_seq_num 
_pdbx_poly_seq_scheme.pdb_mon_id 
_pdbx_poly_seq_scheme.auth_mon_id 
_pdbx_poly_seq_scheme.pdb_strand_id 
_pdbx_poly_seq_scheme.pdb_ins_code 
_pdbx_poly_seq_scheme.hetero 
A 1 1  DT 1  1  1  DT DT A . n 
A 1 2  DC 2  2  2  DC DC A . n 
A 1 3  DG 3  3  3  DG DG A . n 
A 1 4  DG 4  4  4  DG DG A . n 
A 1 5  DC 5  5  5  DC DC A . n 
A 1 6  DG 6  6  6  DG DG A . n 
A 1 7  DC 7  7  7  DC DC A . n 
A 1 8  DC 8  8  8  DC DC A . n 
A 1 9  DI 9  9  9  DI DI A . n 
A 1 10 DA 10 10 10 DA DA A . n 
# 
loop_
_pdbx_nonpoly_scheme.asym_id 
_pdbx_nonpoly_scheme.entity_id 
_pdbx_nonpoly_scheme.mon_id 
_pdbx_nonpoly_scheme.ndb_seq_num 
_pdbx_nonpoly_scheme.pdb_seq_num 
_pdbx_nonpoly_scheme.auth_seq_num 
_pdbx_nonpoly_scheme.pdb_mon_id 
_pdbx_nonpoly_scheme.auth_mon_id 
_pdbx_nonpoly_scheme.pdb_strand_id 
_pdbx_nonpoly_scheme.pdb_ins_code 
B 2 BA  1  101 12 BA  BA  A . 
C 3 RKL 1  102 2  RKL RKL A . 
D 4 CL  1  103 1  CL  CL  A . 
E 5 HOH 1  201 3  HOH HOH A . 
E 5 HOH 2  202 4  HOH HOH A . 
E 5 HOH 3  203 5  HOH HOH A . 
E 5 HOH 4  204 6  HOH HOH A . 
E 5 HOH 5  205 7  HOH HOH A . 
E 5 HOH 6  206 8  HOH HOH A . 
E 5 HOH 7  207 9  HOH HOH A . 
E 5 HOH 8  208 10 HOH HOH A . 
E 5 HOH 9  209 11 HOH HOH A . 
E 5 HOH 10 210 12 HOH HOH A . 
E 5 HOH 11 211 13 HOH HOH A . 
E 5 HOH 12 212 14 HOH HOH A . 
E 5 HOH 13 213 15 HOH HOH A . 
E 5 HOH 14 214 16 HOH HOH A . 
E 5 HOH 15 215 17 HOH HOH A . 
E 5 HOH 16 216 18 HOH HOH A . 
E 5 HOH 17 217 19 HOH HOH A . 
E 5 HOH 18 218 20 HOH HOH A . 
E 5 HOH 19 219 21 HOH HOH A . 
E 5 HOH 20 220 22 HOH HOH A . 
E 5 HOH 21 221 23 HOH HOH A . 
E 5 HOH 22 222 25 HOH HOH A . 
E 5 HOH 23 223 26 HOH HOH A . 
E 5 HOH 24 224 27 HOH HOH A . 
E 5 HOH 25 225 28 HOH HOH A . 
E 5 HOH 26 226 29 HOH HOH A . 
E 5 HOH 27 227 30 HOH HOH A . 
E 5 HOH 28 228 31 HOH HOH A . 
E 5 HOH 29 229 32 HOH HOH A . 
E 5 HOH 30 230 33 HOH HOH A . 
E 5 HOH 31 231 34 HOH HOH A . 
E 5 HOH 32 232 35 HOH HOH A . 
E 5 HOH 33 233 36 HOH HOH A . 
E 5 HOH 34 234 37 HOH HOH A . 
E 5 HOH 35 235 38 HOH HOH A . 
E 5 HOH 36 236 39 HOH HOH A . 
E 5 HOH 37 237 40 HOH HOH A . 
E 5 HOH 38 238 41 HOH HOH A . 
E 5 HOH 39 239 42 HOH HOH A . 
E 5 HOH 40 240 43 HOH HOH A . 
E 5 HOH 41 241 45 HOH HOH A . 
E 5 HOH 42 242 46 HOH HOH A . 
E 5 HOH 43 243 47 HOH HOH A . 
E 5 HOH 44 244 48 HOH HOH A . 
E 5 HOH 45 245 49 HOH HOH A . 
E 5 HOH 46 246 50 HOH HOH A . 
E 5 HOH 47 247 51 HOH HOH A . 
E 5 HOH 48 248 52 HOH HOH A . 
E 5 HOH 49 249 53 HOH HOH A . 
E 5 HOH 50 250 54 HOH HOH A . 
E 5 HOH 51 251 55 HOH HOH A . 
E 5 HOH 52 252 56 HOH HOH A . 
E 5 HOH 53 253 57 HOH HOH A . 
E 5 HOH 54 254 59 HOH HOH A . 
E 5 HOH 55 255 60 HOH HOH A . 
E 5 HOH 56 256 61 HOH HOH A . 
E 5 HOH 57 257 62 HOH HOH A . 
E 5 HOH 58 258 63 HOH HOH A . 
E 5 HOH 59 259 64 HOH HOH A . 
E 5 HOH 60 260 65 HOH HOH A . 
E 5 HOH 61 261 66 HOH HOH A . 
E 5 HOH 62 262 70 HOH HOH A . 
E 5 HOH 63 263 71 HOH HOH A . 
E 5 HOH 64 264 72 HOH HOH A . 
E 5 HOH 65 265 73 HOH HOH A . 
E 5 HOH 66 266 75 HOH HOH A . 
E 5 HOH 67 267 76 HOH HOH A . 
E 5 HOH 68 268 77 HOH HOH A . 
E 5 HOH 69 269 78 HOH HOH A . 
E 5 HOH 70 270 79 HOH HOH A . 
E 5 HOH 71 271 80 HOH HOH A . 
E 5 HOH 72 272 81 HOH HOH A . 
E 5 HOH 73 273 82 HOH HOH A . 
E 5 HOH 74 274 84 HOH HOH A . 
E 5 HOH 75 275 85 HOH HOH A . 
E 5 HOH 76 276 87 HOH HOH A . 
E 5 HOH 77 277 89 HOH HOH A . 
E 5 HOH 78 278 91 HOH HOH A . 
E 5 HOH 79 279 92 HOH HOH A . 
E 5 HOH 80 280 93 HOH HOH A . 
# 
_pdbx_unobs_or_zero_occ_atoms.id               1 
_pdbx_unobs_or_zero_occ_atoms.PDB_model_num    1 
_pdbx_unobs_or_zero_occ_atoms.polymer_flag     N 
_pdbx_unobs_or_zero_occ_atoms.occupancy_flag   0 
_pdbx_unobs_or_zero_occ_atoms.auth_asym_id     A 
_pdbx_unobs_or_zero_occ_atoms.auth_comp_id     HOH 
_pdbx_unobs_or_zero_occ_atoms.auth_seq_id      255 
_pdbx_unobs_or_zero_occ_atoms.PDB_ins_code     ? 
_pdbx_unobs_or_zero_occ_atoms.auth_atom_id     O 
_pdbx_unobs_or_zero_occ_atoms.label_alt_id     A 
_pdbx_unobs_or_zero_occ_atoms.label_asym_id    E 
_pdbx_unobs_or_zero_occ_atoms.label_comp_id    HOH 
_pdbx_unobs_or_zero_occ_atoms.label_seq_id     ? 
_pdbx_unobs_or_zero_occ_atoms.label_atom_id    O 
# 
loop_
_software.name 
_software.classification 
_software.version 
_software.citation_id 
_software.pdbx_ordinal 
GDA    'data collection' .        ? 1 
PHASER phasing           .        ? 2 
REFMAC refinement        5.8.0071 ? 3 
XDS    'data reduction'  .        ? 4 
SCALA  'data scaling'    .        ? 5 
# 
_cell.entry_id           4QIO 
_cell.length_a           42.160 
_cell.length_b           42.160 
_cell.length_c           39.650 
_cell.angle_alpha        90.00 
_cell.angle_beta         90.00 
_cell.angle_gamma        90.00 
_cell.Z_PDB              8 
_cell.pdbx_unique_axis   ? 
_cell.length_a_esd       ? 
_cell.length_b_esd       ? 
_cell.length_c_esd       ? 
_cell.angle_alpha_esd    ? 
_cell.angle_beta_esd     ? 
_cell.angle_gamma_esd    ? 
# 
_symmetry.entry_id                         4QIO 
_symmetry.space_group_name_H-M             'P 43 21 2' 
_symmetry.pdbx_full_space_group_name_H-M   ? 
_symmetry.cell_setting                     ? 
_symmetry.Int_Tables_number                96 
_symmetry.space_group_name_Hall            ? 
# 
_exptl.entry_id          4QIO 
_exptl.method            'X-RAY DIFFRACTION' 
_exptl.crystals_number   1 
# 
_exptl_crystal.id                    1 
_exptl_crystal.density_meas          ? 
_exptl_crystal.density_Matthews      2.91 
_exptl_crystal.density_percent_sol   57.68 
_exptl_crystal.description           ? 
_exptl_crystal.F_000                 ? 
_exptl_crystal.preparation           ? 
# 
_exptl_crystal_grow.crystal_id      1 
_exptl_crystal_grow.method          'VAPOR DIFFUSION, SITTING DROP' 
_exptl_crystal_grow.temp            291 
_exptl_crystal_grow.temp_details    ? 
_exptl_crystal_grow.pH              7.0 
_exptl_crystal_grow.pdbx_details    
;1 uL 1 mM d(TCGGCGCCIA)2 + 1 uL 4 mM rac-Ru(TAP)2(dppz).2Cl + 6uL 40 mM sodium cacodylate, 12 mM spermine, 10% MPD, 20 mM barium chloride, 80 mM potassium chloride equilibrated against 1 mL 35% MPD, pH 7.0, VAPOR DIFFUSION, SITTING DROP, temperature 291K
;
_exptl_crystal_grow.pdbx_pH_range   ? 
# 
_diffrn.id                     1 
_diffrn.ambient_temp           100 
_diffrn.ambient_temp_details   ? 
_diffrn.crystal_id             1 
# 
_diffrn_detector.diffrn_id              1 
_diffrn_detector.detector               PIXEL 
_diffrn_detector.type                   'DECTRIS PILATUS 6M' 
_diffrn_detector.pdbx_collection_date   2014-02-17 
_diffrn_detector.details                ? 
# 
_diffrn_radiation.diffrn_id                        1 
_diffrn_radiation.wavelength_id                    1 
_diffrn_radiation.pdbx_monochromatic_or_laue_m_l   M 
_diffrn_radiation.monochromator                    'double crystal Si(111)' 
_diffrn_radiation.pdbx_diffrn_protocol             'SINGLE WAVELENGTH' 
_diffrn_radiation.pdbx_scattering_type             x-ray 
# 
_diffrn_radiation_wavelength.id           1 
_diffrn_radiation_wavelength.wavelength   0.82565 
_diffrn_radiation_wavelength.wt           1.0 
# 
_diffrn_source.diffrn_id                   1 
_diffrn_source.source                      SYNCHROTRON 
_diffrn_source.type                        'DIAMOND BEAMLINE I02' 
_diffrn_source.pdbx_synchrotron_site       Diamond 
_diffrn_source.pdbx_synchrotron_beamline   I02 
_diffrn_source.pdbx_wavelength             ? 
_diffrn_source.pdbx_wavelength_list        0.82565 
# 
_reflns.entry_id                     4QIO 
_reflns.observed_criterion_sigma_I   -3 
_reflns.observed_criterion_sigma_F   ? 
_reflns.d_resolution_low             23.828 
_reflns.d_resolution_high            0.95 
_reflns.number_obs                   22994 
_reflns.number_all                   22994 
_reflns.percent_possible_obs         99.5 
_reflns.pdbx_Rmerge_I_obs            ? 
_reflns.pdbx_Rsym_value              ? 
_reflns.pdbx_netI_over_sigmaI        ? 
_reflns.B_iso_Wilson_estimate        ? 
_reflns.pdbx_redundancy              ? 
_reflns.R_free_details               ? 
_reflns.limit_h_max                  ? 
_reflns.limit_h_min                  ? 
_reflns.limit_k_max                  ? 
_reflns.limit_k_min                  ? 
_reflns.limit_l_max                  ? 
_reflns.limit_l_min                  ? 
_reflns.observed_criterion_F_max     ? 
_reflns.observed_criterion_F_min     ? 
_reflns.pdbx_chi_squared             ? 
_reflns.pdbx_scaling_rejects         ? 
_reflns.pdbx_ordinal                 1 
_reflns.pdbx_diffrn_id               1 
# 
_reflns_shell.d_res_high             0.95 
_reflns_shell.d_res_low              0.97 
_reflns_shell.percent_possible_all   98.9 
_reflns_shell.Rmerge_I_obs           ? 
_reflns_shell.pdbx_Rsym_value        ? 
_reflns_shell.meanI_over_sigI_obs    ? 
_reflns_shell.pdbx_redundancy        ? 
_reflns_shell.percent_possible_obs   ? 
_reflns_shell.number_unique_all      ? 
_reflns_shell.number_measured_all    ? 
_reflns_shell.number_measured_obs    ? 
_reflns_shell.number_unique_obs      ? 
_reflns_shell.pdbx_chi_squared       ? 
_reflns_shell.pdbx_ordinal           1 
_reflns_shell.pdbx_diffrn_id         1 
# 
_refine.entry_id                                 4QIO 
_refine.ls_number_reflns_obs                     21791 
_refine.ls_number_reflns_all                     21791 
_refine.pdbx_ls_sigma_I                          ? 
_refine.pdbx_ls_sigma_F                          ? 
_refine.pdbx_data_cutoff_high_absF               ? 
_refine.pdbx_data_cutoff_low_absF                ? 
_refine.pdbx_data_cutoff_high_rms_absF           ? 
_refine.ls_d_res_low                             23.828 
_refine.ls_d_res_high                            0.95 
_refine.ls_percent_reflns_obs                    99.29 
_refine.ls_R_factor_obs                          0.09655 
_refine.ls_R_factor_all                          ? 
_refine.ls_R_factor_R_work                       0.09538 
_refine.ls_R_factor_R_free                       0.11928 
_refine.ls_R_factor_R_free_error                 ? 
_refine.ls_R_factor_R_free_error_details         ? 
_refine.ls_percent_reflns_R_free                 5.1 
_refine.ls_number_reflns_R_free                  1179 
_refine.ls_number_parameters                     ? 
_refine.ls_number_restraints                     ? 
_refine.occupancy_min                            ? 
_refine.occupancy_max                            ? 
_refine.correlation_coeff_Fo_to_Fc               0.988 
_refine.correlation_coeff_Fo_to_Fc_free          0.982 
_refine.B_iso_mean                               15.591 
_refine.aniso_B[1][1]                            -0.26 
_refine.aniso_B[2][2]                            -0.26 
_refine.aniso_B[3][3]                            0.52 
_refine.aniso_B[1][2]                            0.00 
_refine.aniso_B[1][3]                            0.00 
_refine.aniso_B[2][3]                            -0.00 
_refine.solvent_model_details                    MASK 
_refine.solvent_model_param_ksol                 ? 
_refine.solvent_model_param_bsol                 ? 
_refine.pdbx_solvent_vdw_probe_radii             1.20 
_refine.pdbx_solvent_ion_probe_radii             0.80 
_refine.pdbx_solvent_shrinkage_radii             0.80 
_refine.pdbx_ls_cross_valid_method               THROUGHOUT 
_refine.details                                  'HYDROGENS HAVE BEEN ADDED IN THE RIDING POSITIONS' 
_refine.pdbx_starting_model                      ? 
_refine.pdbx_method_to_determine_struct          'PDB ENTRY 3QRN' 
_refine.pdbx_isotropic_thermal_model             ? 
_refine.pdbx_stereochemistry_target_values       'MAXIMUM LIKELIHOOD' 
_refine.pdbx_stereochem_target_val_spec_case     ? 
_refine.pdbx_R_Free_selection_details            RANDOM 
_refine.pdbx_overall_ESU_R                       0.013 
_refine.pdbx_overall_ESU_R_Free                  0.015 
_refine.overall_SU_ML                            0.009 
_refine.pdbx_overall_phase_error                 ? 
_refine.overall_SU_B                             0.385 
_refine.overall_SU_R_Cruickshank_DPI             ? 
_refine.ls_redundancy_reflns_obs                 ? 
_refine.B_iso_min                                ? 
_refine.B_iso_max                                ? 
_refine.overall_SU_R_free                        ? 
_refine.ls_wR_factor_R_free                      ? 
_refine.ls_wR_factor_R_work                      ? 
_refine.overall_FOM_free_R_set                   ? 
_refine.overall_FOM_work_R_set                   ? 
_refine.pdbx_diffrn_id                           1 
_refine.pdbx_refine_id                           'X-RAY DIFFRACTION' 
_refine.pdbx_TLS_residual_ADP_flag               ? 
_refine.pdbx_overall_SU_R_free_Cruickshank_DPI   ? 
_refine.pdbx_overall_SU_R_Blow_DPI               ? 
_refine.pdbx_overall_SU_R_free_Blow_DPI          ? 
# 
_refine_hist.pdbx_refine_id                   'X-RAY DIFFRACTION' 
_refine_hist.cycle_id                         LAST 
_refine_hist.pdbx_number_atoms_protein        0 
_refine_hist.pdbx_number_atoms_nucleic_acid   201 
_refine_hist.pdbx_number_atoms_ligand         53 
_refine_hist.number_atoms_solvent             80 
_refine_hist.number_atoms_total               334 
_refine_hist.d_res_high                       0.95 
_refine_hist.d_res_low                        23.828 
# 
loop_
_refine_ls_restr.type 
_refine_ls_restr.dev_ideal 
_refine_ls_restr.dev_ideal_target 
_refine_ls_restr.weight 
_refine_ls_restr.number 
_refine_ls_restr.pdbx_restraint_function 
_refine_ls_restr.pdbx_refine_id 
r_bond_refined_d             0.021  0.014  ? 337 ? 'X-RAY DIFFRACTION' 
r_bond_other_d               0.002  0.020  ? 156 ? 'X-RAY DIFFRACTION' 
r_angle_refined_deg          3.084  1.773  ? 528 ? 'X-RAY DIFFRACTION' 
r_angle_other_deg            1.570  3.000  ? 360 ? 'X-RAY DIFFRACTION' 
r_dihedral_angle_1_deg       ?      ?      ? ?   ? 'X-RAY DIFFRACTION' 
r_dihedral_angle_2_deg       ?      ?      ? ?   ? 'X-RAY DIFFRACTION' 
r_dihedral_angle_3_deg       ?      ?      ? ?   ? 'X-RAY DIFFRACTION' 
r_dihedral_angle_4_deg       ?      ?      ? ?   ? 'X-RAY DIFFRACTION' 
r_chiral_restr               0.096  0.200  ? 36  ? 'X-RAY DIFFRACTION' 
r_gen_planes_refined         0.039  0.020  ? 197 ? 'X-RAY DIFFRACTION' 
r_gen_planes_other           0.008  0.020  ? 84  ? 'X-RAY DIFFRACTION' 
r_nbd_refined                ?      ?      ? ?   ? 'X-RAY DIFFRACTION' 
r_nbd_other                  ?      ?      ? ?   ? 'X-RAY DIFFRACTION' 
r_nbtor_refined              ?      ?      ? ?   ? 'X-RAY DIFFRACTION' 
r_nbtor_other                ?      ?      ? ?   ? 'X-RAY DIFFRACTION' 
r_xyhbond_nbd_refined        ?      ?      ? ?   ? 'X-RAY DIFFRACTION' 
r_xyhbond_nbd_other          ?      ?      ? ?   ? 'X-RAY DIFFRACTION' 
r_metal_ion_refined          ?      ?      ? ?   ? 'X-RAY DIFFRACTION' 
r_metal_ion_other            ?      ?      ? ?   ? 'X-RAY DIFFRACTION' 
r_symmetry_vdw_refined       ?      ?      ? ?   ? 'X-RAY DIFFRACTION' 
r_symmetry_vdw_other         ?      ?      ? ?   ? 'X-RAY DIFFRACTION' 
r_symmetry_hbond_refined     ?      ?      ? ?   ? 'X-RAY DIFFRACTION' 
r_symmetry_hbond_other       ?      ?      ? ?   ? 'X-RAY DIFFRACTION' 
r_symmetry_metal_ion_refined ?      ?      ? ?   ? 'X-RAY DIFFRACTION' 
r_symmetry_metal_ion_other   ?      ?      ? ?   ? 'X-RAY DIFFRACTION' 
r_mcbond_it                  ?      ?      ? ?   ? 'X-RAY DIFFRACTION' 
r_mcbond_other               ?      ?      ? ?   ? 'X-RAY DIFFRACTION' 
r_mcangle_it                 ?      ?      ? ?   ? 'X-RAY DIFFRACTION' 
r_mcangle_other              ?      ?      ? ?   ? 'X-RAY DIFFRACTION' 
r_scbond_it                  2.583  1.355  ? 337 ? 'X-RAY DIFFRACTION' 
r_scbond_other               2.579  1.355  ? 338 ? 'X-RAY DIFFRACTION' 
r_scangle_it                 ?      ?      ? ?   ? 'X-RAY DIFFRACTION' 
r_scangle_other              3.555  2.011  ? 529 ? 'X-RAY DIFFRACTION' 
r_long_range_B_refined       4.599  14.783 ? 750 ? 'X-RAY DIFFRACTION' 
r_long_range_B_other         3.833  14.136 ? 705 ? 'X-RAY DIFFRACTION' 
r_rigid_bond_restr           9.069  3.000  ? 492 ? 'X-RAY DIFFRACTION' 
r_sphericity_free            20.959 5.000  ? 9   ? 'X-RAY DIFFRACTION' 
r_sphericity_bonded          15.046 5.000  ? 525 ? 'X-RAY DIFFRACTION' 
# 
_refine_ls_shell.pdbx_total_number_of_bins_used   20 
_refine_ls_shell.d_res_high                       0.950 
_refine_ls_shell.d_res_low                        0.975 
_refine_ls_shell.number_reflns_R_work             1578 
_refine_ls_shell.R_factor_R_work                  0.175 
_refine_ls_shell.percent_reflns_obs               98.58 
_refine_ls_shell.R_factor_R_free                  0.182 
_refine_ls_shell.R_factor_R_free_error            ? 
_refine_ls_shell.percent_reflns_R_free            ? 
_refine_ls_shell.number_reflns_R_free             84 
_refine_ls_shell.number_reflns_all                ? 
_refine_ls_shell.R_factor_all                     ? 
_refine_ls_shell.number_reflns_obs                ? 
_refine_ls_shell.redundancy_reflns_obs            ? 
_refine_ls_shell.pdbx_refine_id                   'X-RAY DIFFRACTION' 
# 
_struct.entry_id                  4QIO 
_struct.title                     'Lambda-[Ru(TAP)2(dppz)]2+ bound to d(TCGGCGCCIA) at high resolution' 
_struct.pdbx_model_details        ? 
_struct.pdbx_CASP_flag            ? 
_struct.pdbx_model_type_details   ? 
# 
_struct_keywords.entry_id        4QIO 
_struct_keywords.pdbx_keywords   DNA 
_struct_keywords.text            'intercalation, ruthenium complex, inosine, DNA' 
# 
loop_
_struct_asym.id 
_struct_asym.pdbx_blank_PDB_chainid_flag 
_struct_asym.pdbx_modified 
_struct_asym.entity_id 
_struct_asym.details 
A N N 1 ? 
B N N 2 ? 
C N N 3 ? 
D N N 4 ? 
E N N 5 ? 
# 
_struct_ref.id                         1 
_struct_ref.db_name                    PDB 
_struct_ref.db_code                    4QIO 
_struct_ref.pdbx_db_accession          4QIO 
_struct_ref.entity_id                  1 
_struct_ref.pdbx_align_begin           1 
_struct_ref.pdbx_seq_one_letter_code   TCGGCGCCIA 
_struct_ref.pdbx_db_isoform            ? 
# 
_struct_ref_seq.align_id                      1 
_struct_ref_seq.ref_id                        1 
_struct_ref_seq.pdbx_PDB_id_code              4QIO 
_struct_ref_seq.pdbx_strand_id                A 
_struct_ref_seq.seq_align_beg                 1 
_struct_ref_seq.pdbx_seq_align_beg_ins_code   ? 
_struct_ref_seq.seq_align_end                 10 
_struct_ref_seq.pdbx_seq_align_end_ins_code   ? 
_struct_ref_seq.pdbx_db_accession             4QIO 
_struct_ref_seq.db_align_beg                  1 
_struct_ref_seq.pdbx_db_align_beg_ins_code    ? 
_struct_ref_seq.db_align_end                  10 
_struct_ref_seq.pdbx_db_align_end_ins_code    ? 
_struct_ref_seq.pdbx_auth_seq_align_beg       1 
_struct_ref_seq.pdbx_auth_seq_align_end       10 
# 
_pdbx_struct_assembly.id                   1 
_pdbx_struct_assembly.details              author_and_software_defined_assembly 
_pdbx_struct_assembly.method_details       PISA 
_pdbx_struct_assembly.oligomeric_details   dimeric 
_pdbx_struct_assembly.oligomeric_count     2 
# 
loop_
_pdbx_struct_assembly_prop.biol_id 
_pdbx_struct_assembly_prop.type 
_pdbx_struct_assembly_prop.value 
_pdbx_struct_assembly_prop.details 
1 'ABSA (A^2)' 2130 ? 
1 MORE         -38  ? 
1 'SSA (A^2)'  4570 ? 
# 
_pdbx_struct_assembly_gen.assembly_id       1 
_pdbx_struct_assembly_gen.oper_expression   1,2 
_pdbx_struct_assembly_gen.asym_id_list      A,B,C,D,E 
# 
loop_
_pdbx_struct_oper_list.id 
_pdbx_struct_oper_list.type 
_pdbx_struct_oper_list.name 
_pdbx_struct_oper_list.symmetry_operation 
_pdbx_struct_oper_list.matrix[1][1] 
_pdbx_struct_oper_list.matrix[1][2] 
_pdbx_struct_oper_list.matrix[1][3] 
_pdbx_struct_oper_list.vector[1] 
_pdbx_struct_oper_list.matrix[2][1] 
_pdbx_struct_oper_list.matrix[2][2] 
_pdbx_struct_oper_list.matrix[2][3] 
_pdbx_struct_oper_list.vector[2] 
_pdbx_struct_oper_list.matrix[3][1] 
_pdbx_struct_oper_list.matrix[3][2] 
_pdbx_struct_oper_list.matrix[3][3] 
_pdbx_struct_oper_list.vector[3] 
1 'identity operation'         1_555 x,y,z  1.0000000000  0.0000000000  0.0000000000 0.0000000000 0.0000000000  1.0000000000  0.0000000000  0.0000000000  0.0000000000 0.0000000000  1.0000000000 0.0000000000  
2 'crystal symmetry operation' 7_555 y,x,-z -0.6499078842 -0.1982251416 0.7337073908 6.0078663111 -0.1982251416 -0.8877632343 -0.4154313818 -9.3279881477 0.7337073908 -0.4154313818 0.5376711186 -5.3868183000 
# 
_struct_biol.id        1 
_struct_biol.details   ? 
# 
loop_
_struct_conn.id 
_struct_conn.conn_type_id 
_struct_conn.pdbx_leaving_atom_flag 
_struct_conn.pdbx_PDB_id 
_struct_conn.ptnr1_label_asym_id 
_struct_conn.ptnr1_label_comp_id 
_struct_conn.ptnr1_label_seq_id 
_struct_conn.ptnr1_label_atom_id 
_struct_conn.pdbx_ptnr1_label_alt_id 
_struct_conn.pdbx_ptnr1_PDB_ins_code 
_struct_conn.pdbx_ptnr1_standard_comp_id 
_struct_conn.ptnr1_symmetry 
_struct_conn.ptnr2_label_asym_id 
_struct_conn.ptnr2_label_comp_id 
_struct_conn.ptnr2_label_seq_id 
_struct_conn.ptnr2_label_atom_id 
_struct_conn.pdbx_ptnr2_label_alt_id 
_struct_conn.pdbx_ptnr2_PDB_ins_code 
_struct_conn.ptnr1_auth_asym_id 
_struct_conn.ptnr1_auth_comp_id 
_struct_conn.ptnr1_auth_seq_id 
_struct_conn.ptnr2_auth_asym_id 
_struct_conn.ptnr2_auth_comp_id 
_struct_conn.ptnr2_auth_seq_id 
_struct_conn.ptnr2_symmetry 
_struct_conn.pdbx_ptnr3_label_atom_id 
_struct_conn.pdbx_ptnr3_label_seq_id 
_struct_conn.pdbx_ptnr3_label_comp_id 
_struct_conn.pdbx_ptnr3_label_asym_id 
_struct_conn.pdbx_ptnr3_label_alt_id 
_struct_conn.pdbx_ptnr3_PDB_ins_code 
_struct_conn.details 
_struct_conn.pdbx_dist_value 
_struct_conn.pdbx_value_order 
_struct_conn.pdbx_role 
metalc1  metalc ? ? A DG 4 O6 ? ? ? 1_555 B BA  . BA ? ? A DG 4   A BA  101 1_555 ? ? ? ? ? ? ?            2.851 ? ? 
metalc2  metalc ? ? B BA . BA ? ? ? 1_555 E HOH . O  ? ? A BA 101 A HOH 201 1_555 ? ? ? ? ? ? ?            2.794 ? ? 
metalc3  metalc ? ? B BA . BA ? ? ? 1_555 E HOH . O  ? ? A BA 101 A HOH 202 1_555 ? ? ? ? ? ? ?            2.782 ? ? 
metalc4  metalc ? ? B BA . BA ? ? ? 1_555 E HOH . O  ? ? A BA 101 A HOH 203 1_555 ? ? ? ? ? ? ?            2.776 ? ? 
metalc5  metalc ? ? B BA . BA ? ? ? 1_555 E HOH . O  ? ? A BA 101 A HOH 204 1_555 ? ? ? ? ? ? ?            2.829 ? ? 
metalc6  metalc ? ? B BA . BA ? ? ? 1_555 E HOH . O  ? ? A BA 101 A HOH 211 1_555 ? ? ? ? ? ? ?            2.851 ? ? 
metalc7  metalc ? ? B BA . BA ? ? ? 1_555 E HOH . O  ? ? A BA 101 A HOH 279 1_555 ? ? ? ? ? ? ?            2.786 ? ? 
hydrog1  hydrog ? ? A DC 2 N4 ? ? ? 1_555 A DI  9 O6 A ? A DC 2   A DI  9   7_555 ? ? ? ? ? ? 'DC-DI PAIR' ?     ? ? 
hydrog2  hydrog ? ? A DG 3 N1 ? ? ? 1_555 A DC  8 N3 ? ? A DG 3   A DC  8   7_555 ? ? ? ? ? ? WATSON-CRICK ?     ? ? 
hydrog3  hydrog ? ? A DG 3 N2 ? ? ? 1_555 A DC  8 O2 ? ? A DG 3   A DC  8   7_555 ? ? ? ? ? ? WATSON-CRICK ?     ? ? 
hydrog4  hydrog ? ? A DG 3 O6 ? ? ? 1_555 A DC  8 N4 ? ? A DG 3   A DC  8   7_555 ? ? ? ? ? ? WATSON-CRICK ?     ? ? 
hydrog5  hydrog ? ? A DG 4 N1 ? ? ? 1_555 A DC  7 N3 ? ? A DG 4   A DC  7   7_555 ? ? ? ? ? ? WATSON-CRICK ?     ? ? 
hydrog6  hydrog ? ? A DG 4 N2 ? ? ? 1_555 A DC  7 O2 ? ? A DG 4   A DC  7   7_555 ? ? ? ? ? ? WATSON-CRICK ?     ? ? 
hydrog7  hydrog ? ? A DG 4 O6 ? ? ? 1_555 A DC  7 N4 ? ? A DG 4   A DC  7   7_555 ? ? ? ? ? ? WATSON-CRICK ?     ? ? 
hydrog8  hydrog ? ? A DC 5 N3 ? ? ? 1_555 A DG  6 N1 ? ? A DC 5   A DG  6   7_555 ? ? ? ? ? ? WATSON-CRICK ?     ? ? 
hydrog9  hydrog ? ? A DC 5 N4 ? ? ? 1_555 A DG  6 O6 ? ? A DC 5   A DG  6   7_555 ? ? ? ? ? ? WATSON-CRICK ?     ? ? 
hydrog10 hydrog ? ? A DC 5 O2 ? ? ? 1_555 A DG  6 N2 ? ? A DC 5   A DG  6   7_555 ? ? ? ? ? ? WATSON-CRICK ?     ? ? 
hydrog11 hydrog ? ? A DG 6 N1 ? ? ? 1_555 A DC  5 N3 ? ? A DG 6   A DC  5   7_555 ? ? ? ? ? ? WATSON-CRICK ?     ? ? 
hydrog12 hydrog ? ? A DG 6 N2 ? ? ? 1_555 A DC  5 O2 ? ? A DG 6   A DC  5   7_555 ? ? ? ? ? ? WATSON-CRICK ?     ? ? 
hydrog13 hydrog ? ? A DG 6 O6 ? ? ? 1_555 A DC  5 N4 ? ? A DG 6   A DC  5   7_555 ? ? ? ? ? ? WATSON-CRICK ?     ? ? 
hydrog14 hydrog ? ? A DC 7 N3 ? ? ? 1_555 A DG  4 N1 ? ? A DC 7   A DG  4   7_555 ? ? ? ? ? ? WATSON-CRICK ?     ? ? 
hydrog15 hydrog ? ? A DC 7 N4 ? ? ? 1_555 A DG  4 O6 ? ? A DC 7   A DG  4   7_555 ? ? ? ? ? ? WATSON-CRICK ?     ? ? 
hydrog16 hydrog ? ? A DC 7 O2 ? ? ? 1_555 A DG  4 N2 ? ? A DC 7   A DG  4   7_555 ? ? ? ? ? ? WATSON-CRICK ?     ? ? 
hydrog17 hydrog ? ? A DC 8 N3 ? ? ? 1_555 A DG  3 N1 ? ? A DC 8   A DG  3   7_555 ? ? ? ? ? ? WATSON-CRICK ?     ? ? 
hydrog18 hydrog ? ? A DC 8 N4 ? ? ? 1_555 A DG  3 O6 ? ? A DC 8   A DG  3   7_555 ? ? ? ? ? ? WATSON-CRICK ?     ? ? 
hydrog19 hydrog ? ? A DC 8 O2 ? ? ? 1_555 A DG  3 N2 ? ? A DC 8   A DG  3   7_555 ? ? ? ? ? ? WATSON-CRICK ?     ? ? 
hydrog20 hydrog ? ? A DI 9 N1 A ? ? 1_555 A DC  2 O2 ? ? A DI 9   A DC  2   7_555 ? ? ? ? ? ? 'DI-DC PAIR' ?     ? ? 
# 
loop_
_struct_conn_type.id 
_struct_conn_type.criteria 
_struct_conn_type.reference 
metalc ? ? 
hydrog ? ? 
# 
loop_
_pdbx_struct_conn_angle.id 
_pdbx_struct_conn_angle.ptnr1_label_atom_id 
_pdbx_struct_conn_angle.ptnr1_label_alt_id 
_pdbx_struct_conn_angle.ptnr1_label_asym_id 
_pdbx_struct_conn_angle.ptnr1_label_comp_id 
_pdbx_struct_conn_angle.ptnr1_label_seq_id 
_pdbx_struct_conn_angle.ptnr1_auth_atom_id 
_pdbx_struct_conn_angle.ptnr1_auth_asym_id 
_pdbx_struct_conn_angle.ptnr1_auth_comp_id 
_pdbx_struct_conn_angle.ptnr1_auth_seq_id 
_pdbx_struct_conn_angle.ptnr1_PDB_ins_code 
_pdbx_struct_conn_angle.ptnr1_symmetry 
_pdbx_struct_conn_angle.ptnr2_label_atom_id 
_pdbx_struct_conn_angle.ptnr2_label_alt_id 
_pdbx_struct_conn_angle.ptnr2_label_asym_id 
_pdbx_struct_conn_angle.ptnr2_label_comp_id 
_pdbx_struct_conn_angle.ptnr2_label_seq_id 
_pdbx_struct_conn_angle.ptnr2_auth_atom_id 
_pdbx_struct_conn_angle.ptnr2_auth_asym_id 
_pdbx_struct_conn_angle.ptnr2_auth_comp_id 
_pdbx_struct_conn_angle.ptnr2_auth_seq_id 
_pdbx_struct_conn_angle.ptnr2_PDB_ins_code 
_pdbx_struct_conn_angle.ptnr2_symmetry 
_pdbx_struct_conn_angle.ptnr3_label_atom_id 
_pdbx_struct_conn_angle.ptnr3_label_alt_id 
_pdbx_struct_conn_angle.ptnr3_label_asym_id 
_pdbx_struct_conn_angle.ptnr3_label_comp_id 
_pdbx_struct_conn_angle.ptnr3_label_seq_id 
_pdbx_struct_conn_angle.ptnr3_auth_atom_id 
_pdbx_struct_conn_angle.ptnr3_auth_asym_id 
_pdbx_struct_conn_angle.ptnr3_auth_comp_id 
_pdbx_struct_conn_angle.ptnr3_auth_seq_id 
_pdbx_struct_conn_angle.ptnr3_PDB_ins_code 
_pdbx_struct_conn_angle.ptnr3_symmetry 
_pdbx_struct_conn_angle.value 
_pdbx_struct_conn_angle.value_esd 
1  O6 ? A DG  4 ? A DG  4   ? 1_555 BA ? B BA . ? A BA 101 ? 1_555 O ? E HOH . ? A HOH 201 ? 1_555 138.9 ? 
2  O6 ? A DG  4 ? A DG  4   ? 1_555 BA ? B BA . ? A BA 101 ? 1_555 O ? E HOH . ? A HOH 202 ? 1_555 126.7 ? 
3  O  ? E HOH . ? A HOH 201 ? 1_555 BA ? B BA . ? A BA 101 ? 1_555 O ? E HOH . ? A HOH 202 ? 1_555 67.0  ? 
4  O6 ? A DG  4 ? A DG  4   ? 1_555 BA ? B BA . ? A BA 101 ? 1_555 O ? E HOH . ? A HOH 203 ? 1_555 70.5  ? 
5  O  ? E HOH . ? A HOH 201 ? 1_555 BA ? B BA . ? A BA 101 ? 1_555 O ? E HOH . ? A HOH 203 ? 1_555 78.3  ? 
6  O  ? E HOH . ? A HOH 202 ? 1_555 BA ? B BA . ? A BA 101 ? 1_555 O ? E HOH . ? A HOH 203 ? 1_555 140.6 ? 
7  O6 ? A DG  4 ? A DG  4   ? 1_555 BA ? B BA . ? A BA 101 ? 1_555 O ? E HOH . ? A HOH 204 ? 1_555 64.0  ? 
8  O  ? E HOH . ? A HOH 201 ? 1_555 BA ? B BA . ? A BA 101 ? 1_555 O ? E HOH . ? A HOH 204 ? 1_555 137.6 ? 
9  O  ? E HOH . ? A HOH 202 ? 1_555 BA ? B BA . ? A BA 101 ? 1_555 O ? E HOH . ? A HOH 204 ? 1_555 136.2 ? 
10 O  ? E HOH . ? A HOH 203 ? 1_555 BA ? B BA . ? A BA 101 ? 1_555 O ? E HOH . ? A HOH 204 ? 1_555 82.5  ? 
11 O6 ? A DG  4 ? A DG  4   ? 1_555 BA ? B BA . ? A BA 101 ? 1_555 O ? E HOH . ? A HOH 211 ? 1_555 123.5 ? 
12 O  ? E HOH . ? A HOH 201 ? 1_555 BA ? B BA . ? A BA 101 ? 1_555 O ? E HOH . ? A HOH 211 ? 1_555 70.7  ? 
13 O  ? E HOH . ? A HOH 202 ? 1_555 BA ? B BA . ? A BA 101 ? 1_555 O ? E HOH . ? A HOH 211 ? 1_555 108.3 ? 
14 O  ? E HOH . ? A HOH 203 ? 1_555 BA ? B BA . ? A BA 101 ? 1_555 O ? E HOH . ? A HOH 211 ? 1_555 75.4  ? 
15 O  ? E HOH . ? A HOH 204 ? 1_555 BA ? B BA . ? A BA 101 ? 1_555 O ? E HOH . ? A HOH 211 ? 1_555 68.1  ? 
16 O6 ? A DG  4 ? A DG  4   ? 1_555 BA ? B BA . ? A BA 101 ? 1_555 O ? E HOH . ? A HOH 279 ? 1_555 109.5 ? 
17 O  ? E HOH . ? A HOH 201 ? 1_555 BA ? B BA . ? A BA 101 ? 1_555 O ? E HOH . ? A HOH 279 ? 1_555 111.1 ? 
18 O  ? E HOH . ? A HOH 202 ? 1_555 BA ? B BA . ? A BA 101 ? 1_555 O ? E HOH . ? A HOH 279 ? 1_555 65.8  ? 
19 O  ? E HOH . ? A HOH 203 ? 1_555 BA ? B BA . ? A BA 101 ? 1_555 O ? E HOH . ? A HOH 279 ? 1_555 148.9 ? 
20 O  ? E HOH . ? A HOH 204 ? 1_555 BA ? B BA . ? A BA 101 ? 1_555 O ? E HOH . ? A HOH 279 ? 1_555 70.8  ? 
21 O  ? E HOH . ? A HOH 211 ? 1_555 BA ? B BA . ? A BA 101 ? 1_555 O ? E HOH . ? A HOH 279 ? 1_555 79.9  ? 
# 
loop_
_struct_site.id 
_struct_site.pdbx_evidence_code 
_struct_site.pdbx_auth_asym_id 
_struct_site.pdbx_auth_comp_id 
_struct_site.pdbx_auth_seq_id 
_struct_site.pdbx_auth_ins_code 
_struct_site.pdbx_num_residues 
_struct_site.details 
AC1 Software A BA  101 ? 8  'BINDING SITE FOR RESIDUE BA A 101'  
AC2 Software A RKL 102 ? 15 'BINDING SITE FOR RESIDUE RKL A 102' 
AC3 Software A CL  103 ? 4  'BINDING SITE FOR RESIDUE CL A 103'  
# 
loop_
_struct_site_gen.id 
_struct_site_gen.site_id 
_struct_site_gen.pdbx_num_res 
_struct_site_gen.label_comp_id 
_struct_site_gen.label_asym_id 
_struct_site_gen.label_seq_id 
_struct_site_gen.pdbx_auth_ins_code 
_struct_site_gen.auth_comp_id 
_struct_site_gen.auth_asym_id 
_struct_site_gen.auth_seq_id 
_struct_site_gen.label_atom_id 
_struct_site_gen.label_alt_id 
_struct_site_gen.symmetry 
_struct_site_gen.details 
1  AC1 8  DG  A 3  ? DG  A 3   . ? 1_555 ? 
2  AC1 8  DG  A 4  ? DG  A 4   . ? 1_555 ? 
3  AC1 8  HOH E .  ? HOH A 201 . ? 1_555 ? 
4  AC1 8  HOH E .  ? HOH A 202 . ? 1_555 ? 
5  AC1 8  HOH E .  ? HOH A 203 . ? 1_555 ? 
6  AC1 8  HOH E .  ? HOH A 204 . ? 1_555 ? 
7  AC1 8  HOH E .  ? HOH A 211 . ? 1_555 ? 
8  AC1 8  HOH E .  ? HOH A 279 . ? 1_555 ? 
9  AC2 15 DT  A 1  ? DT  A 1   . ? 7_555 ? 
10 AC2 15 DC  A 2  ? DC  A 2   . ? 7_555 ? 
11 AC2 15 DG  A 3  ? DG  A 3   . ? 7_555 ? 
12 AC2 15 DG  A 3  ? DG  A 3   . ? 5_444 ? 
13 AC2 15 DG  A 4  ? DG  A 4   . ? 5_444 ? 
14 AC2 15 DC  A 5  ? DC  A 5   . ? 5_444 ? 
15 AC2 15 DC  A 7  ? DC  A 7   . ? 3_444 ? 
16 AC2 15 DC  A 8  ? DC  A 8   . ? 3_444 ? 
17 AC2 15 DI  A 9  ? DI  A 9   . ? 1_555 ? 
18 AC2 15 DA  A 10 ? DA  A 10  . ? 3_444 ? 
19 AC2 15 DA  A 10 ? DA  A 10  . ? 1_555 ? 
20 AC2 15 CL  D .  ? CL  A 103 . ? 5_444 ? 
21 AC2 15 HOH E .  ? HOH A 223 . ? 1_555 ? 
22 AC2 15 HOH E .  ? HOH A 262 . ? 7_555 ? 
23 AC2 15 HOH E .  ? HOH A 262 . ? 5_444 ? 
24 AC3 4  DG  A 4  ? DG  A 4   . ? 1_555 ? 
25 AC3 4  DC  A 5  ? DC  A 5   . ? 1_555 ? 
26 AC3 4  RKL C .  ? RKL A 102 . ? 5_454 ? 
27 AC3 4  HOH E .  ? HOH A 206 . ? 5_454 ? 
# 
loop_
_pdbx_validate_rmsd_angle.id 
_pdbx_validate_rmsd_angle.PDB_model_num 
_pdbx_validate_rmsd_angle.auth_atom_id_1 
_pdbx_validate_rmsd_angle.auth_asym_id_1 
_pdbx_validate_rmsd_angle.auth_comp_id_1 
_pdbx_validate_rmsd_angle.auth_seq_id_1 
_pdbx_validate_rmsd_angle.PDB_ins_code_1 
_pdbx_validate_rmsd_angle.label_alt_id_1 
_pdbx_validate_rmsd_angle.auth_atom_id_2 
_pdbx_validate_rmsd_angle.auth_asym_id_2 
_pdbx_validate_rmsd_angle.auth_comp_id_2 
_pdbx_validate_rmsd_angle.auth_seq_id_2 
_pdbx_validate_rmsd_angle.PDB_ins_code_2 
_pdbx_validate_rmsd_angle.label_alt_id_2 
_pdbx_validate_rmsd_angle.auth_atom_id_3 
_pdbx_validate_rmsd_angle.auth_asym_id_3 
_pdbx_validate_rmsd_angle.auth_comp_id_3 
_pdbx_validate_rmsd_angle.auth_seq_id_3 
_pdbx_validate_rmsd_angle.PDB_ins_code_3 
_pdbx_validate_rmsd_angle.label_alt_id_3 
_pdbx_validate_rmsd_angle.angle_value 
_pdbx_validate_rmsd_angle.angle_target_value 
_pdbx_validate_rmsd_angle.angle_deviation 
_pdbx_validate_rmsd_angle.angle_standard_deviation 
_pdbx_validate_rmsd_angle.linker_flag 
1 1 "C3'" A DC 8  ? ? "O3'" A DC 8  ? ? P   A DI 9  ? A 127.87 119.70 8.17  1.20 Y 
2 1 "O5'" A DA 10 ? A P     A DA 10 ? A OP1 A DA 10 ? A 95.88  105.70 -9.82 0.90 N 
3 1 "O5'" A DA 10 ? B P     A DA 10 ? B OP1 A DA 10 ? B 99.14  105.70 -6.56 0.90 N 
# 
_pdbx_validate_planes.id              1 
_pdbx_validate_planes.PDB_model_num   1 
_pdbx_validate_planes.auth_comp_id    DC 
_pdbx_validate_planes.auth_asym_id    A 
_pdbx_validate_planes.auth_seq_id     5 
_pdbx_validate_planes.PDB_ins_code    ? 
_pdbx_validate_planes.label_alt_id    ? 
_pdbx_validate_planes.rmsd            0.117 
_pdbx_validate_planes.type            'SIDE CHAIN' 
# 
loop_
_chem_comp_atom.comp_id 
_chem_comp_atom.atom_id 
_chem_comp_atom.type_symbol 
_chem_comp_atom.pdbx_aromatic_flag 
_chem_comp_atom.pdbx_stereo_config 
_chem_comp_atom.pdbx_ordinal 
BA  BA     BA N N 1   
CL  CL     CL N N 2   
DA  OP3    O  N N 3   
DA  P      P  N N 4   
DA  OP1    O  N N 5   
DA  OP2    O  N N 6   
DA  "O5'"  O  N N 7   
DA  "C5'"  C  N N 8   
DA  "C4'"  C  N R 9   
DA  "O4'"  O  N N 10  
DA  "C3'"  C  N S 11  
DA  "O3'"  O  N N 12  
DA  "C2'"  C  N N 13  
DA  "C1'"  C  N R 14  
DA  N9     N  Y N 15  
DA  C8     C  Y N 16  
DA  N7     N  Y N 17  
DA  C5     C  Y N 18  
DA  C6     C  Y N 19  
DA  N6     N  N N 20  
DA  N1     N  Y N 21  
DA  C2     C  Y N 22  
DA  N3     N  Y N 23  
DA  C4     C  Y N 24  
DA  HOP3   H  N N 25  
DA  HOP2   H  N N 26  
DA  "H5'"  H  N N 27  
DA  "H5''" H  N N 28  
DA  "H4'"  H  N N 29  
DA  "H3'"  H  N N 30  
DA  "HO3'" H  N N 31  
DA  "H2'"  H  N N 32  
DA  "H2''" H  N N 33  
DA  "H1'"  H  N N 34  
DA  H8     H  N N 35  
DA  H61    H  N N 36  
DA  H62    H  N N 37  
DA  H2     H  N N 38  
DC  OP3    O  N N 39  
DC  P      P  N N 40  
DC  OP1    O  N N 41  
DC  OP2    O  N N 42  
DC  "O5'"  O  N N 43  
DC  "C5'"  C  N N 44  
DC  "C4'"  C  N R 45  
DC  "O4'"  O  N N 46  
DC  "C3'"  C  N S 47  
DC  "O3'"  O  N N 48  
DC  "C2'"  C  N N 49  
DC  "C1'"  C  N R 50  
DC  N1     N  N N 51  
DC  C2     C  N N 52  
DC  O2     O  N N 53  
DC  N3     N  N N 54  
DC  C4     C  N N 55  
DC  N4     N  N N 56  
DC  C5     C  N N 57  
DC  C6     C  N N 58  
DC  HOP3   H  N N 59  
DC  HOP2   H  N N 60  
DC  "H5'"  H  N N 61  
DC  "H5''" H  N N 62  
DC  "H4'"  H  N N 63  
DC  "H3'"  H  N N 64  
DC  "HO3'" H  N N 65  
DC  "H2'"  H  N N 66  
DC  "H2''" H  N N 67  
DC  "H1'"  H  N N 68  
DC  H41    H  N N 69  
DC  H42    H  N N 70  
DC  H5     H  N N 71  
DC  H6     H  N N 72  
DG  OP3    O  N N 73  
DG  P      P  N N 74  
DG  OP1    O  N N 75  
DG  OP2    O  N N 76  
DG  "O5'"  O  N N 77  
DG  "C5'"  C  N N 78  
DG  "C4'"  C  N R 79  
DG  "O4'"  O  N N 80  
DG  "C3'"  C  N S 81  
DG  "O3'"  O  N N 82  
DG  "C2'"  C  N N 83  
DG  "C1'"  C  N R 84  
DG  N9     N  Y N 85  
DG  C8     C  Y N 86  
DG  N7     N  Y N 87  
DG  C5     C  Y N 88  
DG  C6     C  N N 89  
DG  O6     O  N N 90  
DG  N1     N  N N 91  
DG  C2     C  N N 92  
DG  N2     N  N N 93  
DG  N3     N  N N 94  
DG  C4     C  Y N 95  
DG  HOP3   H  N N 96  
DG  HOP2   H  N N 97  
DG  "H5'"  H  N N 98  
DG  "H5''" H  N N 99  
DG  "H4'"  H  N N 100 
DG  "H3'"  H  N N 101 
DG  "HO3'" H  N N 102 
DG  "H2'"  H  N N 103 
DG  "H2''" H  N N 104 
DG  "H1'"  H  N N 105 
DG  H8     H  N N 106 
DG  H1     H  N N 107 
DG  H21    H  N N 108 
DG  H22    H  N N 109 
DI  OP3    O  N N 110 
DI  P      P  N N 111 
DI  OP1    O  N N 112 
DI  OP2    O  N N 113 
DI  "O5'"  O  N N 114 
DI  "C5'"  C  N N 115 
DI  "C4'"  C  N R 116 
DI  "O4'"  O  N N 117 
DI  "C3'"  C  N S 118 
DI  "O3'"  O  N N 119 
DI  "C2'"  C  N N 120 
DI  "C1'"  C  N R 121 
DI  N9     N  Y N 122 
DI  C8     C  Y N 123 
DI  N7     N  Y N 124 
DI  C5     C  Y N 125 
DI  C6     C  N N 126 
DI  O6     O  N N 127 
DI  N1     N  N N 128 
DI  C2     C  N N 129 
DI  N3     N  N N 130 
DI  C4     C  Y N 131 
DI  HOP3   H  N N 132 
DI  HOP2   H  N N 133 
DI  "H5'"  H  N N 134 
DI  "H5''" H  N N 135 
DI  "H4'"  H  N N 136 
DI  "H3'"  H  N N 137 
DI  "HO3'" H  N N 138 
DI  "H2'"  H  N N 139 
DI  "H2''" H  N N 140 
DI  "H1'"  H  N N 141 
DI  H8     H  N N 142 
DI  H1     H  N N 143 
DI  H2     H  N N 144 
DT  OP3    O  N N 145 
DT  P      P  N N 146 
DT  OP1    O  N N 147 
DT  OP2    O  N N 148 
DT  "O5'"  O  N N 149 
DT  "C5'"  C  N N 150 
DT  "C4'"  C  N R 151 
DT  "O4'"  O  N N 152 
DT  "C3'"  C  N S 153 
DT  "O3'"  O  N N 154 
DT  "C2'"  C  N N 155 
DT  "C1'"  C  N R 156 
DT  N1     N  N N 157 
DT  C2     C  N N 158 
DT  O2     O  N N 159 
DT  N3     N  N N 160 
DT  C4     C  N N 161 
DT  O4     O  N N 162 
DT  C5     C  N N 163 
DT  C7     C  N N 164 
DT  C6     C  N N 165 
DT  HOP3   H  N N 166 
DT  HOP2   H  N N 167 
DT  "H5'"  H  N N 168 
DT  "H5''" H  N N 169 
DT  "H4'"  H  N N 170 
DT  "H3'"  H  N N 171 
DT  "HO3'" H  N N 172 
DT  "H2'"  H  N N 173 
DT  "H2''" H  N N 174 
DT  "H1'"  H  N N 175 
DT  H3     H  N N 176 
DT  H71    H  N N 177 
DT  H72    H  N N 178 
DT  H73    H  N N 179 
DT  H6     H  N N 180 
HOH O      O  N N 181 
HOH H1     H  N N 182 
HOH H2     H  N N 183 
RKL RU     RU N N 184 
RKL C1     C  Y N 185 
RKL N1     N  Y N 186 
RKL C2     C  Y N 187 
RKL N2     N  Y N 188 
RKL C3     C  Y N 189 
RKL N3     N  Y N 190 
RKL C4     C  Y N 191 
RKL N4     N  Y N 192 
RKL C5     C  Y N 193 
RKL N5     N  Y N 194 
RKL C6     C  Y N 195 
RKL N6     N  Y N 196 
RKL C7     C  Y N 197 
RKL N7     N  Y N 198 
RKL C8     C  Y N 199 
RKL N8     N  Y N 200 
RKL C9     C  Y N 201 
RKL N9     N  Y N 202 
RKL C10    C  Y N 203 
RKL N10    N  Y N 204 
RKL C11    C  Y N 205 
RKL N11    N  Y N 206 
RKL C12    C  Y N 207 
RKL N12    N  Y N 208 
RKL C13    C  Y N 209 
RKL C14    C  Y N 210 
RKL C15    C  Y N 211 
RKL C16    C  Y N 212 
RKL C17    C  Y N 213 
RKL C18    C  Y N 214 
RKL C19    C  Y N 215 
RKL C20    C  Y N 216 
RKL C21    C  Y N 217 
RKL C22    C  Y N 218 
RKL C23    C  Y N 219 
RKL C24    C  Y N 220 
RKL C25    C  Y N 221 
RKL C26    C  Y N 222 
RKL C27    C  Y N 223 
RKL C28    C  Y N 224 
RKL C29    C  Y N 225 
RKL C30    C  Y N 226 
RKL C31    C  Y N 227 
RKL C32    C  Y N 228 
RKL C33    C  Y N 229 
RKL C34    C  Y N 230 
RKL C35    C  Y N 231 
RKL C36    C  Y N 232 
RKL C37    C  Y N 233 
RKL C38    C  Y N 234 
RKL H2     H  N N 235 
RKL H3     H  N N 236 
RKL H4     H  N N 237 
RKL H9     H  N N 238 
RKL H11    H  N N 239 
RKL H12    H  N N 240 
RKL H14    H  N N 241 
RKL H16    H  N N 242 
RKL H17    H  N N 243 
RKL H18    H  N N 244 
RKL H20    H  N N 245 
RKL H21    H  N N 246 
RKL H23    H  N N 247 
RKL H24    H  N N 248 
RKL H27    H  N N 249 
RKL H28    H  N N 250 
RKL H30    H  N N 251 
RKL H31    H  N N 252 
RKL H33    H  N N 253 
RKL H34    H  N N 254 
RKL H37    H  N N 255 
RKL H38    H  N N 256 
# 
loop_
_chem_comp_bond.comp_id 
_chem_comp_bond.atom_id_1 
_chem_comp_bond.atom_id_2 
_chem_comp_bond.value_order 
_chem_comp_bond.pdbx_aromatic_flag 
_chem_comp_bond.pdbx_stereo_config 
_chem_comp_bond.pdbx_ordinal 
DA  OP3   P      sing N N 1   
DA  OP3   HOP3   sing N N 2   
DA  P     OP1    doub N N 3   
DA  P     OP2    sing N N 4   
DA  P     "O5'"  sing N N 5   
DA  OP2   HOP2   sing N N 6   
DA  "O5'" "C5'"  sing N N 7   
DA  "C5'" "C4'"  sing N N 8   
DA  "C5'" "H5'"  sing N N 9   
DA  "C5'" "H5''" sing N N 10  
DA  "C4'" "O4'"  sing N N 11  
DA  "C4'" "C3'"  sing N N 12  
DA  "C4'" "H4'"  sing N N 13  
DA  "O4'" "C1'"  sing N N 14  
DA  "C3'" "O3'"  sing N N 15  
DA  "C3'" "C2'"  sing N N 16  
DA  "C3'" "H3'"  sing N N 17  
DA  "O3'" "HO3'" sing N N 18  
DA  "C2'" "C1'"  sing N N 19  
DA  "C2'" "H2'"  sing N N 20  
DA  "C2'" "H2''" sing N N 21  
DA  "C1'" N9     sing N N 22  
DA  "C1'" "H1'"  sing N N 23  
DA  N9    C8     sing Y N 24  
DA  N9    C4     sing Y N 25  
DA  C8    N7     doub Y N 26  
DA  C8    H8     sing N N 27  
DA  N7    C5     sing Y N 28  
DA  C5    C6     sing Y N 29  
DA  C5    C4     doub Y N 30  
DA  C6    N6     sing N N 31  
DA  C6    N1     doub Y N 32  
DA  N6    H61    sing N N 33  
DA  N6    H62    sing N N 34  
DA  N1    C2     sing Y N 35  
DA  C2    N3     doub Y N 36  
DA  C2    H2     sing N N 37  
DA  N3    C4     sing Y N 38  
DC  OP3   P      sing N N 39  
DC  OP3   HOP3   sing N N 40  
DC  P     OP1    doub N N 41  
DC  P     OP2    sing N N 42  
DC  P     "O5'"  sing N N 43  
DC  OP2   HOP2   sing N N 44  
DC  "O5'" "C5'"  sing N N 45  
DC  "C5'" "C4'"  sing N N 46  
DC  "C5'" "H5'"  sing N N 47  
DC  "C5'" "H5''" sing N N 48  
DC  "C4'" "O4'"  sing N N 49  
DC  "C4'" "C3'"  sing N N 50  
DC  "C4'" "H4'"  sing N N 51  
DC  "O4'" "C1'"  sing N N 52  
DC  "C3'" "O3'"  sing N N 53  
DC  "C3'" "C2'"  sing N N 54  
DC  "C3'" "H3'"  sing N N 55  
DC  "O3'" "HO3'" sing N N 56  
DC  "C2'" "C1'"  sing N N 57  
DC  "C2'" "H2'"  sing N N 58  
DC  "C2'" "H2''" sing N N 59  
DC  "C1'" N1     sing N N 60  
DC  "C1'" "H1'"  sing N N 61  
DC  N1    C2     sing N N 62  
DC  N1    C6     sing N N 63  
DC  C2    O2     doub N N 64  
DC  C2    N3     sing N N 65  
DC  N3    C4     doub N N 66  
DC  C4    N4     sing N N 67  
DC  C4    C5     sing N N 68  
DC  N4    H41    sing N N 69  
DC  N4    H42    sing N N 70  
DC  C5    C6     doub N N 71  
DC  C5    H5     sing N N 72  
DC  C6    H6     sing N N 73  
DG  OP3   P      sing N N 74  
DG  OP3   HOP3   sing N N 75  
DG  P     OP1    doub N N 76  
DG  P     OP2    sing N N 77  
DG  P     "O5'"  sing N N 78  
DG  OP2   HOP2   sing N N 79  
DG  "O5'" "C5'"  sing N N 80  
DG  "C5'" "C4'"  sing N N 81  
DG  "C5'" "H5'"  sing N N 82  
DG  "C5'" "H5''" sing N N 83  
DG  "C4'" "O4'"  sing N N 84  
DG  "C4'" "C3'"  sing N N 85  
DG  "C4'" "H4'"  sing N N 86  
DG  "O4'" "C1'"  sing N N 87  
DG  "C3'" "O3'"  sing N N 88  
DG  "C3'" "C2'"  sing N N 89  
DG  "C3'" "H3'"  sing N N 90  
DG  "O3'" "HO3'" sing N N 91  
DG  "C2'" "C1'"  sing N N 92  
DG  "C2'" "H2'"  sing N N 93  
DG  "C2'" "H2''" sing N N 94  
DG  "C1'" N9     sing N N 95  
DG  "C1'" "H1'"  sing N N 96  
DG  N9    C8     sing Y N 97  
DG  N9    C4     sing Y N 98  
DG  C8    N7     doub Y N 99  
DG  C8    H8     sing N N 100 
DG  N7    C5     sing Y N 101 
DG  C5    C6     sing N N 102 
DG  C5    C4     doub Y N 103 
DG  C6    O6     doub N N 104 
DG  C6    N1     sing N N 105 
DG  N1    C2     sing N N 106 
DG  N1    H1     sing N N 107 
DG  C2    N2     sing N N 108 
DG  C2    N3     doub N N 109 
DG  N2    H21    sing N N 110 
DG  N2    H22    sing N N 111 
DG  N3    C4     sing N N 112 
DI  OP3   P      sing N N 113 
DI  OP3   HOP3   sing N N 114 
DI  P     OP1    doub N N 115 
DI  P     OP2    sing N N 116 
DI  P     "O5'"  sing N N 117 
DI  OP2   HOP2   sing N N 118 
DI  "O5'" "C5'"  sing N N 119 
DI  "C5'" "C4'"  sing N N 120 
DI  "C5'" "H5'"  sing N N 121 
DI  "C5'" "H5''" sing N N 122 
DI  "C4'" "O4'"  sing N N 123 
DI  "C4'" "C3'"  sing N N 124 
DI  "C4'" "H4'"  sing N N 125 
DI  "O4'" "C1'"  sing N N 126 
DI  "C3'" "O3'"  sing N N 127 
DI  "C3'" "C2'"  sing N N 128 
DI  "C3'" "H3'"  sing N N 129 
DI  "O3'" "HO3'" sing N N 130 
DI  "C2'" "C1'"  sing N N 131 
DI  "C2'" "H2'"  sing N N 132 
DI  "C2'" "H2''" sing N N 133 
DI  "C1'" N9     sing N N 134 
DI  "C1'" "H1'"  sing N N 135 
DI  N9    C8     sing Y N 136 
DI  N9    C4     sing Y N 137 
DI  C8    N7     doub Y N 138 
DI  C8    H8     sing N N 139 
DI  N7    C5     sing Y N 140 
DI  C5    C6     sing N N 141 
DI  C5    C4     doub Y N 142 
DI  C6    O6     doub N N 143 
DI  C6    N1     sing N N 144 
DI  N1    C2     sing N N 145 
DI  N1    H1     sing N N 146 
DI  C2    N3     doub N N 147 
DI  C2    H2     sing N N 148 
DI  N3    C4     sing N N 149 
DT  OP3   P      sing N N 150 
DT  OP3   HOP3   sing N N 151 
DT  P     OP1    doub N N 152 
DT  P     OP2    sing N N 153 
DT  P     "O5'"  sing N N 154 
DT  OP2   HOP2   sing N N 155 
DT  "O5'" "C5'"  sing N N 156 
DT  "C5'" "C4'"  sing N N 157 
DT  "C5'" "H5'"  sing N N 158 
DT  "C5'" "H5''" sing N N 159 
DT  "C4'" "O4'"  sing N N 160 
DT  "C4'" "C3'"  sing N N 161 
DT  "C4'" "H4'"  sing N N 162 
DT  "O4'" "C1'"  sing N N 163 
DT  "C3'" "O3'"  sing N N 164 
DT  "C3'" "C2'"  sing N N 165 
DT  "C3'" "H3'"  sing N N 166 
DT  "O3'" "HO3'" sing N N 167 
DT  "C2'" "C1'"  sing N N 168 
DT  "C2'" "H2'"  sing N N 169 
DT  "C2'" "H2''" sing N N 170 
DT  "C1'" N1     sing N N 171 
DT  "C1'" "H1'"  sing N N 172 
DT  N1    C2     sing N N 173 
DT  N1    C6     sing N N 174 
DT  C2    O2     doub N N 175 
DT  C2    N3     sing N N 176 
DT  N3    C4     sing N N 177 
DT  N3    H3     sing N N 178 
DT  C4    O4     doub N N 179 
DT  C4    C5     sing N N 180 
DT  C5    C7     sing N N 181 
DT  C5    C6     doub N N 182 
DT  C7    H71    sing N N 183 
DT  C7    H72    sing N N 184 
DT  C7    H73    sing N N 185 
DT  C6    H6     sing N N 186 
HOH O     H1     sing N N 187 
HOH O     H2     sing N N 188 
RKL RU    N1     sing N N 189 
RKL RU    N2     sing N N 190 
RKL RU    N5     sing N N 191 
RKL RU    N8     sing N N 192 
RKL RU    N9     sing N N 193 
RKL RU    N12    sing N N 194 
RKL C1    N2     doub Y N 195 
RKL C1    C5     sing Y N 196 
RKL C1    C10    sing Y N 197 
RKL N1    C10    doub Y N 198 
RKL N1    C12    sing Y N 199 
RKL C2    N2     sing Y N 200 
RKL C2    C3     doub Y N 201 
RKL C2    H2     sing N N 202 
RKL C3    C4     sing Y N 203 
RKL C3    H3     sing N N 204 
RKL N3    C6     doub Y N 205 
RKL N3    C15    sing Y N 206 
RKL C4    C5     doub Y N 207 
RKL C4    H4     sing N N 208 
RKL N4    C7     doub Y N 209 
RKL N4    C13    sing Y N 210 
RKL C5    C6     sing Y N 211 
RKL N5    C19    doub Y N 212 
RKL N5    C20    sing Y N 213 
RKL C6    C7     sing Y N 214 
RKL N6    C21    sing Y N 215 
RKL N6    C22    doub Y N 216 
RKL C7    C8     sing Y N 217 
RKL N7    C25    doub Y N 218 
RKL N7    C27    sing Y N 219 
RKL C8    C9     doub Y N 220 
RKL C8    C10    sing Y N 221 
RKL N8    C26    doub Y N 222 
RKL N8    C28    sing Y N 223 
RKL C9    C11    sing Y N 224 
RKL C9    H9     sing N N 225 
RKL N9    C29    doub Y N 226 
RKL N9    C30    sing Y N 227 
RKL N10   C31    sing Y N 228 
RKL N10   C32    doub Y N 229 
RKL C11   C12    doub Y N 230 
RKL C11   H11    sing N N 231 
RKL N11   C35    doub Y N 232 
RKL N11   C37    sing Y N 233 
RKL C12   H12    sing N N 234 
RKL N12   C36    doub Y N 235 
RKL N12   C38    sing Y N 236 
RKL C13   C14    sing Y N 237 
RKL C13   C15    doub Y N 238 
RKL C14   C18    doub Y N 239 
RKL C14   H14    sing N N 240 
RKL C15   C16    sing Y N 241 
RKL C16   C17    doub Y N 242 
RKL C16   H16    sing N N 243 
RKL C17   C18    sing Y N 244 
RKL C17   H17    sing N N 245 
RKL C18   H18    sing N N 246 
RKL C19   C22    sing Y N 247 
RKL C19   C26    sing Y N 248 
RKL C20   C21    doub Y N 249 
RKL C20   H20    sing N N 250 
RKL C21   H21    sing N N 251 
RKL C22   C23    sing Y N 252 
RKL C23   C24    doub Y N 253 
RKL C23   H23    sing N N 254 
RKL C24   C25    sing Y N 255 
RKL C24   H24    sing N N 256 
RKL C25   C26    sing Y N 257 
RKL C27   C28    doub Y N 258 
RKL C27   H27    sing N N 259 
RKL C28   H28    sing N N 260 
RKL C29   C32    sing Y N 261 
RKL C29   C36    sing Y N 262 
RKL C30   C31    doub Y N 263 
RKL C30   H30    sing N N 264 
RKL C31   H31    sing N N 265 
RKL C32   C33    sing Y N 266 
RKL C33   C34    doub Y N 267 
RKL C33   H33    sing N N 268 
RKL C34   C35    sing Y N 269 
RKL C34   H34    sing N N 270 
RKL C35   C36    sing Y N 271 
RKL C37   C38    doub Y N 272 
RKL C37   H37    sing N N 273 
RKL C38   H38    sing N N 274 
# 
loop_
_ndb_struct_conf_na.entry_id 
_ndb_struct_conf_na.feature 
4QIO 'double helix'        
4QIO 'b-form double helix' 
# 
loop_
_ndb_struct_na_base_pair.model_number 
_ndb_struct_na_base_pair.i_label_asym_id 
_ndb_struct_na_base_pair.i_label_comp_id 
_ndb_struct_na_base_pair.i_label_seq_id 
_ndb_struct_na_base_pair.i_symmetry 
_ndb_struct_na_base_pair.j_label_asym_id 
_ndb_struct_na_base_pair.j_label_comp_id 
_ndb_struct_na_base_pair.j_label_seq_id 
_ndb_struct_na_base_pair.j_symmetry 
_ndb_struct_na_base_pair.shear 
_ndb_struct_na_base_pair.stretch 
_ndb_struct_na_base_pair.stagger 
_ndb_struct_na_base_pair.buckle 
_ndb_struct_na_base_pair.propeller 
_ndb_struct_na_base_pair.opening 
_ndb_struct_na_base_pair.pair_number 
_ndb_struct_na_base_pair.pair_name 
_ndb_struct_na_base_pair.i_auth_asym_id 
_ndb_struct_na_base_pair.i_auth_seq_id 
_ndb_struct_na_base_pair.i_PDB_ins_code 
_ndb_struct_na_base_pair.j_auth_asym_id 
_ndb_struct_na_base_pair.j_auth_seq_id 
_ndb_struct_na_base_pair.j_PDB_ins_code 
_ndb_struct_na_base_pair.hbond_type_28 
_ndb_struct_na_base_pair.hbond_type_12 
1 A DC 2 1_555 A DI 9 7_555 0.298  -0.212 0.237  -10.091 6.593  7.546  1 A_DC2:DI9_A A 2 ? A 9 ? ?  1 
1 A DG 3 1_555 A DC 8 7_555 -0.153 -0.030 0.066  23.088  -4.100 -0.009 2 A_DG3:DC8_A A 3 ? A 8 ? 19 1 
1 A DG 4 1_555 A DC 7 7_555 -0.217 -0.147 -0.017 -8.177  1.765  -1.831 3 A_DG4:DC7_A A 4 ? A 7 ? 19 1 
1 A DC 5 1_555 A DG 6 7_555 0.217  -0.092 0.257  -3.712  -4.597 -0.773 4 A_DC5:DG6_A A 5 ? A 6 ? 19 1 
1 A DG 6 1_555 A DC 5 7_555 -0.217 -0.092 0.257  3.712   -4.597 -0.773 5 A_DG6:DC5_A A 6 ? A 5 ? 19 1 
1 A DC 7 1_555 A DG 4 7_555 0.217  -0.147 -0.017 8.177   1.765  -1.831 6 A_DC7:DG4_A A 7 ? A 4 ? 19 1 
1 A DC 8 1_555 A DG 3 7_555 0.153  -0.030 0.066  -23.088 -4.100 -0.009 7 A_DC8:DG3_A A 8 ? A 3 ? 19 1 
1 A DI 9 1_555 A DC 2 7_555 -0.298 -0.212 0.237  10.091  6.593  7.546  8 A_DI9:DC2_A A 9 ? A 2 ? ?  1 
# 
loop_
_ndb_struct_na_base_pair_step.model_number 
_ndb_struct_na_base_pair_step.i_label_asym_id_1 
_ndb_struct_na_base_pair_step.i_label_comp_id_1 
_ndb_struct_na_base_pair_step.i_label_seq_id_1 
_ndb_struct_na_base_pair_step.i_symmetry_1 
_ndb_struct_na_base_pair_step.j_label_asym_id_1 
_ndb_struct_na_base_pair_step.j_label_comp_id_1 
_ndb_struct_na_base_pair_step.j_label_seq_id_1 
_ndb_struct_na_base_pair_step.j_symmetry_1 
_ndb_struct_na_base_pair_step.i_label_asym_id_2 
_ndb_struct_na_base_pair_step.i_label_comp_id_2 
_ndb_struct_na_base_pair_step.i_label_seq_id_2 
_ndb_struct_na_base_pair_step.i_symmetry_2 
_ndb_struct_na_base_pair_step.j_label_asym_id_2 
_ndb_struct_na_base_pair_step.j_label_comp_id_2 
_ndb_struct_na_base_pair_step.j_label_seq_id_2 
_ndb_struct_na_base_pair_step.j_symmetry_2 
_ndb_struct_na_base_pair_step.shift 
_ndb_struct_na_base_pair_step.slide 
_ndb_struct_na_base_pair_step.rise 
_ndb_struct_na_base_pair_step.tilt 
_ndb_struct_na_base_pair_step.roll 
_ndb_struct_na_base_pair_step.twist 
_ndb_struct_na_base_pair_step.x_displacement 
_ndb_struct_na_base_pair_step.y_displacement 
_ndb_struct_na_base_pair_step.helical_rise 
_ndb_struct_na_base_pair_step.inclination 
_ndb_struct_na_base_pair_step.tip 
_ndb_struct_na_base_pair_step.helical_twist 
_ndb_struct_na_base_pair_step.step_number 
_ndb_struct_na_base_pair_step.step_name 
_ndb_struct_na_base_pair_step.i_auth_asym_id_1 
_ndb_struct_na_base_pair_step.i_auth_seq_id_1 
_ndb_struct_na_base_pair_step.i_PDB_ins_code_1 
_ndb_struct_na_base_pair_step.j_auth_asym_id_1 
_ndb_struct_na_base_pair_step.j_auth_seq_id_1 
_ndb_struct_na_base_pair_step.j_PDB_ins_code_1 
_ndb_struct_na_base_pair_step.i_auth_asym_id_2 
_ndb_struct_na_base_pair_step.i_auth_seq_id_2 
_ndb_struct_na_base_pair_step.i_PDB_ins_code_2 
_ndb_struct_na_base_pair_step.j_auth_asym_id_2 
_ndb_struct_na_base_pair_step.j_auth_seq_id_2 
_ndb_struct_na_base_pair_step.j_PDB_ins_code_2 
1 A DC 2 1_555 A DI 9 7_555 A DG 3 1_555 A DC 8 7_555 -0.484 1.398 2.617 4.560  4.204  20.904 2.333  2.758  2.678 11.270 -12.226 
21.795 1 AA_DC2DG3:DC8DI9_AA A 2 ? A 9 ? A 3 ? A 8 ? 
1 A DG 3 1_555 A DC 8 7_555 A DG 4 1_555 A DC 7 7_555 0.071  0.786 5.119 -2.695 50.959 16.446 -5.106 -0.396 2.368 73.216 3.872   
53.445 2 AA_DG3DG4:DC7DC8_AA A 3 ? A 8 ? A 4 ? A 7 ? 
1 A DG 4 1_555 A DC 7 7_555 A DC 5 1_555 A DG 6 7_555 -0.755 0.085 3.254 -2.321 -3.738 38.910 0.575  0.848  3.270 -5.589 3.471   
39.149 3 AA_DG4DC5:DG6DC7_AA A 4 ? A 7 ? A 5 ? A 6 ? 
1 A DC 5 1_555 A DG 6 7_555 A DG 6 1_555 A DC 5 7_555 0.000  0.771 3.397 0.000  26.046 27.663 -2.661 0.000  3.026 44.053 0.000   
37.821 4 AA_DC5DG6:DC5DG6_AA A 5 ? A 6 ? A 6 ? A 5 ? 
1 A DG 6 1_555 A DC 5 7_555 A DC 7 1_555 A DG 4 7_555 0.755  0.085 3.254 2.321  -3.738 38.910 0.575  -0.848 3.270 -5.589 -3.471  
39.149 5 AA_DG6DC7:DG4DC5_AA A 6 ? A 5 ? A 7 ? A 4 ? 
1 A DC 7 1_555 A DG 4 7_555 A DC 8 1_555 A DG 3 7_555 -0.071 0.786 5.119 2.695  50.958 16.446 -5.106 0.396  2.368 73.216 -3.872  
53.445 6 AA_DC7DC8:DG3DG4_AA A 7 ? A 4 ? A 8 ? A 3 ? 
1 A DC 8 1_555 A DG 3 7_555 A DI 9 1_555 A DC 2 7_555 0.484  1.398 2.617 -4.560 4.204  20.904 2.333  -2.758 2.678 11.270 12.226  
21.795 7 AA_DC8DI9:DC2DG3_AA A 8 ? A 3 ? A 9 ? A 2 ? 
# 
_atom_sites.entry_id                    4QIO 
_atom_sites.fract_transf_matrix[1][1]   -0.02219526 
_atom_sites.fract_transf_matrix[1][2]   0.00352692 
_atom_sites.fract_transf_matrix[1][3]   -0.00758434 
_atom_sites.fract_transf_matrix[2][1]   0.00816106 
_atom_sites.fract_transf_matrix[2][2]   0.00441937 
_atom_sites.fract_transf_matrix[2][3]   -0.02182790 
_atom_sites.fract_transf_matrix[3][1]   -0.00194864 
_atom_sites.fract_transf_matrix[3][2]   -0.02449391 
_atom_sites.fract_transf_matrix[3][3]   -0.00568770 
_atom_sites.fract_transf_vector[1]      -0.173218 
_atom_sites.fract_transf_vector[2]      -0.298607 
_atom_sites.fract_transf_vector[3]      -0.123705 
# 
loop_
_atom_type.symbol 
BA 
C  
CL 
H  
N  
O  
P  
RU 
# 
loop_
_atom_site.group_PDB 
_atom_site.id 
_atom_site.type_symbol 
_atom_site.label_atom_id 
_atom_site.label_alt_id 
_atom_site.label_comp_id 
_atom_site.label_asym_id 
_atom_site.label_entity_id 
_atom_site.label_seq_id 
_atom_site.pdbx_PDB_ins_code 
_atom_site.Cartn_x 
_atom_site.Cartn_y 
_atom_site.Cartn_z 
_atom_site.occupancy 
_atom_site.B_iso_or_equiv 
_atom_site.pdbx_formal_charge 
_atom_site.auth_seq_id 
_atom_site.auth_comp_id 
_atom_site.auth_asym_id 
_atom_site.auth_atom_id 
_atom_site.pdbx_PDB_model_num 
ATOM   1   O  "O5'"  . DT  A 1 1  ? 7.511   -21.424 1.025   1.00   21.23 ? 1   DT  A "O5'"  1 
ATOM   2   C  "C5'"  . DT  A 1 1  ? 8.826   -21.285 1.555   1.00   17.52 ? 1   DT  A "C5'"  1 
ATOM   3   C  "C4'"  . DT  A 1 1  ? 9.655   -20.326 0.724   1.00   14.33 ? 1   DT  A "C4'"  1 
ATOM   4   O  "O4'"  . DT  A 1 1  ? 9.789   -20.877 -0.595  1.00   15.14 ? 1   DT  A "O4'"  1 
ATOM   5   C  "C3'"  . DT  A 1 1  ? 8.995   -18.972 0.477   1.00   12.50 ? 1   DT  A "C3'"  1 
ATOM   6   O  "O3'"  . DT  A 1 1  ? 9.339   -18.120 1.573   1.00   12.82 ? 1   DT  A "O3'"  1 
ATOM   7   C  "C2'"  . DT  A 1 1  ? 9.603   -18.535 -0.830  1.00   13.98 ? 1   DT  A "C2'"  1 
ATOM   8   C  "C1'"  . DT  A 1 1  ? 9.872   -19.837 -1.573  1.00   13.92 ? 1   DT  A "C1'"  1 
ATOM   9   N  N1     . DT  A 1 1  ? 8.894   -20.163 -2.643  1.00   15.62 ? 1   DT  A N1     1 
ATOM   10  C  C2     . DT  A 1 1  ? 9.361   -20.730 -3.790  1.00   12.84 ? 1   DT  A C2     1 
ATOM   11  O  O2     . DT  A 1 1  ? 10.523  -20.871 -4.002  1.00   12.57 ? 1   DT  A O2     1 
ATOM   12  N  N3     . DT  A 1 1  ? 8.421   -21.056 -4.715  1.00   15.91 ? 1   DT  A N3     1 
ATOM   13  C  C4     . DT  A 1 1  ? 7.081   -20.809 -4.649  1.00   24.24 ? 1   DT  A C4     1 
ATOM   14  O  O4     . DT  A 1 1  ? 6.361   -21.143 -5.578  1.00   27.26 ? 1   DT  A O4     1 
ATOM   15  C  C5     . DT  A 1 1  ? 6.631   -20.217 -3.414  1.00   33.60 ? 1   DT  A C5     1 
ATOM   16  C  C7     . DT  A 1 1  ? 5.168   -19.951 -3.243  1.00   39.07 ? 1   DT  A C7     1 
ATOM   17  C  C6     . DT  A 1 1  ? 7.546   -19.908 -2.481  1.00   25.39 ? 1   DT  A C6     1 
ATOM   18  H  "H5'"  . DT  A 1 1  ? 9.314   -22.262 1.576   1.00   17.19 ? 1   DT  A "H5'"  1 
ATOM   19  H  "H5''" . DT  A 1 1  ? 8.766   -20.918 2.581   1.00   17.95 ? 1   DT  A "H5''" 1 
ATOM   20  H  "H4'"  . DT  A 1 1  ? 10.640  -20.182 1.190   1.00   14.52 ? 1   DT  A "H4'"  1 
ATOM   21  H  "H3'"  . DT  A 1 1  ? 7.907   -19.075 0.384   1.00   13.44 ? 1   DT  A "H3'"  1 
ATOM   22  H  "H2'"  . DT  A 1 1  ? 8.921   -17.888 -1.383  1.00   13.96 ? 1   DT  A "H2'"  1 
ATOM   23  H  "H2''" . DT  A 1 1  ? 10.539  -17.999 -0.656  1.00   14.11 ? 1   DT  A "H2''" 1 
ATOM   24  H  "H1'"  . DT  A 1 1  ? 10.893  -19.789 -1.974  1.00   13.33 ? 1   DT  A "H1'"  1 
ATOM   25  H  H3     . DT  A 1 1  ? 8.777   -21.439 -5.607  1.00   16.93 ? 1   DT  A H3     1 
ATOM   26  H  H71    . DT  A 1 1  ? 4.645   -20.161 -4.138  1.00   36.52 ? 1   DT  A H71    1 
ATOM   27  H  H72    . DT  A 1 1  ? 4.791   -20.561 -2.465  1.00   39.78 ? 1   DT  A H72    1 
ATOM   28  H  H73    . DT  A 1 1  ? 5.027   -18.933 -2.989  1.00   37.33 ? 1   DT  A H73    1 
ATOM   29  H  H6     . DT  A 1 1  ? 7.195   -19.480 -1.558  1.00   20.59 ? 1   DT  A H6     1 
ATOM   30  H  "HO5'" . DT  A 1 1  ? 7.366   -21.386 0.057   1.00   20.90 ? 1   DT  A "HO5'" 1 
ATOM   31  P  P      . DC  A 1 2  ? 8.707   -16.679 1.784   1.00   13.64 ? 2   DC  A P      1 
ATOM   32  O  OP1    . DC  A 1 2  ? 8.979   -16.341 3.207   1.00   15.71 ? 2   DC  A OP1    1 
ATOM   33  O  OP2    . DC  A 1 2  ? 7.324   -16.619 1.296   1.00   15.02 ? 2   DC  A OP2    1 
ATOM   34  O  "O5'"  . DC  A 1 2  ? 9.516   -15.701 0.846   1.00   13.25 ? 2   DC  A "O5'"  1 
ATOM   35  C  "C5'"  . DC  A 1 2  ? 10.965  -15.547 1.049   1.00   12.67 ? 2   DC  A "C5'"  1 
ATOM   36  C  "C4'"  . DC  A 1 2  ? 11.438  -14.490 0.082   1.00   11.42 ? 2   DC  A "C4'"  1 
ATOM   37  O  "O4'"  . DC  A 1 2  ? 11.209  -14.928 -1.267  1.00   11.10 ? 2   DC  A "O4'"  1 
ATOM   38  C  "C3'"  . DC  A 1 2  ? 10.759  -13.138 0.216   1.00   10.38 ? 2   DC  A "C3'"  1 
ATOM   39  O  "O3'"  . DC  A 1 2  ? 11.502  -12.367 1.185   1.00   11.05 ? 2   DC  A "O3'"  1 
ATOM   40  C  "C2'"  . DC  A 1 2  ? 10.797  -12.596 -1.217  1.00   10.38 ? 2   DC  A "C2'"  1 
ATOM   41  C  "C1'"  . DC  A 1 2  ? 10.910  -13.803 -2.109  1.00   10.39 ? 2   DC  A "C1'"  1 
ATOM   42  N  N1     . DC  A 1 2  ? 9.683   -14.112 -2.836  1.00   10.32 ? 2   DC  A N1     1 
ATOM   43  C  C2     . DC  A 1 2  ? 9.729   -14.236 -4.231  1.00   10.59 ? 2   DC  A C2     1 
ATOM   44  O  O2     . DC  A 1 2  ? 10.815  -14.073 -4.833  1.00   10.64 ? 2   DC  A O2     1 
ATOM   45  N  N3     . DC  A 1 2  ? 8.591   -14.548 -4.895  1.00   10.26 ? 2   DC  A N3     1 
ATOM   46  C  C4     . DC  A 1 2  ? 7.449   -14.769 -4.225  1.00   10.52 ? 2   DC  A C4     1 
ATOM   47  N  N4     . DC  A 1 2  ? 6.372   -15.098 -4.922  1.00   11.97 ? 2   DC  A N4     1 
ATOM   48  C  C5     . DC  A 1 2  ? 7.384   -14.684 -2.799  1.00   11.32 ? 2   DC  A C5     1 
ATOM   49  C  C6     . DC  A 1 2  ? 8.502   -14.332 -2.152  1.00   11.19 ? 2   DC  A C6     1 
ATOM   50  H  "H5'"  . DC  A 1 2  ? 11.479  -16.491 0.858   1.00   12.37 ? 2   DC  A "H5'"  1 
ATOM   51  H  "H5''" . DC  A 1 2  ? 11.172  -15.238 2.076   1.00   12.94 ? 2   DC  A "H5''" 1 
ATOM   52  H  "H4'"  . DC  A 1 2  ? 12.510  -14.339 0.255   1.00   11.49 ? 2   DC  A "H4'"  1 
ATOM   53  H  "H3'"  . DC  A 1 2  ? 9.716   -13.261 0.538   1.00   10.58 ? 2   DC  A "H3'"  1 
ATOM   54  H  "H2'"  . DC  A 1 2  ? 9.885   -12.040 -1.433  1.00   10.40 ? 2   DC  A "H2'"  1 
ATOM   55  H  "H2''" . DC  A 1 2  ? 11.659  -11.942 -1.353  1.00   10.49 ? 2   DC  A "H2''" 1 
ATOM   56  H  "H1'"  . DC  A 1 2  ? 11.734  -13.632 -2.808  1.00   10.32 ? 2   DC  A "H1'"  1 
ATOM   57  H  H41    . DC  A 1 2  ? 6.420   -15.170 -5.928  1.00   11.53 ? 2   DC  A H41    1 
ATOM   58  H  H42    . DC  A 1 2  ? 5.493   -15.251 -4.450  1.00   10.99 ? 2   DC  A H42    1 
ATOM   59  H  H5     . DC  A 1 2  ? 6.454   -14.830 -2.266  1.00   11.01 ? 2   DC  A H5     1 
ATOM   60  H  H6     . DC  A 1 2  ? 8.482   -14.253 -1.074  1.00   10.94 ? 2   DC  A H6     1 
ATOM   61  P  P      . DG  A 1 3  ? 11.030  -10.944 1.700   1.00   10.57 ? 3   DG  A P      1 
ATOM   62  O  OP1    . DG  A 1 3  ? 11.761  -10.761 2.976   1.00   12.23 ? 3   DG  A OP1    1 
ATOM   63  O  OP2    . DG  A 1 3  ? 9.546   -10.853 1.668   1.00   10.41 ? 3   DG  A OP2    1 
ATOM   64  O  "O5'"  . DG  A 1 3  ? 11.535  -9.916  0.609   1.00   9.55  ? 3   DG  A "O5'"  1 
ATOM   65  C  "C5'"  . DG  A 1 3  ? 12.958  -9.674  0.454   1.00   10.22 ? 3   DG  A "C5'"  1 
ATOM   66  C  "C4'"  . DG  A 1 3  ? 13.185  -8.960  -0.848  1.00   9.41  ? 3   DG  A "C4'"  1 
ATOM   67  O  "O4'"  . DG  A 1 3  ? 12.779  -9.803  -1.937  1.00   9.41  ? 3   DG  A "O4'"  1 
ATOM   68  C  "C3'"  . DG  A 1 3  ? 12.418  -7.655  -1.029  1.00   9.59  ? 3   DG  A "C3'"  1 
ATOM   69  O  "O3'"  . DG  A 1 3  ? 13.249  -6.597  -0.550  1.00   11.31 ? 3   DG  A "O3'"  1 
ATOM   70  C  "C2'"  . DG  A 1 3  ? 12.190  -7.561  -2.533  1.00   9.37  ? 3   DG  A "C2'"  1 
ATOM   71  C  "C1'"  . DG  A 1 3  ? 12.174  -9.034  -3.001  1.00   9.13  ? 3   DG  A "C1'"  1 
ATOM   72  N  N9     . DG  A 1 3  ? 10.839  -9.577  -3.213  1.00   8.31  ? 3   DG  A N9     1 
ATOM   73  C  C8     . DG  A 1 3  ? 9.749   -9.505  -2.362  1.00   8.60  ? 3   DG  A C8     1 
ATOM   74  N  N7     . DG  A 1 3  ? 8.702   -10.112 -2.829  1.00   8.38  ? 3   DG  A N7     1 
ATOM   75  C  C5     . DG  A 1 3  ? 9.119   -10.642 -4.052  1.00   8.23  ? 3   DG  A C5     1 
ATOM   76  C  C6     . DG  A 1 3  ? 8.381   -11.336 -5.058  1.00   8.31  ? 3   DG  A C6     1 
ATOM   77  O  O6     . DG  A 1 3  ? 7.197   -11.686 -5.050  1.00   8.83  ? 3   DG  A O6     1 
ATOM   78  N  N1     . DG  A 1 3  ? 9.161   -11.598 -6.190  1.00   8.48  ? 3   DG  A N1     1 
ATOM   79  C  C2     . DG  A 1 3  ? 10.458  -11.200 -6.349  1.00   8.47  ? 3   DG  A C2     1 
ATOM   80  N  N2     . DG  A 1 3  ? 11.034  -11.490 -7.529  1.00   9.21  ? 3   DG  A N2     1 
ATOM   81  N  N3     . DG  A 1 3  ? 11.156  -10.547 -5.428  1.00   8.35  ? 3   DG  A N3     1 
ATOM   82  C  C4     . DG  A 1 3  ? 10.433  -10.310 -4.302  1.00   8.22  ? 3   DG  A C4     1 
ATOM   83  H  "H5'"  . DG  A 1 3  ? 13.499  -10.623 0.456   1.00   9.96  ? 3   DG  A "H5'"  1 
ATOM   84  H  "H5''" . DG  A 1 3  ? 13.325  -9.066  1.282   1.00   10.35 ? 3   DG  A "H5''" 1 
ATOM   85  H  "H4'"  . DG  A 1 3  ? 14.259  -8.746  -0.936  1.00   9.83  ? 3   DG  A "H4'"  1 
ATOM   86  H  "H3'"  . DG  A 1 3  ? 11.454  -7.689  -0.503  1.00   9.74  ? 3   DG  A "H3'"  1 
ATOM   87  H  "H2'"  . DG  A 1 3  ? 11.237  -7.073  -2.752  1.00   9.39  ? 3   DG  A "H2'"  1 
ATOM   88  H  "H2''" . DG  A 1 3  ? 12.999  -7.010  -3.015  1.00   9.40  ? 3   DG  A "H2''" 1 
ATOM   89  H  "H1'"  . DG  A 1 3  ? 12.776  -9.121  -3.916  1.00   9.11  ? 3   DG  A "H1'"  1 
ATOM   90  H  H8     . DG  A 1 3  ? 9.812   -9.081  -1.370  1.00   8.72  ? 3   DG  A H8     1 
ATOM   91  H  H1     . DG  A 1 3  ? 8.702   -12.098 -6.978  1.00   8.52  ? 3   DG  A H1     1 
ATOM   92  H  H21    . DG  A 1 3  ? 10.538  -12.031 -8.221  1.00   9.10  ? 3   DG  A H21    1 
ATOM   93  H  H22    . DG  A 1 3  ? 12.008  -11.265 -7.678  1.00   9.01  ? 3   DG  A H22    1 
ATOM   94  P  P      . DG  A 1 4  ? 12.664  -5.332  0.197   1.00   13.56 ? 4   DG  A P      1 
ATOM   95  O  OP1    . DG  A 1 4  ? 13.842  -4.569  0.629   1.00   17.55 ? 4   DG  A OP1    1 
ATOM   96  O  OP2    . DG  A 1 4  ? 11.645  -5.756  1.186   1.00   17.22 ? 4   DG  A OP2    1 
ATOM   97  O  "O5'"  . DG  A 1 4  ? 11.855  -4.527  -0.922  1.00   11.41 ? 4   DG  A "O5'"  1 
ATOM   98  C  "C5'"  . DG  A 1 4  ? 12.597  -3.884  -1.986  1.00   11.53 ? 4   DG  A "C5'"  1 
ATOM   99  C  "C4'"  . DG  A 1 4  ? 11.620  -3.164  -2.859  1.00   10.26 ? 4   DG  A "C4'"  1 
ATOM   100 O  "O4'"  . DG  A 1 4  ? 10.743  -4.125  -3.479  1.00   10.34 ? 4   DG  A "O4'"  1 
ATOM   101 C  "C3'"  . DG  A 1 4  ? 10.721  -2.178  -2.149  1.00   11.06 ? 4   DG  A "C3'"  1 
ATOM   102 O  "O3'"  . DG  A 1 4  ? 10.495  -1.095  -3.059  1.00   12.83 ? 4   DG  A "O3'"  1 
ATOM   103 C  "C2'"  . DG  A 1 4  ? 9.434   -2.950  -1.947  1.00   10.78 ? 4   DG  A "C2'"  1 
ATOM   104 C  "C1'"  . DG  A 1 4  ? 9.381   -3.794  -3.194  1.00   9.83  ? 4   DG  A "C1'"  1 
ATOM   105 N  N9     . DG  A 1 4  ? 8.621   -5.025  -3.094  1.00   9.35  ? 4   DG  A N9     1 
ATOM   106 C  C8     . DG  A 1 4  ? 8.528   -5.885  -2.021  1.00   9.95  ? 4   DG  A C8     1 
ATOM   107 N  N7     . DG  A 1 4  ? 7.733   -6.906  -2.250  1.00   9.75  ? 4   DG  A N7     1 
ATOM   108 C  C5     . DG  A 1 4  ? 7.262   -6.685  -3.538  1.00   8.73  ? 4   DG  A C5     1 
ATOM   109 C  C6     . DG  A 1 4  ? 6.368   -7.449  -4.304  1.00   8.58  ? 4   DG  A C6     1 
ATOM   110 O  O6     . DG  A 1 4  ? 5.831   -8.519  -3.983  1.00   9.01  ? 4   DG  A O6     1 
ATOM   111 N  N1     . DG  A 1 4  ? 6.127   -6.883  -5.554  1.00   8.56  ? 4   DG  A N1     1 
ATOM   112 C  C2     . DG  A 1 4  ? 6.746   -5.760  -6.011  1.00   8.55  ? 4   DG  A C2     1 
ATOM   113 N  N2     . DG  A 1 4  ? 6.463   -5.408  -7.281  1.00   9.63  ? 4   DG  A N2     1 
ATOM   114 N  N3     . DG  A 1 4  ? 7.598   -5.027  -5.307  1.00   8.74  ? 4   DG  A N3     1 
ATOM   115 C  C4     . DG  A 1 4  ? 7.809   -5.540  -4.070  1.00   8.92  ? 4   DG  A C4     1 
ATOM   116 H  "H5'"  . DG  A 1 4  ? 13.141  -4.631  -2.569  1.00   11.58 ? 4   DG  A "H5'"  1 
ATOM   117 H  "H5''" . DG  A 1 4  ? 13.317  -3.177  -1.570  1.00   11.63 ? 4   DG  A "H5''" 1 
ATOM   118 H  "H4'"  . DG  A 1 4  ? 12.184  -2.629  -3.636  1.00   10.36 ? 4   DG  A "H4'"  1 
ATOM   119 H  "H3'"  . DG  A 1 4  ? 11.154  -1.853  -1.192  1.00   10.89 ? 4   DG  A "H3'"  1 
ATOM   120 H  "H2'"  . DG  A 1 4  ? 9.479   -3.552  -1.040  1.00   10.68 ? 4   DG  A "H2'"  1 
ATOM   121 H  "H2''" . DG  A 1 4  ? 8.573   -2.283  -1.895  1.00   10.44 ? 4   DG  A "H2''" 1 
ATOM   122 H  "H1'"  . DG  A 1 4  ? 8.973   -3.169  -3.997  1.00   10.16 ? 4   DG  A "H1'"  1 
ATOM   123 H  H8     . DG  A 1 4  ? 9.051   -5.733  -1.088  1.00   10.07 ? 4   DG  A H8     1 
ATOM   124 H  H1     . DG  A 1 4  ? 5.530   -7.417  -6.212  1.00   8.45  ? 4   DG  A H1     1 
ATOM   125 H  H21    . DG  A 1 4  ? 5.810   -5.942  -7.833  1.00   9.52  ? 4   DG  A H21    1 
ATOM   126 H  H22    . DG  A 1 4  ? 6.847   -4.554  -7.648  1.00   9.21  ? 4   DG  A H22    1 
ATOM   127 P  P      . DC  A 1 5  ? 9.858   0.295   -2.605  1.00   13.37 ? 5   DC  A P      1 
ATOM   128 O  OP1    . DC  A 1 5  ? 10.922  1.337   -2.588  1.00   15.82 ? 5   DC  A OP1    1 
ATOM   129 O  OP2    . DC  A 1 5  ? 9.083   0.186   -1.382  1.00   14.70 ? 5   DC  A OP2    1 
ATOM   130 O  "O5'"  . DC  A 1 5  ? 8.860   0.568   -3.854  1.00   11.34 ? 5   DC  A "O5'"  1 
ATOM   131 C  "C5'"  . DC  A 1 5  ? 9.412   0.794   -5.143  1.00   11.20 ? 5   DC  A "C5'"  1 
ATOM   132 C  "C4'"  . DC  A 1 5  ? 8.354   0.595   -6.192  1.00   10.60 ? 5   DC  A "C4'"  1 
ATOM   133 O  "O4'"  . DC  A 1 5  ? 7.962   -0.800  -6.197  1.00   10.73 ? 5   DC  A "O4'"  1 
ATOM   134 C  "C3'"  . DC  A 1 5  ? 7.029   1.296   -6.060  1.00   10.27 ? 5   DC  A "C3'"  1 
ATOM   135 O  "O3'"  . DC  A 1 5  ? 7.178   2.618   -6.649  1.00   10.27 ? 5   DC  A "O3'"  1 
ATOM   136 C  "C2'"  . DC  A 1 5  ? 6.059   0.389   -6.818  1.00   11.22 ? 5   DC  A "C2'"  1 
ATOM   137 C  "C1'"  . DC  A 1 5  ? 6.609   -0.993  -6.569  1.00   10.60 ? 5   DC  A "C1'"  1 
ATOM   138 N  N1     . DC  A 1 5  ? 5.964   -1.776  -5.503  1.00   9.93  ? 5   DC  A N1     1 
ATOM   139 C  C2     . DC  A 1 5  ? 4.993   -2.672  -5.881  1.00   9.89  ? 5   DC  A C2     1 
ATOM   140 O  O2     . DC  A 1 5  ? 4.575   -2.636  -7.057  1.00   11.90 ? 5   DC  A O2     1 
ATOM   141 N  N3     . DC  A 1 5  ? 4.551   -3.586  -4.992  1.00   9.69  ? 5   DC  A N3     1 
ATOM   142 C  C4     . DC  A 1 5  ? 5.023   -3.580  -3.737  1.00   8.93  ? 5   DC  A C4     1 
ATOM   143 N  N4     . DC  A 1 5  ? 4.657   -4.585  -2.946  1.00   8.71  ? 5   DC  A N4     1 
ATOM   144 C  C5     . DC  A 1 5  ? 5.891   -2.582  -3.270  1.00   9.98  ? 5   DC  A C5     1 
ATOM   145 C  C6     . DC  A 1 5  ? 6.347   -1.690  -4.186  1.00   10.37 ? 5   DC  A C6     1 
ATOM   146 H  "H5'"  . DC  A 1 5  ? 10.239  0.105   -5.325  1.00   11.15 ? 5   DC  A "H5'"  1 
ATOM   147 H  "H5''" . DC  A 1 5  ? 9.801   1.813   -5.203  1.00   11.04 ? 5   DC  A "H5''" 1 
ATOM   148 H  "H4'"  . DC  A 1 5  ? 8.786   0.859   -7.165  1.00   10.62 ? 5   DC  A "H4'"  1 
ATOM   149 H  "H3'"  . DC  A 1 5  ? 6.733   1.354   -5.003  1.00   10.74 ? 5   DC  A "H3'"  1 
ATOM   150 H  "H2'"  . DC  A 1 5  ? 5.043   0.482   -6.431  1.00   10.63 ? 5   DC  A "H2'"  1 
ATOM   151 H  "H2''" . DC  A 1 5  ? 6.068   0.613   -7.885  1.00   10.98 ? 5   DC  A "H2''" 1 
ATOM   152 H  "H1'"  . DC  A 1 5  ? 6.575   -1.546  -7.512  1.00   10.57 ? 5   DC  A "H1'"  1 
ATOM   153 H  H41    . DC  A 1 5  ? 3.900   -5.185  -3.239  1.00   8.92  ? 5   DC  A H41    1 
ATOM   154 H  H42    . DC  A 1 5  ? 4.892   -4.542  -1.965  1.00   8.85  ? 5   DC  A H42    1 
ATOM   155 H  H5     . DC  A 1 5  ? 6.342   -2.652  -2.289  1.00   10.14 ? 5   DC  A H5     1 
ATOM   156 H  H6     . DC  A 1 5  ? 7.157   -1.034  -3.904  1.00   10.15 ? 5   DC  A H6     1 
ATOM   157 P  P      . DG  A 1 6  ? 6.253   3.811   -6.246  1.00   11.69 ? 6   DG  A P      1 
ATOM   158 O  OP1    . DG  A 1 6  ? 6.750   4.964   -6.999  1.00   16.07 ? 6   DG  A OP1    1 
ATOM   159 O  OP2    . DG  A 1 6  ? 6.146   3.841   -4.773  1.00   15.24 ? 6   DG  A OP2    1 
ATOM   160 O  "O5'"  . DG  A 1 6  ? 4.801   3.425   -6.718  1.00   11.37 ? 6   DG  A "O5'"  1 
ATOM   161 C  "C5'"  . DG  A 1 6  ? 4.529   3.312   -8.116  1.00   11.28 ? 6   DG  A "C5'"  1 
ATOM   162 C  "C4'"  . DG  A 1 6  ? 3.047   3.142   -8.265  1.00   12.14 ? 6   DG  A "C4'"  1 
ATOM   163 O  "O4'"  . DG  A 1 6  ? 2.634   1.898   -7.656  1.00   13.77 ? 6   DG  A "O4'"  1 
ATOM   164 C  "C3'"  . DG  A 1 6  ? 2.263   4.260   -7.536  1.00   13.57 ? 6   DG  A "C3'"  1 
ATOM   165 O  "O3'"  . DG  A 1 6  ? 1.179   4.579   -8.370  1.00   14.69 ? 6   DG  A "O3'"  1 
ATOM   166 C  "C2'"  . DG  A 1 6  ? 1.827   3.602   -6.216  1.00   12.66 ? 6   DG  A "C2'"  1 
ATOM   167 C  "C1'"  . DG  A 1 6  ? 1.747   2.125   -6.554  1.00   11.47 ? 6   DG  A "C1'"  1 
ATOM   168 N  N9     . DG  A 1 6  ? 2.162   1.261   -5.466  1.00   10.92 ? 6   DG  A N9     1 
ATOM   169 C  C8     . DG  A 1 6  ? 3.190   1.439   -4.594  1.00   10.80 ? 6   DG  A C8     1 
ATOM   170 N  N7     . DG  A 1 6  ? 3.331   0.432   -3.778  1.00   9.82  ? 6   DG  A N7     1 
ATOM   171 C  C5     . DG  A 1 6  ? 2.340   -0.458  -4.120  1.00   9.58  ? 6   DG  A C5     1 
ATOM   172 C  C6     . DG  A 1 6  ? 1.955   -1.727  -3.534  1.00   8.71  ? 6   DG  A C6     1 
ATOM   173 O  O6     . DG  A 1 6  ? 2.411   -2.279  -2.534  1.00   8.74  ? 6   DG  A O6     1 
ATOM   174 N  N1     . DG  A 1 6  ? 0.900   -2.317  -4.199  1.00   10.06 ? 6   DG  A N1     1 
ATOM   175 C  C2     . DG  A 1 6  ? 0.223   -1.717  -5.254  1.00   11.33 ? 6   DG  A C2     1 
ATOM   176 N  N2     . DG  A 1 6  ? -0.800  -2.418  -5.761  1.00   13.14 ? 6   DG  A N2     1 
ATOM   177 N  N3     . DG  A 1 6  ? 0.550   -0.536  -5.779  1.00   11.79 ? 6   DG  A N3     1 
ATOM   178 C  C4     . DG  A 1 6  ? 1.606   0.034   -5.161  1.00   10.63 ? 6   DG  A C4     1 
ATOM   179 H  "H5'"  . DG  A 1 6  ? 5.052   2.457   -8.543  1.00   11.32 ? 6   DG  A "H5'"  1 
ATOM   180 H  "H5''" . DG  A 1 6  ? 4.852   4.214   -8.640  1.00   11.19 ? 6   DG  A "H5''" 1 
ATOM   181 H  "H4'"  . DG  A 1 6  ? 2.789   3.148   -9.334  1.00   12.68 ? 6   DG  A "H4'"  1 
ATOM   182 H  "H3'"  . DG  A 1 6  ? 2.906   5.130   -7.347  1.00   13.43 ? 6   DG  A "H3'"  1 
ATOM   183 H  "H2'"  . DG  A 1 6  ? 2.554   3.809   -5.433  1.00   13.02 ? 6   DG  A "H2'"  1 
ATOM   184 H  "H2''" . DG  A 1 6  ? 0.855   3.972   -5.893  1.00   12.73 ? 6   DG  A "H2''" 1 
ATOM   185 H  "H1'"  . DG  A 1 6  ? 0.715   1.892   -6.852  1.00   11.60 ? 6   DG  A "H1'"  1 
ATOM   186 H  H8     . DG  A 1 6  ? 3.842   2.300   -4.590  1.00   10.81 ? 6   DG  A H8     1 
ATOM   187 H  H1     . DG  A 1 6  ? 0.541   -3.219  -3.829  1.00   9.96  ? 6   DG  A H1     1 
ATOM   188 H  H21    . DG  A 1 6  ? -1.059  -3.308  -5.367  1.00   12.12 ? 6   DG  A H21    1 
ATOM   189 H  H22    . DG  A 1 6  ? -1.314  -2.053  -6.550  1.00   12.15 ? 6   DG  A H22    1 
ATOM   190 P  P      . DC  A 1 7  ? 0.131   5.746   -7.991  1.00   21.38 ? 7   DC  A P      1 
ATOM   191 O  OP1    . DC  A 1 7  ? -0.332  6.290   -9.325  1.00   79.49 ? 7   DC  A OP1    1 
ATOM   192 O  OP2    . DC  A 1 7  ? 0.747   6.645   -7.002  1.00   23.69 ? 7   DC  A OP2    1 
ATOM   193 O  "O5'"  . DC  A 1 7  ? -1.019  4.999   -7.222  1.00   15.97 ? 7   DC  A "O5'"  1 
ATOM   194 C  "C5'"  . DC  A 1 7  ? -1.876  4.137   -7.957  1.00   14.30 ? 7   DC  A "C5'"  1 
ATOM   195 C  "C4'"  . DC  A 1 7  ? -2.718  3.311   -7.034  1.00   11.71 ? 7   DC  A "C4'"  1 
ATOM   196 O  "O4'"  . DC  A 1 7  ? -1.892  2.419   -6.322  1.00   11.16 ? 7   DC  A "O4'"  1 
ATOM   197 C  "C3'"  . DC  A 1 7  ? -3.415  4.099   -5.934  1.00   11.60 ? 7   DC  A "C3'"  1 
ATOM   198 O  "O3'"  . DC  A 1 7  ? -4.594  4.699   -6.469  1.00   12.16 ? 7   DC  A "O3'"  1 
ATOM   199 C  "C2'"  . DC  A 1 7  ? -3.712  3.010   -4.917  1.00   11.38 ? 7   DC  A "C2'"  1 
ATOM   200 C  "C1'"  . DC  A 1 7  ? -2.627  1.978   -5.165  1.00   10.82 ? 7   DC  A "C1'"  1 
ATOM   201 N  N1     . DC  A 1 7  ? -1.637  1.782   -4.095  1.00   9.91  ? 7   DC  A N1     1 
ATOM   202 C  C2     . DC  A 1 7  ? -1.606  0.586   -3.390  1.00   9.69  ? 7   DC  A C2     1 
ATOM   203 O  O2     . DC  A 1 7  ? -2.454  -0.293  -3.630  1.00   10.39 ? 7   DC  A O2     1 
ATOM   204 N  N3     . DC  A 1 7  ? -0.652  0.406   -2.440  1.00   9.63  ? 7   DC  A N3     1 
ATOM   205 C  C4     . DC  A 1 7  ? 0.238   1.370   -2.199  1.00   9.50  ? 7   DC  A C4     1 
ATOM   206 N  N4     . DC  A 1 7  ? 1.131   1.164   -1.233  1.00   10.13 ? 7   DC  A N4     1 
ATOM   207 C  C5     . DC  A 1 7  ? 0.209   2.623   -2.877  1.00   10.65 ? 7   DC  A C5     1 
ATOM   208 C  C6     . DC  A 1 7  ? -0.727  2.781   -3.818  1.00   10.45 ? 7   DC  A C6     1 
ATOM   209 H  "H5'"  . DC  A 1 7  ? -1.279  3.478   -8.590  1.00   14.22 ? 7   DC  A "H5'"  1 
ATOM   210 H  "H5''" . DC  A 1 7  ? -2.522  4.732   -8.605  1.00   13.60 ? 7   DC  A "H5''" 1 
ATOM   211 H  "H4'"  . DC  A 1 7  ? -3.467  2.757   -7.618  1.00   11.86 ? 7   DC  A "H4'"  1 
ATOM   212 H  "H3'"  . DC  A 1 7  ? -2.736  4.842   -5.494  1.00   11.90 ? 7   DC  A "H3'"  1 
ATOM   213 H  "H2'"  . DC  A 1 7  ? -3.650  3.403   -3.899  1.00   11.83 ? 7   DC  A "H2'"  1 
ATOM   214 H  "H2''" . DC  A 1 7  ? -4.702  2.582   -5.082  1.00   11.51 ? 7   DC  A "H2''" 1 
ATOM   215 H  "H1'"  . DC  A 1 7  ? -3.117  1.029   -5.415  1.00   10.50 ? 7   DC  A "H1'"  1 
ATOM   216 H  H41    . DC  A 1 7  ? 1.138   0.293   -0.724  1.00   10.09 ? 7   DC  A H41    1 
ATOM   217 H  H42    . DC  A 1 7  ? 1.810   1.879   -1.014  1.00   9.83  ? 7   DC  A H42    1 
ATOM   218 H  H5     . DC  A 1 7  ? 0.941   3.394   -2.673  1.00   10.08 ? 7   DC  A H5     1 
ATOM   219 H  H6     . DC  A 1 7  ? -0.756  3.697   -4.392  1.00   10.47 ? 7   DC  A H6     1 
ATOM   220 P  P      . DC  A 1 8  ? -5.089  6.156   -5.984  1.00   14.06 ? 8   DC  A P      1 
ATOM   221 O  OP1    . DC  A 1 8  ? -6.176  6.537   -6.896  1.00   16.89 ? 8   DC  A OP1    1 
ATOM   222 O  OP2    . DC  A 1 8  ? -3.937  7.084   -5.774  1.00   16.72 ? 8   DC  A OP2    1 
ATOM   223 O  "O5'"  . DC  A 1 8  ? -5.675  5.942   -4.554  1.00   12.17 ? 8   DC  A "O5'"  1 
ATOM   224 C  "C5'"  . DC  A 1 8  ? -6.851  5.132   -4.366  1.00   11.58 ? 8   DC  A "C5'"  1 
ATOM   225 C  "C4'"  . DC  A 1 8  ? -7.157  5.126   -2.894  1.00   11.28 ? 8   DC  A "C4'"  1 
ATOM   226 O  "O4'"  . DC  A 1 8  ? -6.106  4.437   -2.218  1.00   12.25 ? 8   DC  A "O4'"  1 
ATOM   227 C  "C3'"  . DC  A 1 8  ? -7.284  6.486   -2.200  1.00   11.87 ? 8   DC  A "C3'"  1 
ATOM   228 O  "O3'"  . DC  A 1 8  ? -8.655  6.628   -1.792  1.00   12.99 ? 8   DC  A "O3'"  1 
ATOM   229 C  "C2'"  . DC  A 1 8  ? -6.293  6.449   -1.049  1.00   11.25 ? 8   DC  A "C2'"  1 
ATOM   230 C  "C1'"  . DC  A 1 8  ? -5.914  4.976   -0.923  1.00   10.53 ? 8   DC  A "C1'"  1 
ATOM   231 N  N1     . DC  A 1 8  ? -4.494  4.746   -0.576  1.00   10.29 ? 8   DC  A N1     1 
ATOM   232 C  C2     . DC  A 1 8  ? -4.151  3.932   0.491   1.00   9.21  ? 8   DC  A C2     1 
ATOM   233 O  O2     . DC  A 1 8  ? -5.044  3.520   1.242   1.00   9.96  ? 8   DC  A O2     1 
ATOM   234 N  N3     . DC  A 1 8  ? -2.834  3.651   0.702   1.00   9.32  ? 8   DC  A N3     1 
ATOM   235 C  C4     . DC  A 1 8  ? -1.899  4.158   -0.111  1.00   10.10 ? 8   DC  A C4     1 
ATOM   236 N  N4     . DC  A 1 8  ? -0.615  3.840   0.121   1.00   10.33 ? 8   DC  A N4     1 
ATOM   237 C  C5     . DC  A 1 8  ? -2.240  5.002   -1.207  1.00   11.18 ? 8   DC  A C5     1 
ATOM   238 C  C6     . DC  A 1 8  ? -3.539  5.249   -1.414  1.00   11.01 ? 8   DC  A C6     1 
ATOM   239 H  "H5'"  . DC  A 1 8  ? -6.669  4.115   -4.717  1.00   11.92 ? 8   DC  A "H5'"  1 
ATOM   240 H  "H5''" . DC  A 1 8  ? -7.692  5.550   -4.923  1.00   11.60 ? 8   DC  A "H5''" 1 
ATOM   241 H  "H4'"  . DC  A 1 8  ? -8.098  4.580   -2.745  1.00   11.60 ? 8   DC  A "H4'"  1 
ATOM   242 H  "H3'"  . DC  A 1 8  ? -6.998  7.279   -2.902  1.00   11.68 ? 8   DC  A "H3'"  1 
ATOM   243 H  "H2'"  . DC  A 1 8  ? -5.429  7.079   -1.265  1.00   11.35 ? 8   DC  A "H2'"  1 
ATOM   244 H  "H2''" . DC  A 1 8  ? -6.759  6.795   -0.127  1.00   11.45 ? 8   DC  A "H2''" 1 
ATOM   245 H  "H1'"  . DC  A 1 8  ? -6.594  4.492   -0.208  1.00   10.49 ? 8   DC  A "H1'"  1 
ATOM   246 H  H41    . DC  A 1 8  ? -0.369  3.283   0.925   1.00   10.45 ? 8   DC  A H41    1 
ATOM   247 H  H42    . DC  A 1 8  ? 0.111   4.222   -0.468  1.00   10.34 ? 8   DC  A H42    1 
ATOM   248 H  H5     . DC  A 1 8  ? -1.484  5.371   -1.890  1.00   11.14 ? 8   DC  A H5     1 
ATOM   249 H  H6     . DC  A 1 8  ? -3.835  5.841   -2.270  1.00   10.79 ? 8   DC  A H6     1 
ATOM   250 P  P      A DI  A 1 9  ? -9.374  7.915   -1.284  0.50   17.94 ? 9   DI  A P      1 
ATOM   251 P  P      B DI  A 1 9  ? -9.189  8.090   -1.411  0.50   14.79 ? 9   DI  A P      1 
ATOM   252 O  OP1    A DI  A 1 9  ? -10.841 7.718   -1.507  0.50   17.85 ? 9   DI  A OP1    1 
ATOM   253 O  OP1    B DI  A 1 9  ? -10.619 8.087   -1.726  0.50   18.35 ? 9   DI  A OP1    1 
ATOM   254 O  OP2    A DI  A 1 9  ? -8.667  9.070   -1.842  0.50   16.95 ? 9   DI  A OP2    1 
ATOM   255 O  OP2    B DI  A 1 9  ? -8.317  9.186   -2.010  0.50   17.92 ? 9   DI  A OP2    1 
ATOM   256 O  "O5'"  A DI  A 1 9  ? -9.038  7.984   0.272   0.50   17.52 ? 9   DI  A "O5'"  1 
ATOM   257 O  "O5'"  B DI  A 1 9  ? -8.976  8.183   0.172   0.50   13.48 ? 9   DI  A "O5'"  1 
ATOM   258 C  "C5'"  A DI  A 1 9  ? -9.638  7.061   1.184   0.50   16.84 ? 9   DI  A "C5'"  1 
ATOM   259 C  "C5'"  B DI  A 1 9  ? -9.611  7.234   0.986   0.50   12.89 ? 9   DI  A "C5'"  1 
ATOM   260 C  "C4'"  A DI  A 1 9  ? -8.992  7.108   2.559   0.50   14.77 ? 9   DI  A "C4'"  1 
ATOM   261 C  "C4'"  B DI  A 1 9  ? -8.986  7.417   2.341   0.50   14.34 ? 9   DI  A "C4'"  1 
ATOM   262 O  "O4'"  A DI  A 1 9  ? -7.624  6.700   2.433   0.50   14.51 ? 9   DI  A "O4'"  1 
ATOM   263 O  "O4'"  B DI  A 1 9  ? -7.647  6.917   2.300   0.50   12.58 ? 9   DI  A "O4'"  1 
ATOM   264 C  "C3'"  A DI  A 1 9  ? -8.965  8.506   3.178   0.50   16.24 ? 9   DI  A "C3'"  1 
ATOM   265 C  "C3'"  B DI  A 1 9  ? -8.974  8.879   2.742   0.50   15.79 ? 9   DI  A "C3'"  1 
ATOM   266 O  "O3'"  A DI  A 1 9  ? -9.019  8.316   4.591   0.50   16.04 ? 9   DI  A "O3'"  1 
ATOM   267 O  "O3'"  B DI  A 1 9  ? -9.546  9.005   4.059   0.50   21.87 ? 9   DI  A "O3'"  1 
ATOM   268 C  "C2'"  A DI  A 1 9  ? -7.587  9.033   2.815   0.50   15.08 ? 9   DI  A "C2'"  1 
ATOM   269 C  "C2'"  B DI  A 1 9  ? -7.479  9.198   2.846   0.50   14.41 ? 9   DI  A "C2'"  1 
ATOM   270 C  "C1'"  A DI  A 1 9  ? -6.821  7.711   3.035   0.50   13.49 ? 9   DI  A "C1'"  1 
ATOM   271 C  "C1'"  B DI  A 1 9  ? -6.822  7.814   3.036   0.50   13.00 ? 9   DI  A "C1'"  1 
ATOM   272 N  N9     A DI  A 1 9  ? -5.467  7.651   2.453   0.50   12.80 ? 9   DI  A N9     1 
ATOM   273 N  N9     B DI  A 1 9  ? -5.464  7.727   2.492   0.50   12.19 ? 9   DI  A N9     1 
ATOM   274 C  C8     A DI  A 1 9  ? -4.946  8.317   1.394   0.50   12.67 ? 9   DI  A C8     1 
ATOM   275 C  C8     B DI  A 1 9  ? -4.923  8.418   1.466   0.50   12.72 ? 9   DI  A C8     1 
ATOM   276 N  N7     A DI  A 1 9  ? -3.705  7.978   1.137   0.50   11.60 ? 9   DI  A N7     1 
ATOM   277 N  N7     B DI  A 1 9  ? -3.677  8.071   1.241   0.50   13.73 ? 9   DI  A N7     1 
ATOM   278 C  C5     A DI  A 1 9  ? -3.418  7.045   2.099   0.50   11.57 ? 9   DI  A C5     1 
ATOM   279 C  C5     B DI  A 1 9  ? -3.414  7.081   2.138   0.50   12.26 ? 9   DI  A C5     1 
ATOM   280 C  C6     A DI  A 1 9  ? -2.235  6.298   2.467   0.50   12.07 ? 9   DI  A C6     1 
ATOM   281 C  C6     B DI  A 1 9  ? -2.242  6.296   2.472   0.50   11.56 ? 9   DI  A C6     1 
ATOM   282 O  O6     A DI  A 1 9  ? -1.105  6.376   1.904   0.50   11.71 ? 9   DI  A O6     1 
ATOM   283 O  O6     B DI  A 1 9  ? -1.115  6.398   1.905   0.50   11.87 ? 9   DI  A O6     1 
ATOM   284 N  N1     A DI  A 1 9  ? -2.422  5.427   3.489   0.50   11.41 ? 9   DI  A N1     1 
ATOM   285 N  N1     B DI  A 1 9  ? -2.438  5.365   3.466   0.50   9.93  ? 9   DI  A N1     1 
ATOM   286 C  C2     A DI  A 1 9  ? -3.558  5.248   4.162   0.50   12.58 ? 9   DI  A C2     1 
ATOM   287 C  C2     B DI  A 1 9  ? -3.583  5.203   4.203   0.50   10.18 ? 9   DI  A C2     1 
ATOM   288 N  N3     A DI  A 1 9  ? -4.648  5.950   3.962   0.50   12.75 ? 9   DI  A N3     1 
ATOM   289 N  N3     B DI  A 1 9  ? -4.674  5.920   3.942   0.50   11.41 ? 9   DI  A N3     1 
ATOM   290 C  C4     A DI  A 1 9  ? -4.538  6.793   2.938   0.50   11.50 ? 9   DI  A C4     1 
ATOM   291 C  C4     B DI  A 1 9  ? -4.557  6.829   2.961   0.50   12.18 ? 9   DI  A C4     1 
ATOM   292 H  "H5'"  A DI  A 1 9  ? -9.550  6.051   0.780   0.50   17.25 ? 9   DI  A "H5'"  1 
ATOM   293 H  "H5'"  B DI  A 1 9  ? -9.437  6.220   0.620   0.50   13.17 ? 9   DI  A "H5'"  1 
ATOM   294 H  "H5''" A DI  A 1 9  ? -10.701 7.289   1.278   0.50   16.10 ? 9   DI  A "H5''" 1 
ATOM   295 H  "H5''" B DI  A 1 9  ? -10.686 7.421   1.029   0.50   13.06 ? 9   DI  A "H5''" 1 
ATOM   296 H  "H4'"  A DI  A 1 9  ? -9.531  6.426   3.233   0.50   15.03 ? 9   DI  A "H4'"  1 
ATOM   297 H  "H4'"  B DI  A 1 9  ? -9.571  6.855   3.080   0.50   13.91 ? 9   DI  A "H4'"  1 
ATOM   298 H  "H3'"  A DI  A 1 9  ? -9.772  9.146   2.790   0.50   16.38 ? 9   DI  A "H3'"  1 
ATOM   299 H  "H3'"  B DI  A 1 9  ? -9.474  9.511   1.994   0.50   16.13 ? 9   DI  A "H3'"  1 
ATOM   300 H  "H2'"  A DI  A 1 9  ? -7.537  9.370   1.778   0.50   15.29 ? 9   DI  A "H2'"  1 
ATOM   301 H  "H2'"  B DI  A 1 9  ? -7.119  9.679   1.935   0.50   14.74 ? 9   DI  A "H2'"  1 
ATOM   302 H  "H2''" A DI  A 1 9  ? -7.255  9.818   3.497   0.50   14.88 ? 9   DI  A "H2''" 1 
ATOM   303 H  "H2''" B DI  A 1 9  ? -7.277  9.846   3.701   0.50   14.07 ? 9   DI  A "H2''" 1 
ATOM   304 H  "H1'"  A DI  A 1 9  ? -6.758  7.532   4.117   0.50   13.89 ? 9   DI  A "H1'"  1 
ATOM   305 H  "H1'"  B DI  A 1 9  ? -6.827  7.555   4.105   0.50   13.22 ? 9   DI  A "H1'"  1 
ATOM   306 H  H8     A DI  A 1 9  ? -5.490  9.058   0.834   0.50   12.75 ? 9   DI  A H8     1 
ATOM   307 H  H8     B DI  A 1 9  ? -5.439  9.197   0.929   0.50   13.14 ? 9   DI  A H8     1 
ATOM   308 H  H1     A DI  A 1 9  ? -1.608  4.853   3.769   0.50   11.74 ? 9   DI  A H1     1 
ATOM   309 H  H1     B DI  A 1 9  ? -1.620  4.785   3.727   0.50   10.23 ? 9   DI  A H1     1 
ATOM   310 H  H2     A DI  A 1 9  ? -3.551  4.565   5.000   0.50   12.62 ? 9   DI  A H2     1 
ATOM   311 H  H2     B DI  A 1 9  ? -3.617  4.457   4.985   0.50   10.75 ? 9   DI  A H2     1 
ATOM   312 P  P      A DA  A 1 10 ? -10.002 9.199   5.482   0.50   18.95 ? 10  DA  A P      1 
ATOM   313 P  P      B DA  A 1 10 ? -10.887 9.878   4.330   0.50   79.10 ? 10  DA  A P      1 
ATOM   314 O  OP1    A DA  A 1 10 ? -9.844  10.691  5.244   0.50   31.91 ? 10  DA  A OP1    1 
ATOM   315 O  OP1    B DA  A 1 10 ? -10.857 11.065  3.444   0.50   54.77 ? 10  DA  A OP1    1 
ATOM   316 O  OP2    A DA  A 1 10 ? -9.963  8.670   6.947   0.50   22.15 ? 10  DA  A OP2    1 
ATOM   317 O  OP2    B DA  A 1 10 ? -11.029 9.981   5.796   0.50   70.71 ? 10  DA  A OP2    1 
ATOM   318 O  "O5'"  A DA  A 1 10 ? -11.387 9.075   4.805   0.50   24.83 ? 10  DA  A "O5'"  1 
ATOM   319 O  "O5'"  B DA  A 1 10 ? -12.014 9.042   3.593   0.50   46.68 ? 10  DA  A "O5'"  1 
ATOM   320 C  "C5'"  A DA  A 1 10 ? -12.007 7.804   5.044   0.50   21.13 ? 10  DA  A "C5'"  1 
ATOM   321 C  "C5'"  B DA  A 1 10 ? -12.836 8.112   4.328   0.50   25.21 ? 10  DA  A "C5'"  1 
ATOM   322 C  "C4'"  A DA  A 1 10 ? -13.210 7.684   4.148   0.50   18.78 ? 10  DA  A "C4'"  1 
ATOM   323 C  "C4'"  B DA  A 1 10 ? -13.911 7.632   3.391   0.50   25.15 ? 10  DA  A "C4'"  1 
ATOM   324 O  "O4'"  A DA  A 1 10 ? -12.733 7.147   2.901   0.50   17.75 ? 10  DA  A "O4'"  1 
ATOM   325 O  "O4'"  B DA  A 1 10 ? -13.285 6.942   2.286   0.50   29.27 ? 10  DA  A "O4'"  1 
ATOM   326 C  "C3'"  A DA  A 1 10 ? -14.301 6.757   4.633   0.50   19.66 ? 10  DA  A "C3'"  1 
ATOM   327 C  "C3'"  B DA  A 1 10 ? -14.850 6.608   4.007   0.50   34.32 ? 10  DA  A "C3'"  1 
ATOM   328 O  "O3'"  A DA  A 1 10 ? -15.543 7.274   4.105   0.50   20.78 ? 10  DA  A "O3'"  1 
ATOM   329 O  "O3'"  B DA  A 1 10 ? -16.086 6.676   3.287   0.50   40.35 ? 10  DA  A "O3'"  1 
ATOM   330 C  "C2'"  A DA  A 1 10 ? -13.975 5.447   3.940   0.50   23.46 ? 10  DA  A "C2'"  1 
ATOM   331 C  "C2'"  B DA  A 1 10 ? -14.122 5.302   3.768   0.50   25.45 ? 10  DA  A "C2'"  1 
ATOM   332 C  "C1'"  A DA  A 1 10 ? -13.341 5.899   2.624   0.50   20.06 ? 10  DA  A "C1'"  1 
ATOM   333 C  "C1'"  B DA  A 1 10 ? -13.592 5.541   2.365   0.50   23.56 ? 10  DA  A "C1'"  1 
ATOM   334 N  N9     A DA  A 1 10 ? -12.289 5.030   2.109   0.50   15.39 ? 10  DA  A N9     1 
ATOM   335 N  N9     B DA  A 1 10 ? -12.398 4.794   1.990   0.50   18.27 ? 10  DA  A N9     1 
ATOM   336 C  C8     A DA  A 1 10 ? -11.298 4.429   2.844   0.50   15.57 ? 10  DA  A C8     1 
ATOM   337 C  C8     B DA  A 1 10 ? -11.381 4.248   2.742   0.50   17.29 ? 10  DA  A C8     1 
ATOM   338 N  N7     A DA  A 1 10 ? -10.420 3.767   2.118   0.50   15.07 ? 10  DA  A N7     1 
ATOM   339 N  N7     B DA  A 1 10 ? -10.437 3.677   2.025   0.50   16.44 ? 10  DA  A N7     1 
ATOM   340 C  C5     A DA  A 1 10 ? -10.858 3.964   0.813   0.50   15.32 ? 10  DA  A C5     1 
ATOM   341 C  C5     B DA  A 1 10 ? -10.871 3.846   0.715   0.50   14.56 ? 10  DA  A C5     1 
ATOM   342 C  C6     A DA  A 1 10 ? -10.362 3.536   -0.439  0.50   12.74 ? 10  DA  A C6     1 
ATOM   343 C  C6     B DA  A 1 10 ? -10.313 3.497   -0.524  0.50   12.81 ? 10  DA  A C6     1 
ATOM   344 N  N6     A DA  A 1 10 ? -9.280  2.770   -0.608  0.50   12.73 ? 10  DA  A N6     1 
ATOM   345 N  N6     B DA  A 1 10 ? -9.159  2.840   -0.673  0.50   12.20 ? 10  DA  A N6     1 
ATOM   346 N  N1     A DA  A 1 10 ? -11.035 3.930   -1.538  0.50   13.78 ? 10  DA  A N1     1 
ATOM   347 N  N1     B DA  A 1 10 ? -11.006 3.826   -1.633  0.50   15.54 ? 10  DA  A N1     1 
ATOM   348 C  C2     A DA  A 1 10 ? -12.117 4.715   -1.396  0.50   18.02 ? 10  DA  A C2     1 
ATOM   349 C  C2     B DA  A 1 10 ? -12.176 4.479   -1.503  0.50   16.32 ? 10  DA  A C2     1 
ATOM   350 N  N3     A DA  A 1 10 ? -12.670 5.182   -0.284  0.50   17.46 ? 10  DA  A N3     1 
ATOM   351 N  N3     B DA  A 1 10 ? -12.783 4.888   -0.402  0.50   18.45 ? 10  DA  A N3     1 
ATOM   352 C  C4     A DA  A 1 10 ? -11.992 4.762   0.795   0.50   18.07 ? 10  DA  A C4     1 
ATOM   353 C  C4     B DA  A 1 10 ? -12.084 4.516   0.684   0.50   16.00 ? 10  DA  A C4     1 
ATOM   354 H  "H5'"  A DA  A 1 10 ? -12.310 7.727   6.091   0.50   21.93 ? 10  DA  A "H5'"  1 
ATOM   355 H  "H5'"  B DA  A 1 10 ? -13.283 8.600   5.198   0.50   24.48 ? 10  DA  A "H5'"  1 
ATOM   356 H  "H5''" A DA  A 1 10 ? -11.300 6.999   4.830   0.50   20.27 ? 10  DA  A "H5''" 1 
ATOM   357 H  "H5''" B DA  A 1 10 ? -12.234 7.264   4.673   0.50   26.77 ? 10  DA  A "H5''" 1 
ATOM   358 H  "H4'"  A DA  A 1 10 ? -13.636 8.684   3.988   0.50   19.89 ? 10  DA  A "H4'"  1 
ATOM   359 H  "H4'"  B DA  A 1 10 ? -14.493 8.491   3.030   0.50   25.15 ? 10  DA  A "H4'"  1 
ATOM   360 H  "H3'"  A DA  A 1 10 ? -14.299 6.658   5.728   0.50   18.93 ? 10  DA  A "H3'"  1 
ATOM   361 H  "H3'"  B DA  A 1 10 ? -14.982 6.796   5.082   0.50   31.53 ? 10  DA  A "H3'"  1 
ATOM   362 H  "HO3'" A DA  A 1 10 ? -16.378 6.777   4.235   0.50   21.20 ? 10  DA  A "HO3'" 1 
ATOM   363 H  "HO3'" B DA  A 1 10 ? -16.871 6.196   3.632   0.50   29.30 ? 10  DA  A "HO3'" 1 
ATOM   364 H  "H2'"  A DA  A 1 10 ? -13.275 4.854   4.528   0.50   22.05 ? 10  DA  A "H2'"  1 
ATOM   365 H  "H2'"  B DA  A 1 10 ? -13.309 5.160   4.484   0.50   26.47 ? 10  DA  A "H2'"  1 
ATOM   366 H  "H2''" A DA  A 1 10 ? -14.881 4.867   3.757   0.50   23.53 ? 10  DA  A "H2''" 1 
ATOM   367 H  "H2''" B DA  A 1 10 ? -14.807 4.452   3.803   0.50   25.15 ? 10  DA  A "H2''" 1 
ATOM   368 H  "H1'"  A DA  A 1 10 ? -14.131 6.025   1.871   0.50   19.74 ? 10  DA  A "H1'"  1 
ATOM   369 H  "H1'"  B DA  A 1 10 ? -14.399 5.309   1.656   0.50   24.26 ? 10  DA  A "H1'"  1 
ATOM   370 H  H8     A DA  A 1 10 ? -11.255 4.474   3.922   0.50   15.69 ? 10  DA  A H8     1 
ATOM   371 H  H8     B DA  A 1 10 ? -11.354 4.298   3.820   0.50   17.48 ? 10  DA  A H8     1 
ATOM   372 H  H61    A DA  A 1 10 ? -8.759  2.449   0.196   0.50   12.55 ? 10  DA  A H61    1 
ATOM   373 H  H61    B DA  A 1 10 ? -8.627  2.565   0.141   0.50   12.39 ? 10  DA  A H61    1 
ATOM   374 H  H62    A DA  A 1 10 ? -8.995  2.494   -1.535  0.50   12.67 ? 10  DA  A H62    1 
ATOM   375 H  H62    B DA  A 1 10 ? -8.833  2.592   -1.596  0.50   12.35 ? 10  DA  A H62    1 
ATOM   376 H  H2     A DA  A 1 10 ? -12.613 4.996   -2.316  0.50   16.75 ? 10  DA  A H2     1 
ATOM   377 H  H2     B DA  A 1 10 ? -12.679 4.729   -2.426  0.50   16.50 ? 10  DA  A H2     1 
HETATM 378 BA BA     . BA  B 2 .  ? 6.254   -9.433  -1.316  1.00   8.77  ? 101 BA  A BA     1 
HETATM 379 RU RU     . RKL C 3 .  ? -3.601  5.381   9.302   1.00   9.09  ? 102 RKL A RU     1 
HETATM 380 C  C1     . RKL C 3 .  ? -4.015  7.479   7.350   1.00   9.49  ? 102 RKL A C1     1 
HETATM 381 N  N1     . RKL C 3 .  ? -2.255  5.941   7.852   1.00   9.34  ? 102 RKL A N1     1 
HETATM 382 C  C2     . RKL C 3 .  ? -5.906  7.318   8.701   1.00   10.61 ? 102 RKL A C2     1 
HETATM 383 N  N2     . RKL C 3 .  ? -4.657  6.911   8.439   1.00   9.55  ? 102 RKL A N2     1 
HETATM 384 C  C3     . RKL C 3 .  ? -6.548  8.296   7.960   1.00   11.39 ? 102 RKL A C3     1 
HETATM 385 N  N3     . RKL C 3 .  ? -4.419  9.949   4.678   1.00   12.15 ? 102 RKL A N3     1 
HETATM 386 C  C4     . RKL C 3 .  ? -5.895  8.880   6.869   1.00   11.27 ? 102 RKL A C4     1 
HETATM 387 N  N4     . RKL C 3 .  ? -1.758  9.108   4.237   1.00   12.21 ? 102 RKL A N4     1 
HETATM 388 C  C5     . RKL C 3 .  ? -4.598  8.495   6.581   1.00   10.45 ? 102 RKL A C5     1 
HETATM 389 N  N5     . RKL C 3 .  ? -4.919  5.063   10.843  1.00   8.84  ? 102 RKL A N5     1 
HETATM 390 C  C6     . RKL C 3 .  ? -3.831  9.021   5.444   1.00   11.22 ? 102 RKL A C6     1 
HETATM 391 N  N6     . RKL C 3 .  ? -6.391  4.860   13.249  1.00   9.34  ? 102 RKL A N6     1 
HETATM 392 C  C7     . RKL C 3 .  ? -2.490  8.562   5.240   1.00   10.59 ? 102 RKL A C7     1 
HETATM 393 N  N7     . RKL C 3 .  ? -1.814  8.002   12.986  1.00   8.96  ? 102 RKL A N7     1 
HETATM 394 C  C8     . RKL C 3 .  ? -1.931  7.549   6.034   1.00   10.11 ? 102 RKL A C8     1 
HETATM 395 N  N8     . RKL C 3 .  ? -2.759  6.598   10.699  1.00   8.65  ? 102 RKL A N8     1 
HETATM 396 C  C9     . RKL C 3 .  ? -0.634  7.031   5.870   1.00   11.16 ? 102 RKL A C9     1 
HETATM 397 N  N9     . RKL C 3 .  ? -2.524  3.746   9.966   1.00   9.76  ? 102 RKL A N9     1 
HETATM 398 C  C10    . RKL C 3 .  ? -2.707  6.986   7.080   1.00   9.63  ? 102 RKL A C10    1 
HETATM 399 N  N10    . RKL C 3 .  ? -1.432  1.190   10.534  1.00   12.76 ? 102 RKL A N10    1 
HETATM 400 C  C11    . RKL C 3 .  ? -0.181  6.027   6.670   1.00   10.54 ? 102 RKL A C11    1 
HETATM 401 N  N11    . RKL C 3 .  ? -5.301  1.694   6.643   1.00   13.39 ? 102 RKL A N11    1 
HETATM 402 C  C12    . RKL C 3 .  ? -0.996  5.493   7.659   1.00   10.24 ? 102 RKL A C12    1 
HETATM 403 N  N12    . RKL C 3 .  ? -4.434  4.018   8.047   1.00   10.37 ? 102 RKL A N12    1 
HETATM 404 C  C13    . RKL C 3 .  ? -2.335  10.042  3.478   1.00   14.01 ? 102 RKL A C13    1 
HETATM 405 C  C14    . RKL C 3 .  ? -1.629  10.633  2.391   1.00   15.67 ? 102 RKL A C14    1 
HETATM 406 C  C15    . RKL C 3 .  ? -3.674  10.496  3.668   1.00   13.74 ? 102 RKL A C15    1 
HETATM 407 C  C16    . RKL C 3 .  ? -4.285  11.450  2.828   1.00   16.12 ? 102 RKL A C16    1 
HETATM 408 C  C17    . RKL C 3 .  ? -3.572  11.975  1.789   1.00   16.92 ? 102 RKL A C17    1 
HETATM 409 C  C18    . RKL C 3 .  ? -2.221  11.558  1.598   1.00   19.08 ? 102 RKL A C18    1 
HETATM 410 C  C19    . RKL C 3 .  ? -4.537  5.733   11.981  1.00   8.50  ? 102 RKL A C19    1 
HETATM 411 C  C20    . RKL C 3 .  ? -6.024  4.363   10.949  1.00   9.29  ? 102 RKL A C20    1 
HETATM 412 C  C21    . RKL C 3 .  ? -6.778  4.223   12.133  1.00   9.16  ? 102 RKL A C21    1 
HETATM 413 C  C22    . RKL C 3 .  ? -5.272  5.639   13.184  1.00   8.41  ? 102 RKL A C22    1 
HETATM 414 C  C23    . RKL C 3 .  ? -4.796  6.309   14.313  1.00   8.86  ? 102 RKL A C23    1 
HETATM 415 C  C24    . RKL C 3 .  ? -3.675  7.095   14.259  1.00   9.15  ? 102 RKL A C24    1 
HETATM 416 C  C25    . RKL C 3 .  ? -2.939  7.213   13.036  1.00   8.21  ? 102 RKL A C25    1 
HETATM 417 C  C26    . RKL C 3 .  ? -3.406  6.535   11.923  1.00   8.35  ? 102 RKL A C26    1 
HETATM 418 C  C27    . RKL C 3 .  ? -1.236  8.044   11.796  1.00   9.44  ? 102 RKL A C27    1 
HETATM 419 C  C28    . RKL C 3 .  ? -1.678  7.357   10.660  1.00   9.25  ? 102 RKL A C28    1 
HETATM 420 C  C29    . RKL C 3 .  ? -2.941  2.583   9.260   1.00   11.52 ? 102 RKL A C29    1 
HETATM 421 C  C30    . RKL C 3 .  ? -1.562  3.575   10.832  1.00   10.19 ? 102 RKL A C30    1 
HETATM 422 C  C31    . RKL C 3 .  ? -0.998  2.322   11.139  1.00   11.58 ? 102 RKL A C31    1 
HETATM 423 C  C32    . RKL C 3 .  ? -2.358  1.308   9.581   1.00   12.21 ? 102 RKL A C32    1 
HETATM 424 C  C33    . RKL C 3 .  ? -2.808  0.204   8.829   1.00   14.64 ? 102 RKL A C33    1 
HETATM 425 C  C34    . RKL C 3 .  ? -3.779  0.322   7.864   1.00   14.52 ? 102 RKL A C34    1 
HETATM 426 C  C35    . RKL C 3 .  ? -4.362  1.588   7.564   1.00   12.39 ? 102 RKL A C35    1 
HETATM 427 C  C36    . RKL C 3 .  ? -3.941  2.759   8.284   1.00   11.20 ? 102 RKL A C36    1 
HETATM 428 C  C37    . RKL C 3 .  ? -5.798  2.880   6.405   1.00   13.55 ? 102 RKL A C37    1 
HETATM 429 C  C38    . RKL C 3 .  ? -5.379  4.051   7.123   1.00   11.40 ? 102 RKL A C38    1 
HETATM 430 H  H2     . RKL C 3 .  ? -6.449  6.839   9.503   1.00   10.46 ? 102 RKL A H2     1 
HETATM 431 H  H3     . RKL C 3 .  ? -7.566  8.578   8.195   1.00   11.44 ? 102 RKL A H3     1 
HETATM 432 H  H4     . RKL C 3 .  ? -6.393  9.643   6.284   1.00   11.08 ? 102 RKL A H4     1 
HETATM 433 H  H9     . RKL C 3 .  ? -0.017  7.367   5.047   1.00   10.84 ? 102 RKL A H9     1 
HETATM 434 H  H11    . RKL C 3 .  ? 0.815   5.630   6.521   1.00   10.42 ? 102 RKL A H11    1 
HETATM 435 H  H12    . RKL C 3 .  ? -0.583  4.763   8.344   1.00   10.24 ? 102 RKL A H12    1 
HETATM 436 H  H14    . RKL C 3 .  ? -0.645  10.263  2.132   1.00   14.89 ? 102 RKL A H14    1 
HETATM 437 H  H16    . RKL C 3 .  ? -5.255  11.856  3.085   1.00   15.90 ? 102 RKL A H16    1 
HETATM 438 H  H17    . RKL C 3 .  ? -3.967  12.811  1.227   1.00   15.90 ? 102 RKL A H17    1 
HETATM 439 H  H18    . RKL C 3 .  ? -1.654  11.984  0.781   1.00   17.99 ? 102 RKL A H18    1 
HETATM 440 H  H20    . RKL C 3 .  ? -6.347  3.804   10.078  1.00   9.51  ? 102 RKL A H20    1 
HETATM 441 H  H21    . RKL C 3 .  ? -7.650  3.584   12.145  1.00   9.68  ? 102 RKL A H21    1 
HETATM 442 H  H23    . RKL C 3 .  ? -5.358  6.250   15.223  1.00   8.77  ? 102 RKL A H23    1 
HETATM 443 H  H24    . RKL C 3 .  ? -3.361  7.643   15.132  1.00   9.00  ? 102 RKL A H24    1 
HETATM 444 H  H27    . RKL C 3 .  ? -0.333  8.620   11.702  1.00   9.35  ? 102 RKL A H27    1 
HETATM 445 H  H28    . RKL C 3 .  ? -1.108  7.408   9.753   1.00   9.20  ? 102 RKL A H28    1 
HETATM 446 H  H30    . RKL C 3 .  ? -1.251  4.428   11.416  1.00   10.41 ? 102 RKL A H30    1 
HETATM 447 H  H31    . RKL C 3 .  ? -0.255  2.260   11.921  1.00   11.60 ? 102 RKL A H31    1 
HETATM 448 H  H33    . RKL C 3 .  ? -2.386  -0.771  9.032   1.00   13.64 ? 102 RKL A H33    1 
HETATM 449 H  H34    . RKL C 3 .  ? -4.109  -0.559  7.327   1.00   13.60 ? 102 RKL A H34    1 
HETATM 450 H  H37    . RKL C 3 .  ? -6.568  2.969   5.651   1.00   12.94 ? 102 RKL A H37    1 
HETATM 451 H  H38    . RKL C 3 .  ? -5.830  5.005   6.884   1.00   11.90 ? 102 RKL A H38    1 
HETATM 452 CL CL     . CL  D 4 .  ? 9.307   -3.271  -6.805  0.50   12.24 ? 103 CL  A CL     1 
HETATM 453 O  O      . HOH E 5 .  ? 7.402   -11.610 0.006   1.00   10.65 ? 201 HOH A O      1 
HETATM 454 O  O      . HOH E 5 .  ? 8.329   -8.698  0.384   1.00   10.17 ? 202 HOH A O      1 
HETATM 455 O  O      . HOH E 5 .  ? 5.435   -11.557 -2.906  1.00   10.44 ? 203 HOH A O      1 
HETATM 456 O  O      . HOH E 5 .  ? 3.657   -8.478  -1.902  1.00   12.51 ? 204 HOH A O      1 
HETATM 457 O  O      . HOH E 5 .  ? 12.719  0.276   -6.518  1.00   15.11 ? 205 HOH A O      1 
HETATM 458 O  O      . HOH E 5 .  ? -6.476  1.203   10.187  1.00   13.11 ? 206 HOH A O      1 
HETATM 459 O  O      . HOH E 5 .  ? 9.025   -6.124  1.309   1.00   18.37 ? 207 HOH A O      1 
HETATM 460 O  O      . HOH E 5 .  ? 0.901   5.257   11.910  1.00   17.17 ? 208 HOH A O      1 
HETATM 461 O  O      . HOH E 5 .  ? 13.015  -8.793  -6.866  1.00   17.03 ? 209 HOH A O      1 
HETATM 462 O  O      . HOH E 5 .  ? -7.241  1.841   1.164   1.00   12.64 ? 210 HOH A O      1 
HETATM 463 O  O      . HOH E 5 .  ? 4.257   -10.760 0.227   1.00   20.03 ? 211 HOH A O      1 
HETATM 464 O  O      . HOH E 5 .  ? 0.408   7.894   0.334   1.00   23.91 ? 212 HOH A O      1 
HETATM 465 O  O      . HOH E 5 .  ? -2.558  8.914   -1.208  1.00   17.93 ? 213 HOH A O      1 
HETATM 466 O  O      . HOH E 5 .  ? 15.598  -8.908  -3.439  1.00   16.08 ? 214 HOH A O      1 
HETATM 467 O  O      . HOH E 5 .  ? 1.470   0.694   12.659  1.00   18.96 ? 215 HOH A O      1 
HETATM 468 O  O      . HOH E 5 .  ? 4.874   0.710   -1.482  1.00   16.94 ? 216 HOH A O      1 
HETATM 469 O  O      . HOH E 5 .  ? 3.981   5.740   -11.170 1.00   22.10 ? 217 HOH A O      1 
HETATM 470 O  O      . HOH E 5 .  ? 6.281   -14.093 0.729   1.00   15.70 ? 218 HOH A O      1 
HETATM 471 O  O      . HOH E 5 .  ? 13.288  0.996   -3.904  1.00   17.39 ? 219 HOH A O      1 
HETATM 472 O  O      . HOH E 5 .  ? 2.568   3.312   12.975  1.00   19.32 ? 220 HOH A O      1 
HETATM 473 O  O      . HOH E 5 .  ? -2.315  7.389   -3.597  1.00   19.07 ? 221 HOH A O      1 
HETATM 474 O  O      . HOH E 5 .  ? -0.292  -0.167  -8.478  1.00   24.59 ? 222 HOH A O      1 
HETATM 475 O  O      . HOH E 5 .  ? -7.252  5.050   4.885   1.00   18.11 ? 223 HOH A O      1 
HETATM 476 O  O      . HOH E 5 .  ? 3.919   4.521   -3.378  1.00   24.08 ? 224 HOH A O      1 
HETATM 477 O  O      . HOH E 5 .  ? -0.074  6.044   -4.084  1.00   21.28 ? 225 HOH A O      1 
HETATM 478 O  O      . HOH E 5 .  ? 10.665  4.486   -5.975  1.00   26.28 ? 226 HOH A O      1 
HETATM 479 O  O      . HOH E 5 .  ? 3.328   2.993   -0.704  1.00   22.52 ? 227 HOH A O      1 
HETATM 480 O  O      . HOH E 5 .  ? -8.480  12.602  3.019   1.00   36.00 ? 228 HOH A O      1 
HETATM 481 O  O      . HOH E 5 .  ? 9.072   -13.919 4.633   1.00   21.97 ? 229 HOH A O      1 
HETATM 482 O  O      . HOH E 5 .  ? -15.020 6.505   -0.878  1.00   33.65 ? 230 HOH A O      1 
HETATM 483 O  O      . HOH E 5 .  ? -6.205  11.577  9.484   1.00   19.87 ? 231 HOH A O      1 
HETATM 484 O  O      . HOH E 5 .  ? 1.219   5.731   -1.246  1.00   18.10 ? 232 HOH A O      1 
HETATM 485 O  O      . HOH E 5 .  ? 11.844  -20.048 3.703   1.00   34.14 ? 233 HOH A O      1 
HETATM 486 O  O      . HOH E 5 .  ? 10.241  3.931   -3.386  1.00   20.80 ? 234 HOH A O      1 
HETATM 487 O  O      . HOH E 5 .  ? -6.522  10.379  -0.518  1.00   21.35 ? 235 HOH A O      1 
HETATM 488 O  O      . HOH E 5 .  ? 5.847   -17.674 -0.774  1.00   22.16 ? 236 HOH A O      1 
HETATM 489 O  O      . HOH E 5 .  ? 14.445  -7.064  -5.313  1.00   24.24 ? 237 HOH A O      1 
HETATM 490 O  O      . HOH E 5 .  ? 11.208  -17.544 4.384   1.00   31.18 ? 238 HOH A O      1 
HETATM 491 O  O      . HOH E 5 .  ? -9.092  2.383   10.264  1.00   25.43 ? 239 HOH A O      1 
HETATM 492 O  O      . HOH E 5 .  ? -14.185 10.303  6.869   1.00   34.96 ? 240 HOH A O      1 
HETATM 493 O  O      . HOH E 5 .  ? 4.384   -13.637 -1.182  1.00   21.86 ? 241 HOH A O      1 
HETATM 494 O  O      . HOH E 5 .  ? 7.051   2.923   1.426   1.00   40.10 ? 242 HOH A O      1 
HETATM 495 O  O      . HOH E 5 .  ? 16.204  -5.906  0.458   1.00   20.23 ? 243 HOH A O      1 
HETATM 496 O  O      . HOH E 5 .  ? -7.781  -0.351  6.437   1.00   26.45 ? 244 HOH A O      1 
HETATM 497 O  O      . HOH E 5 .  ? 7.944   -11.609 3.717   1.00   22.39 ? 245 HOH A O      1 
HETATM 498 O  O      . HOH E 5 .  ? 6.250   -24.740 -6.018  1.00   29.07 ? 246 HOH A O      1 
HETATM 499 O  O      A HOH E 5 .  ? 2.560   2.130   -11.837 0.50   13.24 ? 247 HOH A O      1 
HETATM 500 O  O      B HOH E 5 .  ? 3.264   0.904   -10.986 0.50   15.97 ? 247 HOH A O      1 
HETATM 501 O  O      . HOH E 5 .  ? -8.571  5.034   -7.468  1.00   33.82 ? 248 HOH A O      1 
HETATM 502 O  O      . HOH E 5 .  ? 5.102   -17.046 3.047   1.00   38.69 ? 249 HOH A O      1 
HETATM 503 O  O      . HOH E 5 .  ? -12.901 8.810   -0.221  1.00   32.79 ? 250 HOH A O      1 
HETATM 504 O  O      . HOH E 5 .  ? 9.302   -7.355  3.930   1.00   30.45 ? 251 HOH A O      1 
HETATM 505 O  O      . HOH E 5 .  ? 2.612   11.124  2.544   1.00   31.89 ? 252 HOH A O      1 
HETATM 506 O  O      . HOH E 5 .  ? 7.711   4.140   -2.620  1.00   25.21 ? 253 HOH A O      1 
HETATM 507 O  O      . HOH E 5 .  ? 6.592   -7.631  3.182   1.00   31.15 ? 254 HOH A O      1 
HETATM 508 O  O      A HOH E 5 .  ? 5.095   6.987   -8.000  0.0000 25.76 ? 255 HOH A O      1 
HETATM 509 O  O      B HOH E 5 .  ? 5.899   6.786   -9.135  0.50   25.89 ? 255 HOH A O      1 
HETATM 510 O  O      . HOH E 5 .  ? -2.654  7.307   -10.084 1.00   36.90 ? 256 HOH A O      1 
HETATM 511 O  O      . HOH E 5 .  ? -9.948  11.661  -2.010  1.00   40.07 ? 257 HOH A O      1 
HETATM 512 O  O      . HOH E 5 .  ? -5.577  14.883  0.441   0.50   33.13 ? 258 HOH A O      1 
HETATM 513 O  O      . HOH E 5 .  ? -4.277  10.786  -2.052  1.00   28.21 ? 259 HOH A O      1 
HETATM 514 O  O      . HOH E 5 .  ? -12.864 5.824   7.968   1.00   34.79 ? 260 HOH A O      1 
HETATM 515 O  O      . HOH E 5 .  ? 13.141  -14.825 4.420   1.00   26.84 ? 261 HOH A O      1 
HETATM 516 O  O      . HOH E 5 .  ? 13.607  -10.384 -8.568  1.00   65.93 ? 262 HOH A O      1 
HETATM 517 O  O      . HOH E 5 .  ? -8.780  11.123  8.554   1.00   33.05 ? 263 HOH A O      1 
HETATM 518 O  O      . HOH E 5 .  ? 7.129   1.928   -0.985  1.00   20.70 ? 264 HOH A O      1 
HETATM 519 O  O      A HOH E 5 .  ? 3.701   -14.958 -3.757  0.50   19.92 ? 265 HOH A O      1 
HETATM 520 O  O      B HOH E 5 .  ? 4.300   -16.113 -2.956  0.50   21.36 ? 265 HOH A O      1 
HETATM 521 O  O      . HOH E 5 .  ? -7.251  12.467  1.183   1.00   34.13 ? 266 HOH A O      1 
HETATM 522 O  O      . HOH E 5 .  ? 1.315   6.421   -11.254 1.00   37.53 ? 267 HOH A O      1 
HETATM 523 O  O      . HOH E 5 .  ? -11.360 4.542   6.182   1.00   31.22 ? 268 HOH A O      1 
HETATM 524 O  O      . HOH E 5 .  ? -8.857  6.054   6.782   1.00   36.53 ? 269 HOH A O      1 
HETATM 525 O  O      . HOH E 5 .  ? -0.026  9.868   -1.179  1.00   34.83 ? 270 HOH A O      1 
HETATM 526 O  O      . HOH E 5 .  ? -0.064  3.557   -11.575 1.00   34.70 ? 271 HOH A O      1 
HETATM 527 O  O      . HOH E 5 .  ? -4.727  9.791   -4.732  1.00   39.95 ? 272 HOH A O      1 
HETATM 528 O  O      . HOH E 5 .  ? -0.020  9.348   -6.979  1.00   38.98 ? 273 HOH A O      1 
HETATM 529 O  O      . HOH E 5 .  ? 14.905  -5.426  -7.709  1.00   43.64 ? 274 HOH A O      1 
HETATM 530 O  O      . HOH E 5 .  ? -8.789  2.659   7.959   1.00   77.45 ? 275 HOH A O      1 
HETATM 531 O  O      . HOH E 5 .  ? 6.715   -24.119 -3.597  0.50   38.72 ? 276 HOH A O      1 
HETATM 532 O  O      . HOH E 5 .  ? -16.392 5.588   -3.299  0.50   35.70 ? 277 HOH A O      1 
HETATM 533 O  O      . HOH E 5 .  ? 8.856   -2.907  -6.506  0.50   30.61 ? 278 HOH A O      1 
HETATM 534 O  O      . HOH E 5 .  ? 5.596   -7.404  0.477   1.00   20.01 ? 279 HOH A O      1 
HETATM 535 O  O      . HOH E 5 .  ? 2.570   -6.974  1.001   1.00   11.04 ? 280 HOH A O      1 
# 
loop_
_atom_site_anisotrop.id 
_atom_site_anisotrop.type_symbol 
_atom_site_anisotrop.pdbx_label_atom_id 
_atom_site_anisotrop.pdbx_label_alt_id 
_atom_site_anisotrop.pdbx_label_comp_id 
_atom_site_anisotrop.pdbx_label_asym_id 
_atom_site_anisotrop.pdbx_label_seq_id 
_atom_site_anisotrop.pdbx_PDB_ins_code 
_atom_site_anisotrop.U[1][1] 
_atom_site_anisotrop.U[2][2] 
_atom_site_anisotrop.U[3][3] 
_atom_site_anisotrop.U[1][2] 
_atom_site_anisotrop.U[1][3] 
_atom_site_anisotrop.U[2][3] 
_atom_site_anisotrop.pdbx_auth_seq_id 
_atom_site_anisotrop.pdbx_auth_comp_id 
_atom_site_anisotrop.pdbx_auth_asym_id 
_atom_site_anisotrop.pdbx_auth_atom_id 
1   O  "O5'"  . DT  A 1  ? 0.1885 0.1961 0.4220 -0.0191 0.1025  0.0315  1   DT  A "O5'"  
2   C  "C5'"  . DT  A 1  ? 0.1927 0.1725 0.3005 -0.0180 0.0541  0.0489  1   DT  A "C5'"  
3   C  "C4'"  . DT  A 1  ? 0.1684 0.1626 0.2134 -0.0035 0.0290  0.0251  1   DT  A "C4'"  
4   O  "O4'"  . DT  A 1  ? 0.1714 0.1613 0.2425 0.0078  0.0292  0.0207  1   DT  A "O4'"  
5   C  "C3'"  . DT  A 1  ? 0.1466 0.1496 0.1787 -0.0045 0.0062  0.0263  1   DT  A "C3'"  
6   O  "O3'"  . DT  A 1  ? 0.1488 0.1495 0.1888 0.0042  0.0165  0.0466  1   DT  A "O3'"  
7   C  "C2'"  . DT  A 1  ? 0.1553 0.1723 0.2036 0.0134  0.0282  0.0397  1   DT  A "C2'"  
8   C  "C1'"  . DT  A 1  ? 0.1313 0.1948 0.2027 -0.0017 0.0235  0.0238  1   DT  A "C1'"  
9   N  N1     . DT  A 1  ? 0.1226 0.2402 0.2304 -0.0118 0.0118  -0.0002 1   DT  A N1     
10  C  C2     . DT  A 1  ? 0.1286 0.1439 0.2153 -0.0102 0.0037  0.0145  1   DT  A C2     
11  O  O2     . DT  A 1  ? 0.1225 0.1363 0.2189 -0.0048 -0.0004 -0.0008 1   DT  A O2     
12  N  N3     . DT  A 1  ? 0.1218 0.1944 0.2881 -0.0175 -0.0224 0.0164  1   DT  A N3     
13  C  C4     . DT  A 1  ? 0.1141 0.4646 0.3424 -0.0453 -0.0028 -0.0863 1   DT  A C4     
14  O  O4     . DT  A 1  ? 0.1252 0.5514 0.3591 -0.0053 -0.0384 -0.0875 1   DT  A O4     
15  C  C5     . DT  A 1  ? 0.1113 0.8594 0.3059 0.0181  0.0144  -0.1313 1   DT  A C5     
16  C  C7     . DT  A 1  ? 0.1629 0.9123 0.4093 0.0560  -0.0191 -0.1995 1   DT  A C7     
17  C  C6     . DT  A 1  ? 0.1338 0.5411 0.2897 0.0244  0.0355  -0.0509 1   DT  A C6     
18  H  "H5'"  . DT  A 1  ? 0.1764 0.1793 0.2972 -0.0153 0.0504  0.0361  1   DT  A "H5'"  
19  H  "H5''" . DT  A 1  ? 0.1853 0.1872 0.3093 -0.0118 0.0502  0.0311  1   DT  A "H5''" 
20  H  "H4'"  . DT  A 1  ? 0.1688 0.1605 0.2221 -0.0052 0.0273  0.0282  1   DT  A "H4'"  
21  H  "H3'"  . DT  A 1  ? 0.1446 0.1625 0.2035 -0.0003 0.0148  0.0318  1   DT  A "H3'"  
22  H  "H2'"  . DT  A 1  ? 0.1557 0.1840 0.1905 0.0060  0.0104  0.0297  1   DT  A "H2'"  
23  H  "H2''" . DT  A 1  ? 0.1653 0.1752 0.1957 0.0065  0.0200  0.0326  1   DT  A "H2''" 
24  H  "H1'"  . DT  A 1  ? 0.1296 0.1858 0.1909 0.0013  0.0191  0.0261  1   DT  A "H1'"  
25  H  H3     . DT  A 1  ? 0.1261 0.2326 0.2846 -0.0224 -0.0171 0.0097  1   DT  A H3     
26  H  H71    . DT  A 1  ? 0.2966 0.7507 0.3399 0.0596  -0.0390 -0.0749 1   DT  A H71    
27  H  H72    . DT  A 1  ? 0.2017 0.8573 0.4522 0.0466  -0.0472 -0.1545 1   DT  A H72    
28  H  H73    . DT  A 1  ? 0.1928 0.8387 0.3867 0.0112  -0.0261 -0.1238 1   DT  A H73    
29  H  H6     . DT  A 1  ? 0.1379 0.3705 0.2736 0.0041  0.0112  -0.0230 1   DT  A H6     
30  H  "HO5'" . DT  A 1  ? 0.1911 0.1830 0.4200 -0.0144 0.0749  0.0335  1   DT  A "HO5'" 
31  P  P      . DC  A 2  ? 0.1452 0.1520 0.2209 0.0152  0.0301  0.0402  2   DC  A P      
32  O  OP1    . DC  A 2  ? 0.1847 0.1759 0.2358 0.0029  0.0356  0.0219  2   DC  A OP1    
33  O  OP2    . DC  A 2  ? 0.1404 0.1615 0.2688 0.0136  0.0312  0.0444  2   DC  A OP2    
34  O  "O5'"  . DC  A 2  ? 0.1248 0.1459 0.2326 0.0144  0.0080  0.0637  2   DC  A "O5'"  
35  C  "C5'"  . DC  A 2  ? 0.1210 0.1376 0.2227 0.0245  0.0050  0.0529  2   DC  A "C5'"  
36  C  "C4'"  . DC  A 2  ? 0.1114 0.1306 0.1918 0.0334  0.0089  0.0314  2   DC  A "C4'"  
37  O  "O4'"  . DC  A 2  ? 0.1201 0.1212 0.1804 0.0192  -0.0126 0.0133  2   DC  A "O4'"  
38  C  "C3'"  . DC  A 2  ? 0.1159 0.1164 0.1621 0.0169  -0.0054 0.0248  2   DC  A "C3'"  
39  O  "O3'"  . DC  A 2  ? 0.1232 0.1315 0.1652 0.0280  -0.0168 0.0257  2   DC  A "O3'"  
40  C  "C2'"  . DC  A 2  ? 0.1312 0.1152 0.1480 0.0086  -0.0087 0.0244  2   DC  A "C2'"  
41  C  "C1'"  . DC  A 2  ? 0.1058 0.1160 0.1729 0.0050  -0.0050 0.0094  2   DC  A "C1'"  
42  N  N1     . DC  A 2  ? 0.0997 0.1190 0.1732 0.0072  0.0098  0.0186  2   DC  A N1     
43  C  C2     . DC  A 2  ? 0.1085 0.1153 0.1785 0.0237  0.0056  0.0318  2   DC  A C2     
44  O  O2     . DC  A 2  ? 0.1111 0.1208 0.1722 0.0094  0.0085  0.0243  2   DC  A O2     
45  N  N3     . DC  A 2  ? 0.1010 0.1111 0.1775 0.0092  0.0029  0.0199  2   DC  A N3     
46  C  C4     . DC  A 2  ? 0.1143 0.1016 0.1838 0.0128  0.0018  0.0100  2   DC  A C4     
47  N  N4     . DC  A 2  ? 0.1028 0.1619 0.1898 -0.0113 0.0016  0.0066  2   DC  A N4     
48  C  C5     . DC  A 2  ? 0.1068 0.1437 0.1795 0.0030  0.0134  0.0099  2   DC  A C5     
49  C  C6     . DC  A 2  ? 0.1211 0.1352 0.1686 0.0180  0.0158  0.0269  2   DC  A C6     
50  H  "H5'"  . DC  A 2  ? 0.1244 0.1291 0.2163 0.0138  0.0062  0.0441  2   DC  A "H5'"  
51  H  "H5''" . DC  A 2  ? 0.1237 0.1427 0.2252 0.0205  0.0091  0.0427  2   DC  A "H5''" 
52  H  "H4'"  . DC  A 2  ? 0.1201 0.1277 0.1887 0.0139  0.0043  0.0279  2   DC  A "H4'"  
53  H  "H3'"  . DC  A 2  ? 0.1199 0.1216 0.1603 0.0171  0.0000  0.0276  2   DC  A "H3'"  
54  H  "H2'"  . DC  A 2  ? 0.1244 0.1167 0.1538 0.0070  -0.0041 0.0187  2   DC  A "H2'"  
55  H  "H2''" . DC  A 2  ? 0.1260 0.1168 0.1554 0.0105  -0.0056 0.0194  2   DC  A "H2''" 
56  H  "H1'"  . DC  A 2  ? 0.1172 0.1167 0.1583 0.0093  -0.0049 0.0182  2   DC  A "H1'"  
57  H  H41    . DC  A 2  ? 0.1085 0.1409 0.1886 -0.0040 0.0028  0.0106  2   DC  A H41    
58  H  H42    . DC  A 2  ? 0.1131 0.1400 0.1642 -0.0049 0.0043  0.0139  2   DC  A H42    
59  H  H5     . DC  A 2  ? 0.1148 0.1419 0.1615 0.0065  0.0134  0.0234  2   DC  A H5     
60  H  H6     . DC  A 2  ? 0.1146 0.1312 0.1699 0.0122  0.0095  0.0202  2   DC  A H6     
61  P  P      . DG  A 3  ? 0.1286 0.1406 0.1324 0.0169  -0.0151 0.0251  3   DG  A P      
62  O  OP1    . DG  A 3  ? 0.1515 0.1783 0.1348 -0.0084 -0.0209 0.0337  3   DG  A OP1    
63  O  OP2    . DG  A 3  ? 0.1348 0.1309 0.1296 0.0138  -0.0065 0.0168  3   DG  A OP2    
64  O  "O5'"  . DG  A 3  ? 0.1114 0.1249 0.1264 0.0103  -0.0154 0.0131  3   DG  A "O5'"  
65  C  "C5'"  . DG  A 3  ? 0.1192 0.1264 0.1424 0.0139  -0.0252 0.0219  3   DG  A "C5'"  
66  C  "C4'"  . DG  A 3  ? 0.1222 0.1024 0.1328 0.0140  -0.0226 0.0001  3   DG  A "C4'"  
67  O  "O4'"  . DG  A 3  ? 0.1070 0.1088 0.1417 0.0110  -0.0096 0.0092  3   DG  A "O4'"  
68  C  "C3'"  . DG  A 3  ? 0.1222 0.1219 0.1202 0.0031  -0.0170 -0.0050 3   DG  A "C3'"  
69  O  "O3'"  . DG  A 3  ? 0.1618 0.1073 0.1606 0.0104  -0.0491 -0.0130 3   DG  A "O3'"  
70  C  "C2'"  . DG  A 3  ? 0.1212 0.1101 0.1248 0.0009  -0.0077 0.0122  3   DG  A "C2'"  
71  C  "C1'"  . DG  A 3  ? 0.1049 0.1169 0.1249 -0.0032 -0.0131 0.0080  3   DG  A "C1'"  
72  N  N9     . DG  A 3  ? 0.1039 0.1050 0.1066 0.0051  0.0010  0.0033  3   DG  A N9     
73  C  C8     . DG  A 3  ? 0.1131 0.1048 0.1086 0.0129  -0.0018 0.0102  3   DG  A C8     
74  N  N7     . DG  A 3  ? 0.1109 0.1033 0.1041 0.0069  0.0034  0.0075  3   DG  A N7     
75  C  C5     . DG  A 3  ? 0.0993 0.0968 0.1165 0.0116  0.0037  0.0155  3   DG  A C5     
76  C  C6     . DG  A 3  ? 0.0944 0.1041 0.1171 0.0172  -0.0029 0.0043  3   DG  A C6     
77  O  O6     . DG  A 3  ? 0.0979 0.1141 0.1232 0.0052  -0.0022 0.0014  3   DG  A O6     
78  N  N1     . DG  A 3  ? 0.1011 0.1064 0.1146 0.0123  -0.0002 0.0007  3   DG  A N1     
79  C  C2     . DG  A 3  ? 0.0961 0.1039 0.1219 0.0158  0.0037  0.0064  3   DG  A C2     
80  N  N2     . DG  A 3  ? 0.1108 0.1198 0.1193 -0.0003 0.0074  0.0026  3   DG  A N2     
81  N  N3     . DG  A 3  ? 0.1029 0.1002 0.1140 0.0041  0.0004  0.0062  3   DG  A N3     
82  C  C4     . DG  A 3  ? 0.0974 0.1019 0.1131 0.0133  0.0021  0.0097  3   DG  A C4     
83  H  "H5'"  . DG  A 3  ? 0.1215 0.1193 0.1372 0.0085  -0.0204 0.0118  3   DG  A "H5'"  
84  H  "H5''" . DG  A 3  ? 0.1200 0.1296 0.1436 0.0117  -0.0168 0.0140  3   DG  A "H5''" 
85  H  "H4'"  . DG  A 3  ? 0.1248 0.1112 0.1375 0.0094  -0.0156 0.0029  3   DG  A "H4'"  
86  H  "H3'"  . DG  A 3  ? 0.1271 0.1147 0.1282 0.0061  -0.0119 -0.0015 3   DG  A "H3'"  
87  H  "H2'"  . DG  A 3  ? 0.1196 0.1138 0.1230 0.0009  -0.0088 0.0067  3   DG  A "H2'"  
88  H  "H2''" . DG  A 3  ? 0.1166 0.1172 0.1232 0.0009  -0.0066 0.0070  3   DG  A "H2''" 
89  H  "H1'"  . DG  A 3  ? 0.1099 0.1109 0.1253 0.0015  -0.0106 0.0091  3   DG  A "H1'"  
90  H  H8     . DG  A 3  ? 0.1113 0.1080 0.1118 0.0098  -0.0004 0.0055  3   DG  A H8     
91  H  H1     . DG  A 3  ? 0.1001 0.1077 0.1158 0.0115  0.0002  -0.0002 3   DG  A H1     
92  H  H21    . DG  A 3  ? 0.1090 0.1168 0.1199 0.0030  0.0059  0.0028  3   DG  A H21    
93  H  H22    . DG  A 3  ? 0.1088 0.1147 0.1186 0.0027  0.0042  0.0044  3   DG  A H22    
94  P  P      . DG  A 4  ? 0.2273 0.1312 0.1564 0.0180  -0.0573 -0.0132 4   DG  A P      
95  O  OP1    . DG  A 4  ? 0.2879 0.1350 0.2439 0.0157  -0.1390 -0.0268 4   DG  A OP1    
96  O  OP2    . DG  A 4  ? 0.3680 0.1411 0.1452 0.0528  0.0153  0.0033  4   DG  A OP2    
97  O  "O5'"  . DG  A 4  ? 0.1551 0.1232 0.1553 0.0149  -0.0163 0.0029  4   DG  A "O5'"  
98  C  "C5'"  . DG  A 4  ? 0.1296 0.1284 0.1798 -0.0011 -0.0038 0.0082  4   DG  A "C5'"  
99  C  "C4'"  . DG  A 4  ? 0.1358 0.1159 0.1377 0.0006  -0.0060 -0.0012 4   DG  A "C4'"  
100 O  "O4'"  . DG  A 4  ? 0.1377 0.1225 0.1323 0.0153  -0.0048 -0.0111 4   DG  A "O4'"  
101 C  "C3'"  . DG  A 4  ? 0.1642 0.1124 0.1436 0.0139  -0.0193 -0.0060 4   DG  A "C3'"  
102 O  "O3'"  . DG  A 4  ? 0.2315 0.1046 0.1515 0.0336  -0.0014 0.0064  4   DG  A "O3'"  
103 C  "C2'"  . DG  A 4  ? 0.1438 0.1318 0.1338 0.0253  -0.0066 -0.0177 4   DG  A "C2'"  
104 C  "C1'"  . DG  A 4  ? 0.1379 0.1137 0.1219 0.0169  -0.0050 -0.0117 4   DG  A "C1'"  
105 N  N9     . DG  A 4  ? 0.1231 0.1188 0.1130 0.0222  -0.0062 -0.0041 4   DG  A N9     
106 C  C8     . DG  A 4  ? 0.1477 0.1121 0.1179 0.0287  0.0022  -0.0005 4   DG  A C8     
107 N  N7     . DG  A 4  ? 0.1391 0.1261 0.1051 0.0301  -0.0081 0.0013  4   DG  A N7     
108 C  C5     . DG  A 4  ? 0.1141 0.1126 0.1048 0.0231  0.0057  0.0021  4   DG  A C5     
109 C  C6     . DG  A 4  ? 0.0968 0.1230 0.1062 0.0203  0.0100  0.0115  4   DG  A C6     
110 O  O6     . DG  A 4  ? 0.1049 0.1235 0.1138 0.0143  0.0055  0.0148  4   DG  A O6     
111 N  N1     . DG  A 4  ? 0.1012 0.1193 0.1046 0.0025  0.0019  0.0064  4   DG  A N1     
112 C  C2     . DG  A 4  ? 0.0992 0.1140 0.1115 0.0167  0.0071  0.0118  4   DG  A C2     
113 N  N2     . DG  A 4  ? 0.1127 0.1429 0.1100 0.0036  0.0000  0.0276  4   DG  A N2     
114 N  N3     . DG  A 4  ? 0.1077 0.1091 0.1152 0.0171  0.0051  0.0077  4   DG  A N3     
115 C  C4     . DG  A 4  ? 0.1141 0.1115 0.1134 0.0143  -0.0015 0.0055  4   DG  A C4     
116 H  "H5'"  . DG  A 4  ? 0.1404 0.1345 0.1649 0.0030  -0.0085 0.0056  4   DG  A "H5'"  
117 H  "H5''" . DG  A 4  ? 0.1427 0.1327 0.1662 -0.0004 -0.0112 0.0029  4   DG  A "H5''" 
118 H  "H4'"  . DG  A 4  ? 0.1412 0.1166 0.1359 0.0054  -0.0030 -0.0007 4   DG  A "H4'"  
119 H  "H3'"  . DG  A 4  ? 0.1588 0.1171 0.1376 0.0138  -0.0084 -0.0100 4   DG  A "H3'"  
120 H  "H2'"  . DG  A 4  ? 0.1429 0.1245 0.1381 0.0191  -0.0041 -0.0154 4   DG  A "H2'"  
121 H  "H2''" . DG  A 4  ? 0.1388 0.1217 0.1362 0.0179  -0.0084 -0.0142 4   DG  A "H2''" 
122 H  "H1'"  . DG  A 4  ? 0.1340 0.1268 0.1253 0.0204  -0.0028 -0.0066 4   DG  A "H1'"  
123 H  H8     . DG  A 4  ? 0.1409 0.1202 0.1215 0.0241  0.0023  -0.0047 4   DG  A H8     
124 H  H1     . DG  A 4  ? 0.1009 0.1160 0.1038 0.0055  0.0033  0.0046  4   DG  A H1     
125 H  H21    . DG  A 4  ? 0.1166 0.1318 0.1131 0.0052  0.0060  0.0179  4   DG  A H21    
126 H  H22    . DG  A 4  ? 0.1115 0.1254 0.1130 0.0093  0.0018  0.0134  4   DG  A H22    
127 P  P      . DC  A 5  ? 0.2249 0.1195 0.1633 0.0332  -0.0117 -0.0094 5   DC  A P      
128 O  OP1    . DC  A 5  ? 0.2133 0.1465 0.2411 -0.0154 -0.0405 -0.0665 5   DC  A OP1    
129 O  OP2    . DC  A 5  ? 0.2563 0.1531 0.1488 0.0508  0.0113  -0.0147 5   DC  A OP2    
130 O  "O5'"  . DC  A 5  ? 0.1518 0.1287 0.1503 0.0001  0.0034  0.0076  5   DC  A "O5'"  
131 C  "C5'"  . DC  A 5  ? 0.1469 0.1281 0.1505 -0.0009 0.0221  0.0183  5   DC  A "C5'"  
132 C  "C4'"  . DC  A 5  ? 0.1270 0.1277 0.1477 0.0062  0.0197  0.0115  5   DC  A "C4'"  
133 O  "O4'"  . DC  A 5  ? 0.1193 0.1332 0.1549 -0.0014 0.0209  0.0169  5   DC  A "O4'"  
134 C  "C3'"  . DC  A 5  ? 0.1222 0.1058 0.1621 -0.0006 0.0194  0.0182  5   DC  A "C3'"  
135 O  "O3'"  . DC  A 5  ? 0.1263 0.1160 0.1477 -0.0073 0.0165  0.0234  5   DC  A "O3'"  
136 C  "C2'"  . DC  A 5  ? 0.1258 0.1410 0.1595 -0.0017 0.0119  0.0144  5   DC  A "C2'"  
137 C  "C1'"  . DC  A 5  ? 0.1339 0.1206 0.1480 -0.0084 0.0118  0.0060  5   DC  A "C1'"  
138 N  N1     . DC  A 5  ? 0.1158 0.1164 0.1451 0.0035  0.0087  0.0115  5   DC  A N1     
139 C  C2     . DC  A 5  ? 0.1035 0.1357 0.1363 0.0088  0.0076  0.0171  5   DC  A C2     
140 O  O2     . DC  A 5  ? 0.1272 0.1746 0.1504 -0.0119 -0.0113 0.0363  5   DC  A O2     
141 N  N3     . DC  A 5  ? 0.1022 0.1229 0.1428 0.0124  0.0041  0.0239  5   DC  A N3     
142 C  C4     . DC  A 5  ? 0.0896 0.1102 0.1392 0.0062  0.0200  0.0041  5   DC  A C4     
143 N  N4     . DC  A 5  ? 0.0960 0.1095 0.1251 0.0020  0.0114  0.0019  5   DC  A N4     
144 C  C5     . DC  A 5  ? 0.1171 0.1193 0.1426 -0.0002 0.0243  -0.0067 5   DC  A C5     
145 C  C6     . DC  A 5  ? 0.1173 0.1246 0.1519 -0.0095 0.0286  -0.0106 5   DC  A C6     
146 H  "H5'"  . DC  A 5  ? 0.1451 0.1288 0.1496 0.0002  0.0118  0.0133  5   DC  A "H5'"  
147 H  "H5''" . DC  A 5  ? 0.1428 0.1269 0.1496 0.0006  0.0159  0.0132  5   DC  A "H5''" 
148 H  "H4'"  . DC  A 5  ? 0.1280 0.1239 0.1517 0.0016  0.0200  0.0153  5   DC  A "H4'"  
149 H  "H3'"  . DC  A 5  ? 0.1283 0.1203 0.1594 0.0004  0.0152  0.0143  5   DC  A "H3'"  
150 H  "H2'"  . DC  A 5  ? 0.1259 0.1269 0.1509 -0.0013 0.0097  0.0140  5   DC  A "H2'"  
151 H  "H2''" . DC  A 5  ? 0.1291 0.1284 0.1595 -0.0019 0.0099  0.0128  5   DC  A "H2''" 
152 H  "H1'"  . DC  A 5  ? 0.1257 0.1300 0.1457 -0.0030 0.0105  0.0057  5   DC  A "H1'"  
153 H  H41    . DC  A 5  ? 0.0964 0.1098 0.1326 0.0047  0.0139  0.0036  5   DC  A H41    
154 H  H42    . DC  A 5  ? 0.1004 0.1094 0.1263 0.0039  0.0088  0.0030  5   DC  A H42    
155 H  H5     . DC  A 5  ? 0.1206 0.1177 0.1469 0.0008  0.0188  -0.0042 5   DC  A H5     
156 H  H6     . DC  A 5  ? 0.1149 0.1231 0.1474 -0.0057 0.0200  -0.0028 5   DC  A H6     
157 P  P      . DG  A 6  ? 0.1639 0.1162 0.1640 0.0018  0.0122  -0.0007 6   DG  A P      
158 O  OP1    . DG  A 6  ? 0.2199 0.1236 0.2670 -0.0123 0.0289  0.0251  6   DG  A OP1    
159 O  OP2    . DG  A 6  ? 0.2059 0.1691 0.2036 0.0295  -0.0143 -0.0386 6   DG  A OP2    
160 O  "O5'"  . DG  A 6  ? 0.1382 0.1561 0.1378 0.0202  0.0202  0.0282  6   DG  A "O5'"  
161 C  "C5'"  . DG  A 6  ? 0.1426 0.1621 0.1238 0.0072  0.0161  0.0321  6   DG  A "C5'"  
162 C  "C4'"  . DG  A 6  ? 0.1410 0.1827 0.1376 -0.0138 0.0233  0.0479  6   DG  A "C4'"  
163 O  "O4'"  . DG  A 6  ? 0.2013 0.1781 0.1438 -0.0100 0.0328  0.0266  6   DG  A "O4'"  
164 C  "C3'"  . DG  A 6  ? 0.1369 0.1875 0.1909 0.0122  0.0266  0.0610  6   DG  A "C3'"  
165 O  "O3'"  . DG  A 6  ? 0.1351 0.2409 0.1819 0.0206  0.0307  0.0821  6   DG  A "O3'"  
166 C  "C2'"  . DG  A 6  ? 0.1487 0.1663 0.1657 0.0116  0.0346  0.0320  6   DG  A "C2'"  
167 C  "C1'"  . DG  A 6  ? 0.1334 0.1733 0.1291 -0.0006 0.0215  0.0268  6   DG  A "C1'"  
168 N  N9     . DG  A 6  ? 0.1376 0.1510 0.1261 -0.0155 0.0081  0.0290  6   DG  A N9     
169 C  C8     . DG  A 6  ? 0.1260 0.1305 0.1536 0.0003  0.0233  0.0009  6   DG  A C8     
170 N  N7     . DG  A 6  ? 0.1258 0.1174 0.1297 0.0081  0.0208  0.0151  6   DG  A N7     
171 C  C5     . DG  A 6  ? 0.1151 0.1385 0.1101 0.0049  0.0161  0.0162  6   DG  A C5     
172 C  C6     . DG  A 6  ? 0.1057 0.1229 0.1022 0.0151  0.0120  0.0005  6   DG  A C6     
173 O  O6     . DG  A 6  ? 0.1129 0.1136 0.1053 0.0041  0.0058  -0.0037 6   DG  A O6     
174 N  N1     . DG  A 6  ? 0.1091 0.1714 0.1016 -0.0181 0.0014  0.0134  6   DG  A N1     
175 C  C2     . DG  A 6  ? 0.1446 0.1647 0.1211 -0.0196 0.0064  0.0254  6   DG  A C2     
176 N  N2     . DG  A 6  ? 0.1611 0.2007 0.1374 -0.0608 -0.0363 0.0326  6   DG  A N2     
177 N  N3     . DG  A 6  ? 0.1347 0.1873 0.1260 -0.0207 -0.0049 0.0298  6   DG  A N3     
178 C  C4     . DG  A 6  ? 0.1195 0.1708 0.1136 -0.0041 0.0088  0.0326  6   DG  A C4     
179 H  "H5'"  . DG  A 6  ? 0.1431 0.1530 0.1337 0.0012  0.0153  0.0298  6   DG  A "H5'"  
180 H  "H5''" . DG  A 6  ? 0.1442 0.1471 0.1336 0.0061  0.0162  0.0211  6   DG  A "H5''" 
181 H  "H4'"  . DG  A 6  ? 0.1521 0.1853 0.1441 -0.0035 0.0101  0.0366  6   DG  A "H4'"  
182 H  "H3'"  . DG  A 6  ? 0.1463 0.1840 0.1801 0.0126  0.0285  0.0527  6   DG  A "H3'"  
183 H  "H2'"  . DG  A 6  ? 0.1554 0.1726 0.1663 0.0076  0.0315  0.0323  6   DG  A "H2'"  
184 H  "H2''" . DG  A 6  ? 0.1414 0.1747 0.1673 0.0131  0.0248  0.0386  6   DG  A "H2''" 
185 H  "H1'"  . DG  A 6  ? 0.1378 0.1676 0.1353 -0.0046 0.0185  0.0274  6   DG  A "H1'"  
186 H  H8     . DG  A 6  ? 0.1354 0.1300 0.1451 -0.0025 0.0212  0.0122  6   DG  A H8     
187 H  H1     . DG  A 6  ? 0.1173 0.1506 0.1101 -0.0065 0.0016  0.0040  6   DG  A H1     
188 H  H21    . DG  A 6  ? 0.1536 0.1759 0.1308 -0.0407 -0.0229 0.0121  6   DG  A H21    
189 H  H22    . DG  A 6  ? 0.1466 0.1827 0.1324 -0.0421 -0.0192 0.0276  6   DG  A H22    
190 P  P      . DC  A 7  ? 0.1599 0.2664 0.3860 0.0335  0.0652  0.1877  7   DC  A P      
191 O  OP1    . DC  A 7  ? 0.4141 1.6191 0.9869 0.0732  -0.0142 0.3258  7   DC  A OP1    
192 O  OP2    . DC  A 7  ? 0.1588 0.1902 0.5510 0.0169  0.0822  0.1173  7   DC  A OP2    
193 O  "O5'"  . DC  A 7  ? 0.1547 0.1832 0.2687 0.0059  0.0535  0.0830  7   DC  A "O5'"  
194 C  "C5'"  . DC  A 7  ? 0.1511 0.2362 0.1560 0.0268  0.0247  0.0755  7   DC  A "C5'"  
195 C  "C4'"  . DC  A 7  ? 0.1419 0.1693 0.1337 0.0168  0.0116  0.0247  7   DC  A "C4'"  
196 O  "O4'"  . DC  A 7  ? 0.1395 0.1644 0.1199 0.0191  0.0111  0.0220  7   DC  A "O4'"  
197 C  "C3'"  . DC  A 7  ? 0.1413 0.1624 0.1372 0.0118  0.0105  0.0296  7   DC  A "C3'"  
198 O  "O3'"  . DC  A 7  ? 0.1390 0.1701 0.1529 0.0233  0.0004  0.0347  7   DC  A "O3'"  
199 C  "C2'"  . DC  A 7  ? 0.1297 0.1611 0.1414 0.0141  0.0158  0.0362  7   DC  A "C2'"  
200 C  "C1'"  . DC  A 7  ? 0.1423 0.1478 0.1210 -0.0055 0.0040  0.0282  7   DC  A "C1'"  
201 N  N1     . DC  A 7  ? 0.1195 0.1412 0.1157 0.0004  0.0035  0.0232  7   DC  A N1     
202 C  C2     . DC  A 7  ? 0.1023 0.1488 0.1169 -0.0020 0.0098  0.0064  7   DC  A C2     
203 O  O2     . DC  A 7  ? 0.1232 0.1540 0.1175 -0.0020 -0.0043 0.0185  7   DC  A O2     
204 N  N3     . DC  A 7  ? 0.1159 0.1414 0.1086 0.0073  0.0162  0.0086  7   DC  A N3     
205 C  C4     . DC  A 7  ? 0.1131 0.1374 0.1101 -0.0088 0.0225  0.0045  7   DC  A C4     
206 N  N4     . DC  A 7  ? 0.1076 0.1574 0.1197 -0.0080 0.0082  0.0070  7   DC  A N4     
207 C  C5     . DC  A 7  ? 0.1237 0.1576 0.1232 -0.0162 0.0181  0.0080  7   DC  A C5     
208 C  C6     . DC  A 7  ? 0.1243 0.1500 0.1226 -0.0080 0.0131  0.0204  7   DC  A C6     
209 H  "H5'"  . DC  A 7  ? 0.1580 0.2017 0.1804 0.0193  0.0170  0.0626  7   DC  A "H5'"  
210 H  "H5''" . DC  A 7  ? 0.1574 0.2025 0.1566 0.0151  0.0094  0.0581  7   DC  A "H5''" 
211 H  "H4'"  . DC  A 7  ? 0.1457 0.1712 0.1336 0.0109  0.0127  0.0275  7   DC  A "H4'"  
212 H  "H3'"  . DC  A 7  ? 0.1425 0.1612 0.1483 0.0093  0.0115  0.0298  7   DC  A "H3'"  
213 H  "H2'"  . DC  A 7  ? 0.1378 0.1617 0.1500 0.0086  0.0077  0.0250  7   DC  A "H2'"  
214 H  "H2''" . DC  A 7  ? 0.1404 0.1580 0.1388 0.0056  0.0106  0.0299  7   DC  A "H2''" 
215 H  "H1'"  . DC  A 7  ? 0.1336 0.1426 0.1226 0.0037  0.0071  0.0238  7   DC  A "H1'"  
216 H  H41    . DC  A 7  ? 0.1122 0.1481 0.1230 -0.0067 0.0106  0.0008  7   DC  A H41    
217 H  H42    . DC  A 7  ? 0.1142 0.1410 0.1182 -0.0030 0.0134  0.0033  7   DC  A H42    
218 H  H5     . DC  A 7  ? 0.1224 0.1413 0.1192 -0.0070 0.0186  0.0082  7   DC  A H5     
219 H  H6     . DC  A 7  ? 0.1310 0.1396 0.1271 -0.0067 0.0105  0.0129  7   DC  A H6     
220 P  P      . DC  A 8  ? 0.1673 0.1709 0.1959 0.0081  0.0178  0.0505  8   DC  A P      
221 O  OP1    . DC  A 8  ? 0.2192 0.2150 0.2072 0.0646  0.0059  0.0680  8   DC  A OP1    
222 O  OP2    . DC  A 8  ? 0.1947 0.1748 0.2656 -0.0272 0.0437  0.0270  8   DC  A OP2    
223 O  "O5'"  . DC  A 8  ? 0.1395 0.1466 0.1763 -0.0071 0.0057  0.0121  8   DC  A "O5'"  
224 C  "C5'"  . DC  A 8  ? 0.1221 0.1608 0.1571 -0.0003 -0.0117 0.0234  8   DC  A "C5'"  
225 C  "C4'"  . DC  A 8  ? 0.1529 0.1210 0.1544 0.0067  -0.0171 0.0091  8   DC  A "C4'"  
226 O  "O4'"  . DC  A 8  ? 0.1846 0.1248 0.1560 0.0259  -0.0475 -0.0054 8   DC  A "O4'"  
227 C  "C3'"  . DC  A 8  ? 0.1434 0.1435 0.1639 0.0128  -0.0005 0.0208  8   DC  A "C3'"  
228 O  "O3'"  . DC  A 8  ? 0.1485 0.1386 0.2062 0.0341  -0.0242 -0.0031 8   DC  A "O3'"  
229 C  "C2'"  . DC  A 8  ? 0.1501 0.1313 0.1458 0.0078  0.0057  -0.0055 8   DC  A "C2'"  
230 C  "C1'"  . DC  A 8  ? 0.1371 0.1233 0.1396 0.0007  -0.0052 0.0076  8   DC  A "C1'"  
231 N  N1     . DC  A 8  ? 0.1360 0.1153 0.1394 -0.0071 0.0046  0.0103  8   DC  A N1     
232 C  C2     . DC  A 8  ? 0.1277 0.1020 0.1202 0.0085  -0.0024 -0.0090 8   DC  A C2     
233 O  O2     . DC  A 8  ? 0.1293 0.1241 0.1249 -0.0051 -0.0003 0.0048  8   DC  A O2     
234 N  N3     . DC  A 8  ? 0.1253 0.1204 0.1083 -0.0085 0.0041  -0.0050 8   DC  A N3     
235 C  C4     . DC  A 8  ? 0.1359 0.1236 0.1243 0.0118  0.0156  0.0030  8   DC  A C4     
236 N  N4     . DC  A 8  ? 0.1352 0.1425 0.1149 0.0025  0.0157  -0.0014 8   DC  A N4     
237 C  C5     . DC  A 8  ? 0.1568 0.1242 0.1436 0.0054  0.0215  0.0199  8   DC  A C5     
238 C  C6     . DC  A 8  ? 0.1510 0.1321 0.1351 0.0243  0.0081  0.0183  8   DC  A C6     
239 H  "H5'"  . DC  A 8  ? 0.1347 0.1570 0.1613 -0.0029 -0.0115 0.0229  8   DC  A "H5'"  
240 H  "H5''" . DC  A 8  ? 0.1374 0.1469 0.1562 0.0059  -0.0144 0.0237  8   DC  A "H5''" 
241 H  "H4'"  . DC  A 8  ? 0.1479 0.1330 0.1598 0.0086  -0.0144 0.0105  8   DC  A "H4'"  
242 H  "H3'"  . DC  A 8  ? 0.1521 0.1314 0.1601 0.0153  -0.0006 0.0122  8   DC  A "H3'"  
243 H  "H2'"  . DC  A 8  ? 0.1486 0.1340 0.1485 0.0086  0.0018  0.0042  8   DC  A "H2'"  
244 H  "H2''" . DC  A 8  ? 0.1479 0.1337 0.1532 0.0104  0.0110  -0.0029 8   DC  A "H2''" 
245 H  "H1'"  . DC  A 8  ? 0.1417 0.1211 0.1357 0.0028  -0.0029 0.0049  8   DC  A "H1'"  
246 H  H41    . DC  A 8  ? 0.1362 0.1360 0.1247 0.0053  0.0094  0.0001  8   DC  A H41    
247 H  H42    . DC  A 8  ? 0.1315 0.1354 0.1258 0.0009  0.0128  0.0027  8   DC  A H42    
248 H  H5     . DC  A 8  ? 0.1490 0.1275 0.1466 0.0073  0.0204  0.0173  8   DC  A H5     
249 H  H6     . DC  A 8  ? 0.1482 0.1292 0.1323 0.0129  0.0036  0.0162  8   DC  A H6     
250 P  P      A DI  A 9  ? 0.1580 0.1802 0.3432 0.0009  0.0221  0.0142  9   DI  A P      
251 P  P      B DI  A 9  ? 0.1901 0.1423 0.2295 0.0706  -0.0127 0.0227  9   DI  A P      
252 O  OP1    A DI  A 9  ? 0.1351 0.2031 0.3401 0.0230  0.0090  0.0090  9   DI  A OP1    
253 O  OP1    B DI  A 9  ? 0.1883 0.1836 0.3252 0.1013  -0.0475 -0.0137 9   DI  A OP1    
254 O  OP2    A DI  A 9  ? 0.1855 0.1532 0.3053 0.0013  0.0148  0.0102  9   DI  A OP2    
255 O  OP2    B DI  A 9  ? 0.2657 0.1418 0.2732 0.0976  0.0082  0.0418  9   DI  A OP2    
256 O  "O5'"  A DI  A 9  ? 0.1980 0.1546 0.3130 0.0411  0.0640  -0.0179 9   DI  A "O5'"  
257 O  "O5'"  B DI  A 9  ? 0.1674 0.1097 0.2351 0.0157  0.0007  0.0006  9   DI  A "O5'"  
258 C  "C5'"  A DI  A 9  ? 0.1227 0.2014 0.3159 -0.0572 0.0074  -0.0409 9   DI  A "C5'"  
259 C  "C5'"  B DI  A 9  ? 0.1778 0.1179 0.1938 0.0178  0.0297  0.0013  9   DI  A "C5'"  
260 C  "C4'"  A DI  A 9  ? 0.1298 0.1317 0.2993 -0.0112 0.0434  -0.0670 9   DI  A "C4'"  
261 C  "C4'"  B DI  A 9  ? 0.1864 0.1602 0.1982 -0.0293 0.0262  -0.0296 9   DI  A "C4'"  
262 O  "O4'"  A DI  A 9  ? 0.1204 0.1832 0.2475 0.0055  0.0113  -0.0697 9   DI  A "O4'"  
263 O  "O4'"  B DI  A 9  ? 0.1756 0.1221 0.1799 -0.0164 0.0124  -0.0283 9   DI  A "O4'"  
264 C  "C3'"  A DI  A 9  ? 0.1697 0.1672 0.2799 -0.0124 0.0493  -0.0840 9   DI  A "C3'"  
265 C  "C3'"  B DI  A 9  ? 0.1885 0.1556 0.2559 -0.0185 0.0474  -0.0575 9   DI  A "C3'"  
266 O  "O3'"  A DI  A 9  ? 0.1455 0.1937 0.2700 0.0256  0.0120  -0.0752 9   DI  A "O3'"  
267 O  "O3'"  B DI  A 9  ? 0.2091 0.2815 0.3404 -0.0365 0.1379  -0.1841 9   DI  A "O3'"  
268 C  "C2'"  A DI  A 9  ? 0.1673 0.1604 0.2453 -0.0053 0.0305  -0.0609 9   DI  A "C2'"  
269 C  "C2'"  B DI  A 9  ? 0.1783 0.1369 0.2321 -0.0201 -0.0071 -0.0459 9   DI  A "C2'"  
270 C  "C1'"  A DI  A 9  ? 0.1440 0.1609 0.2073 -0.0060 0.0333  -0.0450 9   DI  A "C1'"  
271 C  "C1'"  B DI  A 9  ? 0.1560 0.1503 0.1874 -0.0159 0.0156  -0.0461 9   DI  A "C1'"  
272 N  N9     A DI  A 9  ? 0.1475 0.1605 0.1783 0.0058  0.0170  -0.0295 9   DI  A N9     
273 N  N9     B DI  A 9  ? 0.1627 0.1482 0.1520 -0.0155 0.0032  -0.0523 9   DI  A N9     
274 C  C8     A DI  A 9  ? 0.1530 0.1535 0.1748 0.0125  0.0135  -0.0213 9   DI  A C8     
275 C  C8     B DI  A 9  ? 0.1701 0.1186 0.1946 -0.0192 -0.0008 -0.0260 9   DI  A C8     
276 N  N7     A DI  A 9  ? 0.1620 0.1561 0.1226 -0.0024 0.0114  -0.0103 9   DI  A N7     
277 N  N7     B DI  A 9  ? 0.1878 0.1367 0.1972 0.0041  0.0162  -0.0015 9   DI  A N7     
278 C  C5     A DI  A 9  ? 0.1550 0.1241 0.1602 -0.0280 0.0234  -0.0390 9   DI  A C5     
279 C  C5     B DI  A 9  ? 0.1585 0.1502 0.1570 -0.0215 0.0201  -0.0440 9   DI  A C5     
280 C  C6     A DI  A 9  ? 0.1565 0.1485 0.1533 -0.0271 0.0268  -0.0177 9   DI  A C6     
281 C  C6     B DI  A 9  ? 0.1623 0.1389 0.1380 -0.0149 0.0276  -0.0424 9   DI  A C6     
282 O  O6     A DI  A 9  ? 0.1452 0.1529 0.1468 -0.0126 0.0244  -0.0108 9   DI  A O6     
283 O  O6     B DI  A 9  ? 0.1503 0.1544 0.1462 -0.0186 0.0220  -0.0091 9   DI  A O6     
284 N  N1     A DI  A 9  ? 0.1520 0.1587 0.1227 -0.0328 0.0080  -0.0121 9   DI  A N1     
285 N  N1     B DI  A 9  ? 0.1394 0.1233 0.1143 -0.0234 0.0122  -0.0447 9   DI  A N1     
286 C  C2     A DI  A 9  ? 0.1740 0.1806 0.1233 0.0153  0.0492  -0.0234 9   DI  A C2     
287 C  C2     B DI  A 9  ? 0.1264 0.1373 0.1229 -0.0542 0.0000  -0.0426 9   DI  A C2     
288 N  N3     A DI  A 9  ? 0.1643 0.1727 0.1471 -0.0231 0.0281  -0.0444 9   DI  A N3     
289 N  N3     B DI  A 9  ? 0.1556 0.1562 0.1213 -0.0532 0.0245  -0.0432 9   DI  A N3     
290 C  C4     A DI  A 9  ? 0.1467 0.1423 0.1476 -0.0073 0.0241  -0.0634 9   DI  A C4     
291 C  C4     B DI  A 9  ? 0.1572 0.1591 0.1461 -0.0349 0.0130  -0.0461 9   DI  A C4     
292 H  "H5'"  A DI  A 9  ? 0.1443 0.2058 0.3051 -0.0160 0.0268  -0.0354 9   DI  A "H5'"  
293 H  "H5'"  B DI  A 9  ? 0.1738 0.1264 0.2000 0.0204  0.0203  -0.0104 9   DI  A "H5'"  
294 H  "H5''" A DI  A 9  ? 0.1480 0.1757 0.2881 -0.0090 0.0200  -0.0370 9   DI  A "H5''" 
295 H  "H5''" B DI  A 9  ? 0.1726 0.1254 0.1982 0.0109  0.0097  -0.0041 9   DI  A "H5''" 
296 H  "H4'"  A DI  A 9  ? 0.1370 0.1706 0.2631 -0.0153 0.0364  -0.0601 9   DI  A "H4'"  
297 H  "H4'"  B DI  A 9  ? 0.1833 0.1430 0.2022 -0.0158 0.0269  -0.0258 9   DI  A "H4'"  
298 H  "H3'"  A DI  A 9  ? 0.1714 0.1755 0.2752 -0.0117 0.0438  -0.0773 9   DI  A "H3'"  
299 H  "H3'"  B DI  A 9  ? 0.1960 0.1712 0.2454 -0.0217 0.0363  -0.0644 9   DI  A "H3'"  
300 H  "H2'"  A DI  A 9  ? 0.1661 0.1691 0.2456 -0.0045 0.0307  -0.0580 9   DI  A "H2'"  
301 H  "H2'"  B DI  A 9  ? 0.1775 0.1546 0.2279 -0.0138 0.0069  -0.0506 9   DI  A "H2'"  
302 H  "H2''" A DI  A 9  ? 0.1616 0.1730 0.2307 -0.0046 0.0276  -0.0583 9   DI  A "H2''" 
303 H  "H2''" B DI  A 9  ? 0.1755 0.1534 0.2055 -0.0156 0.0076  -0.0391 9   DI  A "H2''" 
304 H  "H1'"  A DI  A 9  ? 0.1513 0.1679 0.2084 -0.0015 0.0231  -0.0451 9   DI  A "H1'"  
305 H  "H1'"  B DI  A 9  ? 0.1667 0.1461 0.1894 -0.0164 0.0109  -0.0425 9   DI  A "H1'"  
306 H  H8     A DI  A 9  ? 0.1592 0.1567 0.1682 0.0068  0.0091  -0.0175 9   DI  A H8     
307 H  H8     B DI  A 9  ? 0.1707 0.1373 0.1909 -0.0093 0.0020  -0.0209 9   DI  A H8     
308 H  H1     A DI  A 9  ? 0.1540 0.1610 0.1309 -0.0215 0.0207  -0.0174 9   DI  A H1     
309 H  H1     B DI  A 9  ? 0.1379 0.1289 0.1218 -0.0240 0.0119  -0.0413 9   DI  A H1     
310 H  H2     A DI  A 9  ? 0.1695 0.1643 0.1458 -0.0057 0.0243  -0.0178 9   DI  A H2     
311 H  H2     B DI  A 9  ? 0.1377 0.1381 0.1327 -0.0441 0.0070  -0.0369 9   DI  A H2     
312 P  P      A DA  A 10 ? 0.2084 0.2554 0.2562 0.0706  -0.0203 -0.1263 10  DA  A P      
313 P  P      B DA  A 10 ? 0.9530 0.5902 1.4620 0.0204  0.4873  -0.1550 10  DA  A P      
314 O  OP1    A DA  A 10 ? 0.6245 0.2384 0.3491 0.1117  -0.1561 -0.1260 10  DA  A OP1    
315 O  OP1    B DA  A 10 ? 0.3236 0.5849 1.1723 -0.2144 0.1816  -0.2943 10  DA  A OP1    
316 O  OP2    A DA  A 10 ? 0.1661 0.4697 0.2056 0.0926  -0.0365 -0.2139 10  DA  A OP2    
317 O  OP2    B DA  A 10 ? 0.9514 0.3959 1.3390 -0.1158 0.0551  -0.4051 10  DA  A OP2    
318 O  "O5'"  A DA  A 10 ? 0.3187 0.3497 0.2748 0.1634  -0.0439 -0.1958 10  DA  A "O5'"  
319 O  "O5'"  B DA  A 10 ? 0.7533 0.4591 0.5609 0.0698  0.2439  0.2106  10  DA  A "O5'"  
320 C  "C5'"  A DA  A 10 ? 0.2345 0.2487 0.3193 0.0588  -0.0932 -0.1375 10  DA  A "C5'"  
321 C  "C5'"  B DA  A 10 ? 0.2994 0.1655 0.4928 -0.0211 0.2057  -0.1156 10  DA  A "C5'"  
322 C  "C4'"  A DA  A 10 ? 0.1391 0.2758 0.2983 0.0370  -0.0105 -0.0861 10  DA  A "C4'"  
323 C  "C4'"  B DA  A 10 ? 0.1926 0.1451 0.6178 0.0393  0.0934  -0.0712 10  DA  A "C4'"  
324 O  "O4'"  A DA  A 10 ? 0.1907 0.1785 0.3052 0.0296  0.0422  -0.0565 10  DA  A "O4'"  
325 O  "O4'"  B DA  A 10 ? 0.2240 0.1983 0.6896 -0.0170 0.0866  -0.1542 10  DA  A "O4'"  
326 C  "C3'"  A DA  A 10 ? 0.2403 0.2712 0.2354 -0.0272 -0.0465 -0.0468 10  DA  A "C3'"  
327 C  "C3'"  B DA  A 10 ? 0.4306 0.1856 0.6878 0.0026  0.1852  -0.0094 10  DA  A "C3'"  
328 O  "O3'"  A DA  A 10 ? 0.2636 0.1962 0.3298 0.0212  -0.0108 -0.0251 10  DA  A "O3'"  
329 O  "O3'"  B DA  A 10 ? 0.2745 0.2760 0.9824 -0.0099 0.2815  -0.1160 10  DA  A "O3'"  
330 C  "C2'"  A DA  A 10 ? 0.1933 0.2685 0.4295 0.0908  0.0715  0.0067  10  DA  A "C2'"  
331 C  "C2'"  B DA  A 10 ? 0.2302 0.2203 0.5163 -0.0207 0.1743  0.0092  10  DA  A "C2'"  
332 C  "C1'"  A DA  A 10 ? 0.2466 0.1050 0.4107 0.0701  -0.0010 -0.0124 10  DA  A "C1'"  
333 C  "C1'"  B DA  A 10 ? 0.2121 0.1932 0.4898 -0.0407 0.1359  -0.1074 10  DA  A "C1'"  
334 N  N9     A DA  A 10 ? 0.1976 0.1343 0.2527 0.0037  -0.0042 -0.0221 10  DA  A N9     
335 N  N9     B DA  A 10 ? 0.1969 0.1916 0.3054 -0.0161 0.0608  -0.0590 10  DA  A N9     
336 C  C8     A DA  A 10 ? 0.2201 0.1379 0.2334 0.0454  0.0434  -0.0133 10  DA  A C8     
337 C  C8     B DA  A 10 ? 0.1774 0.2133 0.2663 -0.0648 0.0426  -0.0489 10  DA  A C8     
338 N  N7     A DA  A 10 ? 0.2134 0.1405 0.2184 0.0039  0.0326  -0.0094 10  DA  A N7     
339 N  N7     B DA  A 10 ? 0.2136 0.1616 0.2492 -0.0485 0.0317  0.0002  10  DA  A N7     
340 C  C5     A DA  A 10 ? 0.1838 0.1589 0.2391 0.0002  -0.0001 0.0203  10  DA  A C5     
341 C  C5     B DA  A 10 ? 0.1785 0.1253 0.2491 -0.0002 0.0301  0.0076  10  DA  A C5     
342 C  C6     A DA  A 10 ? 0.1630 0.1018 0.2190 -0.0137 -0.0127 0.0109  10  DA  A C6     
343 C  C6     B DA  A 10 ? 0.1554 0.1084 0.2227 0.0026  0.0073  0.0170  10  DA  A C6     
344 N  N6     A DA  A 10 ? 0.1661 0.1112 0.2061 -0.0169 -0.0172 0.0037  10  DA  A N6     
345 N  N6     B DA  A 10 ? 0.1466 0.1208 0.1958 0.0014  0.0073  0.0228  10  DA  A N6     
346 N  N1     A DA  A 10 ? 0.1591 0.1174 0.2468 0.0094  -0.0206 0.0150  10  DA  A N1     
347 N  N1     B DA  A 10 ? 0.1812 0.1346 0.2747 -0.0065 -0.0305 0.0413  10  DA  A N1     
348 C  C2     A DA  A 10 ? 0.2140 0.1894 0.2811 0.0789  -0.0214 0.0064  10  DA  A C2     
349 C  C2     B DA  A 10 ? 0.1698 0.1305 0.3198 -0.0270 -0.0080 0.0422  10  DA  A C2     
350 N  N3     A DA  A 10 ? 0.1858 0.1407 0.3365 0.0393  -0.0485 -0.0106 10  DA  A N3     
351 N  N3     B DA  A 10 ? 0.1961 0.0788 0.4262 0.0012  0.0386  0.0496  10  DA  A N3     
352 C  C4     A DA  A 10 ? 0.2539 0.1644 0.2682 0.0502  -0.0072 0.0009  10  DA  A C4     
353 C  C4     B DA  A 10 ? 0.1798 0.1005 0.3274 -0.0123 0.0577  -0.0271 10  DA  A C4     
354 H  "H5'"  A DA  A 10 ? 0.2339 0.2735 0.3255 0.0525  -0.0597 -0.1175 10  DA  A "H5'"  
355 H  "H5'"  B DA  A 10 ? 0.3061 0.2005 0.4234 0.0309  0.1865  -0.0552 10  DA  A "H5'"  
356 H  "H5''" A DA  A 10 ? 0.2138 0.2529 0.3035 0.0435  -0.0549 -0.1288 10  DA  A "H5''" 
357 H  "H5''" B DA  A 10 ? 0.2809 0.2419 0.4942 -0.0108 0.1577  -0.0731 10  DA  A "H5''" 
358 H  "H4'"  A DA  A 10 ? 0.1970 0.2599 0.2987 0.0301  -0.0124 -0.0780 10  DA  A "H4'"  
359 H  "H4'"  B DA  A 10 ? 0.2288 0.1623 0.5643 0.0355  0.0636  -0.0631 10  DA  A "H4'"  
360 H  "H3'"  A DA  A 10 ? 0.2195 0.2568 0.2430 0.0150  -0.0098 -0.0366 10  DA  A "H3'"  
361 H  "H3'"  B DA  A 10 ? 0.3078 0.2025 0.6875 0.0083  0.1635  -0.0314 10  DA  A "H3'"  
362 H  "HO3'" A DA  A 10 ? 0.2688 0.2530 0.2834 0.0008  -0.0102 -0.0157 10  DA  A "HO3'" 
363 H  "HO3'" B DA  A 10 ? 0.2951 0.3162 0.5020 -0.0272 0.0856  0.0568  10  DA  A "HO3'" 
364 H  "H2'"  A DA  A 10 ? 0.2580 0.2288 0.3509 0.0413  0.0150  -0.0173 10  DA  A "H2'"  
365 H  "H2'"  B DA  A 10 ? 0.2737 0.2242 0.5078 -0.0194 0.1426  -0.0161 10  DA  A "H2'"  
366 H  "H2''" A DA  A 10 ? 0.2775 0.2518 0.3646 0.0419  0.0267  -0.0084 10  DA  A "H2''" 
367 H  "H2''" B DA  A 10 ? 0.2339 0.2334 0.4884 -0.0329 0.1283  0.0035  10  DA  A "H2''" 
368 H  "H1'"  A DA  A 10 ? 0.2417 0.1517 0.3566 0.0455  0.0216  -0.0233 10  DA  A "H1'"  
369 H  "H1'"  B DA  A 10 ? 0.2318 0.1998 0.4900 -0.0191 0.1063  -0.0761 10  DA  A "H1'"  
370 H  H8     A DA  A 10 ? 0.2152 0.1469 0.2339 0.0233  0.0299  -0.0127 10  DA  A H8     
371 H  H8     B DA  A 10 ? 0.2021 0.1983 0.2635 -0.0449 0.0370  -0.0283 10  DA  A H8     
372 H  H61    A DA  A 10 ? 0.1631 0.1104 0.2032 -0.0157 -0.0103 0.0086  10  DA  A H61    
373 H  H61    B DA  A 10 ? 0.1566 0.1179 0.1963 0.0012  0.0033  0.0214  10  DA  A H61    
374 H  H62    A DA  A 10 ? 0.1638 0.1128 0.2046 -0.0158 -0.0122 0.0107  10  DA  A H62    
375 H  H62    B DA  A 10 ? 0.1519 0.1193 0.1976 0.0020  0.0063  0.0184  10  DA  A H62    
376 H  H2     A DA  A 10 ? 0.2075 0.1601 0.2686 0.0461  -0.0142 0.0094  10  DA  A H2     
377 H  H2     B DA  A 10 ? 0.1932 0.1231 0.3103 -0.0164 -0.0006 0.0455  10  DA  A H2     
378 BA BA     . BA  B .  ? 0.1047 0.1164 0.1122 0.0146  0.0059  0.0099  101 BA  A BA     
379 RU RU     . RKL C .  ? 0.1206 0.1220 0.1025 -0.0122 0.0160  -0.0101 102 RKL A RU     
380 C  C1     . RKL C .  ? 0.1410 0.1135 0.1060 -0.0240 0.0096  -0.0128 102 RKL A C1     
381 N  N1     . RKL C .  ? 0.1223 0.1233 0.1093 -0.0179 0.0149  -0.0222 102 RKL A N1     
382 C  C2     . RKL C .  ? 0.1291 0.1466 0.1273 -0.0089 0.0089  0.0007  102 RKL A C2     
383 N  N2     . RKL C .  ? 0.1231 0.1360 0.1038 -0.0196 0.0146  -0.0092 102 RKL A N2     
384 C  C3     . RKL C .  ? 0.1397 0.1543 0.1390 0.0060  -0.0004 0.0119  102 RKL A C3     
385 N  N3     . RKL C .  ? 0.1979 0.1451 0.1183 -0.0275 0.0026  0.0096  102 RKL A N3     
386 C  C4     . RKL C .  ? 0.1496 0.1519 0.1266 -0.0103 -0.0127 0.0074  102 RKL A C4     
387 N  N4     . RKL C .  ? 0.1985 0.1405 0.1249 -0.0377 0.0283  -0.0015 102 RKL A N4     
388 C  C5     . RKL C .  ? 0.1585 0.1203 0.1182 -0.0258 0.0003  0.0018  102 RKL A C5     
389 N  N5     . RKL C .  ? 0.1117 0.1147 0.1093 -0.0016 0.0056  -0.0021 102 RKL A N5     
390 C  C6     . RKL C .  ? 0.1880 0.1307 0.1074 -0.0239 -0.0072 -0.0040 102 RKL A C6     
391 N  N6     . RKL C .  ? 0.1169 0.1171 0.1205 0.0166  0.0205  0.0185  102 RKL A N6     
392 C  C7     . RKL C .  ? 0.1660 0.1138 0.1224 -0.0322 0.0234  -0.0157 102 RKL A C7     
393 N  N7     . RKL C .  ? 0.1202 0.0988 0.1212 0.0126  -0.0069 -0.0058 102 RKL A N7     
394 C  C8     . RKL C .  ? 0.1541 0.1201 0.1099 -0.0345 0.0134  -0.0185 102 RKL A C8     
395 N  N8     . RKL C .  ? 0.1157 0.1090 0.1038 0.0037  0.0098  -0.0023 102 RKL A N8     
396 C  C9     . RKL C .  ? 0.1428 0.1609 0.1199 -0.0374 0.0249  -0.0267 102 RKL A C9     
397 N  N9     . RKL C .  ? 0.1394 0.1103 0.1210 -0.0064 0.0353  -0.0138 102 RKL A N9     
398 C  C10    . RKL C .  ? 0.1429 0.1217 0.1012 -0.0370 0.0061  -0.0231 102 RKL A C10    
399 N  N10    . RKL C .  ? 0.1762 0.1299 0.1788 0.0262  0.0727  0.0094  102 RKL A N10    
400 C  C11    . RKL C .  ? 0.1341 0.1426 0.1236 -0.0286 0.0228  -0.0285 102 RKL A C11    
401 N  N11    . RKL C .  ? 0.1931 0.1666 0.1490 -0.0646 0.0321  -0.0358 102 RKL A N11    
402 C  C12    . RKL C .  ? 0.1334 0.1487 0.1069 -0.0114 0.0195  -0.0224 102 RKL A C12    
403 N  N12    . RKL C .  ? 0.1470 0.1339 0.1130 -0.0243 0.0220  -0.0053 102 RKL A N12    
404 C  C13    . RKL C .  ? 0.2387 0.1559 0.1378 -0.0616 0.0242  0.0019  102 RKL A C13    
405 C  C14    . RKL C .  ? 0.2492 0.1636 0.1825 -0.0311 0.0461  0.0313  102 RKL A C14    
406 C  C15    . RKL C .  ? 0.2100 0.1642 0.1476 -0.0407 0.0055  0.0118  102 RKL A C15    
407 C  C16    . RKL C .  ? 0.2782 0.1824 0.1518 -0.0186 0.0041  0.0510  102 RKL A C16    
408 C  C17    . RKL C .  ? 0.2734 0.1846 0.1846 -0.0073 0.0178  0.0528  102 RKL A C17    
409 C  C18    . RKL C .  ? 0.3388 0.1935 0.1928 -0.0330 0.0367  0.0785  102 RKL A C18    
410 C  C19    . RKL C .  ? 0.1090 0.1067 0.1072 0.0124  0.0073  0.0088  102 RKL A C19    
411 C  C20    . RKL C .  ? 0.1234 0.0992 0.1300 -0.0030 0.0082  0.0021  102 RKL A C20    
412 C  C21    . RKL C .  ? 0.1269 0.1064 0.1145 0.0106  0.0127  0.0052  102 RKL A C21    
413 C  C22    . RKL C .  ? 0.1154 0.0987 0.1053 0.0221  0.0118  0.0098  102 RKL A C22    
414 C  C23    . RKL C .  ? 0.1169 0.1123 0.1074 0.0263  0.0106  0.0089  102 RKL A C23    
415 C  C24    . RKL C .  ? 0.1317 0.1139 0.1018 0.0331  -0.0022 -0.0027 102 RKL A C24    
416 C  C25    . RKL C .  ? 0.1252 0.0901 0.0964 0.0176  0.0041  -0.0062 102 RKL A C25    
417 C  C26    . RKL C .  ? 0.1158 0.0960 0.1054 0.0178  0.0091  0.0031  102 RKL A C26    
418 C  C27    . RKL C .  ? 0.1271 0.1132 0.1184 0.0006  0.0109  -0.0098 102 RKL A C27    
419 C  C28    . RKL C .  ? 0.1225 0.1189 0.1101 0.0017  0.0125  -0.0088 102 RKL A C28    
420 C  C29    . RKL C .  ? 0.1607 0.1214 0.1554 -0.0128 0.0746  -0.0063 102 RKL A C29    
421 C  C30    . RKL C .  ? 0.1215 0.1425 0.1230 0.0044  0.0241  -0.0047 102 RKL A C30    
422 C  C31    . RKL C .  ? 0.1508 0.1415 0.1474 0.0209  0.0385  0.0092  102 RKL A C31    
423 C  C32    . RKL C .  ? 0.1813 0.1411 0.1414 0.0162  0.0634  -0.0141 102 RKL A C32    
424 C  C33    . RKL C .  ? 0.2466 0.1208 0.1885 -0.0104 0.1153  -0.0294 102 RKL A C33    
425 C  C34    . RKL C .  ? 0.2354 0.1444 0.1718 -0.0519 0.0885  -0.0552 102 RKL A C34    
426 C  C35    . RKL C .  ? 0.1826 0.1437 0.1443 -0.0406 0.0479  -0.0236 102 RKL A C35    
427 C  C36    . RKL C .  ? 0.1561 0.1537 0.1156 -0.0470 0.0358  -0.0218 102 RKL A C36    
428 C  C37    . RKL C .  ? 0.1697 0.2109 0.1340 -0.0706 0.0078  -0.0282 102 RKL A C37    
429 C  C38    . RKL C .  ? 0.1523 0.1627 0.1183 -0.0374 0.0125  -0.0180 102 RKL A C38    
430 H  H2     . RKL C .  ? 0.1284 0.1399 0.1289 -0.0090 0.0071  0.0015  102 RKL A H2     
431 H  H3     . RKL C .  ? 0.1390 0.1588 0.1365 0.0015  0.0009  0.0016  102 RKL A H3     
432 H  H4     . RKL C .  ? 0.1463 0.1431 0.1313 -0.0092 -0.0039 0.0072  102 RKL A H4     
433 H  H9     . RKL C .  ? 0.1389 0.1440 0.1286 -0.0386 0.0225  -0.0209 102 RKL A H9     
434 H  H11    . RKL C .  ? 0.1346 0.1474 0.1138 -0.0229 0.0134  -0.0246 102 RKL A H11    
435 H  H12    . RKL C .  ? 0.1333 0.1383 0.1174 -0.0145 0.0199  -0.0205 102 RKL A H12    
436 H  H14    . RKL C .  ? 0.2375 0.1627 0.1654 -0.0331 0.0240  0.0341  102 RKL A H14    
437 H  H16    . RKL C .  ? 0.2645 0.1791 0.1605 -0.0298 -0.0002 0.0428  102 RKL A H16    
438 H  H17    . RKL C .  ? 0.2529 0.1814 0.1700 -0.0191 0.0072  0.0448  102 RKL A H17    
439 H  H18    . RKL C .  ? 0.2764 0.1771 0.2299 -0.0375 0.0469  0.0614  102 RKL A H18    
440 H  H20    . RKL C .  ? 0.1246 0.1130 0.1237 -0.0009 0.0083  0.0014  102 RKL A H20    
441 H  H21    . RKL C .  ? 0.1268 0.1179 0.1232 0.0065  0.0095  0.0105  102 RKL A H21    
442 H  H23    . RKL C .  ? 0.1175 0.1091 0.1065 0.0265  0.0102  0.0052  102 RKL A H23    
443 H  H24    . RKL C .  ? 0.1258 0.1118 0.1042 0.0263  0.0030  -0.0037 102 RKL A H24    
444 H  H27    . RKL C .  ? 0.1249 0.1130 0.1173 0.0014  0.0041  -0.0068 102 RKL A H27    
445 H  H28    . RKL C .  ? 0.1210 0.1167 0.1118 0.0006  0.0127  -0.0095 102 RKL A H28    
446 H  H30    . RKL C .  ? 0.1341 0.1338 0.1276 0.0042  0.0284  -0.0031 102 RKL A H30    
447 H  H31    . RKL C .  ? 0.1500 0.1434 0.1473 0.0181  0.0388  0.0061  102 RKL A H31    
448 H  H33    . RKL C .  ? 0.2045 0.1459 0.1678 -0.0032 0.0846  -0.0217 102 RKL A H33    
449 H  H34    . RKL C .  ? 0.2095 0.1531 0.1538 -0.0460 0.0704  -0.0485 102 RKL A H34    
450 H  H37    . RKL C .  ? 0.1648 0.1895 0.1373 -0.0549 0.0114  -0.0235 102 RKL A H37    
451 H  H38    . RKL C .  ? 0.1570 0.1681 0.1268 -0.0326 0.0174  -0.0101 102 RKL A H38    
452 CL CL     . CL  D .  ? 0.1592 0.1630 0.1428 0.0064  0.0070  0.0167  103 CL  A CL     
453 O  O      . HOH E .  ? 0.1279 0.1302 0.1463 0.0067  -0.0082 0.0209  201 HOH A O      
454 O  O      . HOH E .  ? 0.1333 0.1341 0.1188 0.0158  -0.0064 -0.0010 202 HOH A O      
455 O  O      . HOH E .  ? 0.1381 0.1218 0.1365 -0.0036 0.0218  -0.0011 203 HOH A O      
456 O  O      . HOH E .  ? 0.1121 0.2342 0.1287 0.0156  0.0124  0.0054  204 HOH A O      
457 O  O      . HOH E .  ? 0.1629 0.2101 0.2008 -0.0406 0.0136  -0.0239 205 HOH A O      
458 O  O      . HOH E .  ? 0.1804 0.1795 0.1381 -0.0290 -0.0085 -0.0085 206 HOH A O      
459 O  O      . HOH E .  ? 0.3930 0.1611 0.1436 -0.0041 -0.0240 -0.0173 207 HOH A O      
460 O  O      . HOH E .  ? 0.2397 0.2375 0.1752 -0.0825 0.0327  -0.0435 208 HOH A O      
461 O  O      . HOH E .  ? 0.2190 0.2523 0.1756 -0.0544 0.0192  0.0192  209 HOH A O      
462 O  O      . HOH E .  ? 0.1609 0.1683 0.1506 -0.0326 -0.0129 0.0040  210 HOH A O      
463 O  O      . HOH E .  ? 0.1513 0.3676 0.2421 0.0020  0.0540  -0.0280 211 HOH A O      
464 O  O      . HOH E .  ? 0.3441 0.2317 0.3327 -0.0490 0.1645  0.0139  212 HOH A O      
465 O  O      . HOH E .  ? 0.2457 0.2181 0.2173 -0.0146 0.0513  0.0278  213 HOH A O      
466 O  O      . HOH E .  ? 0.1720 0.1974 0.2413 -0.0265 0.0284  0.0142  214 HOH A O      
467 O  O      . HOH E .  ? 0.2232 0.3003 0.1967 0.0167  0.0310  0.0039  215 HOH A O      
468 O  O      . HOH E .  ? 0.2505 0.1891 0.2039 -0.0242 -0.0623 0.0135  216 HOH A O      
469 O  O      . HOH E .  ? 0.2471 0.2628 0.3295 0.0427  0.0662  0.0711  217 HOH A O      
470 O  O      . HOH E .  ? 0.1644 0.1669 0.2650 0.0106  0.0187  0.0535  218 HOH A O      
471 O  O      . HOH E .  ? 0.2066 0.2291 0.2248 -0.0149 -0.0433 -0.0422 219 HOH A O      
472 O  O      . HOH E .  ? 0.2639 0.2917 0.1783 -0.0297 0.0497  -0.0378 220 HOH A O      
473 O  O      . HOH E .  ? 0.2255 0.2581 0.2410 0.0020  0.0355  0.0345  221 HOH A O      
474 O  O      . HOH E .  ? 0.3597 0.4033 0.1711 -0.1904 -0.0942 0.1023  222 HOH A O      
475 O  O      . HOH E .  ? 0.2196 0.2458 0.2227 -0.0300 0.0428  0.0003  223 HOH A O      
476 O  O      . HOH E .  ? 0.3847 0.2741 0.2560 0.0414  0.0786  0.0199  224 HOH A O      
477 O  O      . HOH E .  ? 0.2397 0.1904 0.3782 0.0039  0.0781  0.0206  225 HOH A O      
478 O  O      . HOH E .  ? 0.4250 0.2033 0.3702 -0.0142 0.1163  -0.0227 226 HOH A O      
479 O  O      . HOH E .  ? 0.1916 0.3801 0.2838 -0.0833 0.0426  -0.1613 227 HOH A O      
480 O  O      . HOH E .  ? 0.5552 0.2731 0.5393 0.0482  0.1390  -0.1075 228 HOH A O      
481 O  O      . HOH E .  ? 0.3470 0.2391 0.2484 0.0170  -0.0080 0.0378  229 HOH A O      
482 O  O      . HOH E .  ? 0.3207 0.3416 0.6162 0.1657  0.0784  0.1894  230 HOH A O      
483 O  O      . HOH E .  ? 0.2419 0.2425 0.2705 0.0564  -0.0027 -0.0089 231 HOH A O      
484 O  O      . HOH E .  ? 0.1883 0.2121 0.2874 -0.0314 0.0710  0.0190  232 HOH A O      
485 O  O      . HOH E .  ? 0.3249 0.6029 0.3692 0.1713  -0.0563 -0.0811 233 HOH A O      
486 O  O      . HOH E .  ? 0.3513 0.1644 0.2746 0.0071  -0.0136 -0.0178 234 HOH A O      
487 O  O      . HOH E .  ? 0.2345 0.2015 0.3753 0.0058  -0.0132 0.0590  235 HOH A O      
488 O  O      . HOH E .  ? 0.1827 0.2936 0.3657 0.0115  -0.0149 -0.0087 236 HOH A O      
489 O  O      . HOH E .  ? 0.2324 0.3519 0.3366 -0.0316 -0.0344 0.1023  237 HOH A O      
490 O  O      . HOH E .  ? 0.2354 0.6183 0.3309 0.0973  0.0297  0.1972  238 HOH A O      
491 O  O      . HOH E .  ? 0.2413 0.4485 0.2765 -0.0557 -0.0390 0.1037  239 HOH A O      
492 O  O      . HOH E .  ? 0.7458 0.2464 0.3361 0.1874  0.2061  0.0328  240 HOH A O      
493 O  O      . HOH E .  ? 0.2462 0.2806 0.3037 0.0273  0.0202  0.0763  241 HOH A O      
494 O  O      . HOH E .  ? 0.6289 0.5537 0.3408 0.1464  -0.0906 -0.1649 242 HOH A O      
495 O  O      . HOH E .  ? 0.2421 0.2111 0.3152 -0.0190 -0.0301 0.0140  243 HOH A O      
496 O  O      . HOH E .  ? 0.3625 0.4208 0.2217 -0.2106 -0.0999 0.1176  244 HOH A O      
497 O  O      . HOH E .  ? 0.2860 0.3591 0.2054 -0.0131 0.0602  0.0345  245 HOH A O      
498 O  O      . HOH E .  ? 0.2620 0.3710 0.4712 0.0000  -0.0240 -0.0199 246 HOH A O      
499 O  O      A HOH E .  ? 0.1250 0.2242 0.1537 -0.0309 -0.0029 0.0158  247 HOH A O      
500 O  O      B HOH E .  ? 0.1726 0.2124 0.2218 -0.0371 0.0603  0.0123  247 HOH A O      
501 O  O      . HOH E .  ? 0.4080 0.4261 0.4510 0.1665  -0.2260 -0.1538 248 HOH A O      
502 O  O      . HOH E .  ? 0.3940 0.6183 0.4577 -0.1037 0.1446  0.0804  249 HOH A O      
503 O  O      . HOH E .  ? 0.2849 0.2717 0.6893 0.0766  0.1063  -0.0293 250 HOH A O      
504 O  O      . HOH E .  ? 0.4200 0.3738 0.3629 0.1069  -0.0166 -0.0495 251 HOH A O      
505 O  O      . HOH E .  ? 0.4514 0.5005 0.2594 -0.1366 0.0785  0.0522  252 HOH A O      
506 O  O      . HOH E .  ? 0.4005 0.2828 0.2746 0.1069  -0.0841 -0.0454 253 HOH A O      
507 O  O      . HOH E .  ? 0.4395 0.5449 0.1991 0.2461  0.0555  0.0223  254 HOH A O      
508 O  O      A HOH E .  ? 0.2025 0.2156 0.5607 0.0698  0.1552  0.1586  255 HOH A O      
509 O  O      B HOH E .  ? 0.2063 0.2269 0.5505 0.0266  0.1699  0.1289  255 HOH A O      
510 O  O      . HOH E .  ? 0.2657 0.5225 0.6138 0.0291  -0.0437 0.2533  256 HOH A O      
511 O  O      . HOH E .  ? 0.5978 0.2833 0.6413 0.1364  -0.1225 0.0340  257 HOH A O      
512 O  O      . HOH E .  ? 0.6184 0.2671 0.3730 0.0912  0.1070  0.0867  258 HOH A O      
513 O  O      . HOH E .  ? 0.3042 0.3823 0.3854 0.0867  0.0912  0.0868  259 HOH A O      
514 O  O      . HOH E .  ? 0.5288 0.4085 0.3845 0.1400  0.0820  -0.1105 260 HOH A O      
515 O  O      . HOH E .  ? 0.2932 0.3912 0.3352 0.1122  0.0317  0.0025  261 HOH A O      
516 O  O      . HOH E .  ? 0.2800 0.7969 1.4279 -0.1041 0.0290  0.5102  262 HOH A O      
517 O  O      . HOH E .  ? 0.2720 0.4266 0.5570 0.0834  -0.0930 -0.0019 263 HOH A O      
518 O  O      . HOH E .  ? 0.2359 0.3010 0.2492 0.0089  0.0118  -0.0042 264 HOH A O      
519 O  O      A HOH E .  ? 0.1304 0.2439 0.3822 -0.0039 0.0541  0.0603  265 HOH A O      
520 O  O      B HOH E .  ? 0.2060 0.2861 0.3195 -0.0473 0.0542  0.0456  265 HOH A O      
521 O  O      . HOH E .  ? 0.4698 0.2444 0.5823 0.1137  -0.0115 -0.0767 266 HOH A O      
522 O  O      . HOH E .  ? 0.3150 0.7482 0.3625 0.2176  -0.0084 0.1330  267 HOH A O      
523 O  O      . HOH E .  ? 0.3522 0.4510 0.3828 0.0118  -0.0436 -0.0725 268 HOH A O      
524 O  O      . HOH E .  ? 0.3650 0.4541 0.5688 -0.2190 0.1187  -0.1461 269 HOH A O      
525 O  O      . HOH E .  ? 0.3401 0.4082 0.5749 -0.0681 0.1070  0.0726  270 HOH A O      
526 O  O      . HOH E .  ? 0.5466 0.4827 0.2891 0.1279  0.0218  0.0821  271 HOH A O      
527 O  O      . HOH E .  ? 0.7095 0.4904 0.3179 0.0962  -0.1396 0.0212  272 HOH A O      
528 O  O      . HOH E .  ? 0.4516 0.3960 0.6333 0.0183  -0.0807 0.0063  273 HOH A O      
529 O  O      . HOH E .  ? 0.3159 0.9248 0.4172 0.1783  -0.1534 -0.2570 274 HOH A O      
530 O  O      . HOH E .  ? 0.9941 0.5595 1.3889 -0.0823 0.4422  -0.2578 275 HOH A O      
531 O  O      . HOH E .  ? 0.2269 0.9474 0.2968 -0.0813 0.0045  -0.0833 276 HOH A O      
532 O  O      . HOH E .  ? 0.2552 0.5962 0.5050 0.1790  0.0249  0.3055  277 HOH A O      
533 O  O      . HOH E .  ? 0.2195 0.5709 0.3726 0.0505  0.0813  -0.0919 278 HOH A O      
534 O  O      . HOH E .  ? 0.1305 0.2643 0.3654 0.0119  0.0279  -0.1363 279 HOH A O      
535 O  O      . HOH E .  ? 0.1005 0.1717 0.1473 0.0504  -0.0234 -0.0516 280 HOH A O      
# 
